data_6DFF
#
_entry.id   6DFF
#
_cell.length_a   1
_cell.length_b   1
_cell.length_c   1
_cell.angle_alpha   90.00
_cell.angle_beta   90.00
_cell.angle_gamma   90.00
#
_symmetry.space_group_name_H-M   'P 1'
#
loop_
_entity.id
_entity.type
_entity.pdbx_description
1 polymer 'Bone marrow stromal antigen 2, Nef protein chimera'
2 polymer 'AP-1 complex subunit beta-1'
3 polymer 'ADP-ribosylation factor 1'
4 polymer 'AP-1 complex subunit gamma-1'
5 polymer 'AP-1 complex subunit mu-1'
6 polymer 'AP-1 complex subunit sigma-3'
7 non-polymer "GUANOSINE-5'-TRIPHOSPHATE"
8 non-polymer 'MAGNESIUM ION'
#
loop_
_entity_poly.entity_id
_entity_poly.type
_entity_poly.pdbx_seq_one_letter_code
_entity_poly.pdbx_strand_id
1 'polypeptide(L)'
;MSYYHHHHHHDYDIPTTENLYFQGAMGSASTSYDYCRVPMEDGDKRCKGSDEASEGSGMGGKWSKSSVIGWPAVRERMRR
AEPAADGVGAVSRDLEKHGAITSSNTAANNAACAWLEAQEEEEVGFPVTPQVPLRPMTYKAAVDLSHFLKEKGGLEGLIH
SQRRQDILDLWIYHTQGYFPDWQNYTPGPGVRYPLTFGWCYKLVPVEPDKVEEANKGENTSLLHPVSLHGMDDPEREVLE
WRFDSRLAFHHVARELHPEYFKNC
;
L,T
2 'polypeptide(L)'
;GSMTDSKYFTTTKKGEIFELKAELNSDKKEKKKEAVKKVIASMTVGKDVSALFPDVVNCMQTDNLELKKLVYLYLMNYAK
SQPDMAIMAVNTFVKDCEDPNPLIRALAVRTMGCIRVDKITEYLCEPLRKCLKDEDPYVRKTAAVCVAKLHDINAQLVED
QGFLDTLKDLISDSNPMVVANAVAALSEIAESHPSSNLLDLNPQSINKLLTALNECTEWGQIFILDCLANYMPKDDREAQ
SICERVTPRLSHANSAVVLSAVKVLMKFMEMLSKDLDYYGTLLKKLAPPLVTLLSAEPELQYVALRNINLIVQKRPEILK
HEMKVFFVKYNDPIYVKLEKLDIMIRLASQANIAQVLAELREYATEVDVDFVRKAVRAIGRCAIKVEQSAERCVSTLLDL
IQTKVNYVVQEAIVVIKDIFRKYPNKYESVIATLCENLDSLDEPEARAAMIWIVGEYAERIDNADELLESFLEGFHDKST
QVQLQLLTAIVKLFLKKPTETQELVQQVLSLATQDSDNPDLRDRGYIYWRLLSTDPVAAKEVVLAEKPLISEETDLIEPT
LLDELICYIGTLASVYHKPPSAFVEG
;
B
3 'polypeptide(L)'
;MSYYHHHHHHDYDIPTTENLYFQGAMGSEMRILMVGLDAAGKTTILYKLKLGEIVTTIPTIGFNVETVEYKNISFTVWDV
GGLDKIRPLWRHYFQNTQGLIFVVDSNDRERVNEAREELMRMLAEDELRDAVLLVFANKQDLPNAMNAAEITDKLGLHSL
RHRNWYIQATCATSGDGLYEGLDWLSNQLRNQK
;
C,H
4 'polypeptide(L)'
;MPAPIRLRELIRTIRTARTQAEEREMIQKECAAIRSSFREEDNTYRCRNVAKLLYMHMLGYPAHFGQLECLKLIASQKFT
DKRIGYLGAMLLLDERQDVHLLMTNCIKNDLNHSTQFVQGLALCTLGCMGSSEMCRDLAGEVEKLLKTSNSYLRKKAALC
AVHVIRKVPELMEMFLPATKNLLNEKNHGVLHTSVVLLTEMCERSPDMLAHFRKLVPQLVRILKNLIMSGYSPEHDVSGI
SDPFLQVRILRLLRILGRNDDDSSEAMNDILAQVATNTETSKNVGNAILYETVLTIMDIKSESGLRVLAINILGRFLLNN
DKNIRYVALTSLLKTVQTDHNAVQRHRSTIVDCLKDLDVSIKRRAMELSFALVNGNNIRGMMKELLYFLDSCEPEFKADC
ASGIFLAAEKYAPSKRWHIDTIMRVLTTAGSYVRDDAVPNLIQLITNSVEMHAYTVQRLYKAILGDYSQQPLVQVAAWCI
GEYGDLLVSGQCEEEEPIQVTEDEVLDILESVLISNMSTSVTRGYALTAIMKLSTRFTCTVNRIKKVVSIYGSSIDVELQ
QRAVEYNALFKKYDHMRSALLERMPVMEKVTTNGPENLYFQ
;
G
5 'polypeptide(L)'
;MSASAVYVLDLKGKVLICRNYRGDVDMSEVEHFMPILMEKEEEGMLSPILAHGGVRFMWIKHNNLYLVATSKKNACVSLV
FSFLYKVVQVFSEYFKELEEESIRDNFVIIYELLDELMDFGYPQTTDSKILQEYITQEGHKLETGAPRPPATVTNAVSWR
SEGIKYRKNEVFLDVIEAVNLLVSANGNVLRSEIVGSIKMRVFLSGMPELRLGLNDKVLFDNTGRGKSKSVELEDVKFHQ
CVRLSRFENDRTISFIPPDGEFELMSYRLNTHVKPLIWIESVIEKHSHSRIEYMVKAKSQFKRRSTANNVEIHIPVPNDA
DSPKFKTTVGSVKWVPENSEIVWSVKSFPGGKEYLMRAHFGLPSVEAEDKEGKPPISVKFEIPYFTTSGIQVRYLKIIEK
SGYQALPWVRYITQNGDYQLRTQ
;
M
6 'polypeptide(L)'
;MIHFILLFSRQGKLRLQKWYITLPDKERKKITREIVQIILSRGHRTSSFVDWKELKLVYKRYASLYFCCAIENQDNELLT
LEIVHRYVELLDKYFGNVCELDIIFNFEKAYFILDEFIIGGEIQETSKKIAVKAIEDSDMLQEVSTVCQTMGER
;
S
#
loop_
_chem_comp.id
_chem_comp.type
_chem_comp.name
_chem_comp.formula
GTP non-polymer GUANOSINE-5'-TRIPHOSPHATE 'C10 H16 N5 O14 P3'
MG non-polymer 'MAGNESIUM ION' 'Mg 2'
#
# COMPACT_ATOMS: atom_id res chain seq x y z
N LYS A 216 -7.56 -12.49 22.04
CA LYS A 216 -8.03 -11.11 22.06
C LYS A 216 -6.91 -10.17 22.48
N GLY A 217 -6.21 -10.54 23.55
CA GLY A 217 -5.04 -9.80 24.00
C GLY A 217 -5.32 -8.42 24.57
N GLU A 218 -6.55 -8.13 24.94
CA GLU A 218 -6.91 -6.81 25.44
C GLU A 218 -7.34 -6.79 26.90
N ASN A 219 -7.96 -7.86 27.39
CA ASN A 219 -8.48 -7.85 28.76
C ASN A 219 -7.41 -7.92 29.83
N THR A 220 -6.14 -8.13 29.46
CA THR A 220 -5.05 -8.04 30.40
C THR A 220 -4.88 -6.61 30.88
N SER A 221 -4.78 -6.43 32.20
CA SER A 221 -4.59 -5.09 32.75
C SER A 221 -3.18 -4.59 32.45
N LEU A 222 -2.97 -3.30 32.66
CA LEU A 222 -1.78 -2.66 32.12
C LEU A 222 -0.54 -2.98 32.93
N LEU A 223 -0.52 -2.59 34.20
CA LEU A 223 0.72 -2.65 34.97
C LEU A 223 0.66 -3.60 36.17
N HIS A 224 -0.44 -4.33 36.34
CA HIS A 224 -0.63 -5.30 37.42
C HIS A 224 -0.42 -4.70 38.82
N PRO A 225 -1.35 -3.86 39.31
CA PRO A 225 -1.15 -3.18 40.59
C PRO A 225 -1.26 -4.12 41.78
N THR B 31 -37.24 -15.04 -9.31
CA THR B 31 -37.75 -14.19 -10.38
C THR B 31 -39.24 -14.44 -10.60
N SER B 32 -40.03 -13.36 -10.56
CA SER B 32 -41.46 -13.46 -10.77
C SER B 32 -41.84 -13.28 -12.24
N TYR B 33 -40.91 -13.48 -13.16
CA TYR B 33 -41.18 -13.29 -14.58
C TYR B 33 -41.57 -14.63 -15.21
N ASP B 34 -42.37 -14.55 -16.28
CA ASP B 34 -42.92 -15.73 -16.91
C ASP B 34 -42.33 -15.90 -18.29
N TYR B 35 -42.29 -17.15 -18.75
CA TYR B 35 -41.60 -17.49 -19.98
C TYR B 35 -42.53 -17.38 -21.18
N CYS B 36 -41.95 -17.59 -22.36
CA CYS B 36 -42.68 -17.71 -23.61
C CYS B 36 -42.08 -18.87 -24.38
N ARG B 37 -42.92 -19.78 -24.86
CA ARG B 37 -42.41 -20.96 -25.54
C ARG B 37 -41.98 -20.60 -26.95
N VAL B 38 -40.86 -21.18 -27.40
CA VAL B 38 -40.36 -20.95 -28.75
C VAL B 38 -40.72 -22.12 -29.66
N PRO B 39 -40.83 -21.90 -30.97
CA PRO B 39 -40.99 -23.03 -31.88
C PRO B 39 -39.73 -23.88 -31.95
N MET B 40 -39.91 -25.11 -32.41
CA MET B 40 -38.85 -26.11 -32.41
C MET B 40 -38.04 -26.09 -33.71
N GLU B 41 -38.69 -26.20 -34.86
CA GLU B 41 -37.96 -26.53 -36.08
C GLU B 41 -37.61 -25.30 -36.92
N ASP B 42 -38.52 -24.31 -36.95
CA ASP B 42 -38.47 -23.16 -37.88
C ASP B 42 -38.24 -23.62 -39.32
N GLY B 43 -39.18 -24.43 -39.82
CA GLY B 43 -39.07 -24.96 -41.17
C GLY B 43 -39.38 -23.92 -42.24
N GLU C 16 0.77 -32.68 24.75
CA GLU C 16 0.00 -31.87 23.81
C GLU C 16 -0.07 -32.60 22.47
N ILE C 17 1.08 -33.08 22.01
CA ILE C 17 1.11 -33.95 20.83
C ILE C 17 1.18 -35.42 21.21
N PHE C 18 1.45 -35.73 22.48
CA PHE C 18 1.65 -37.12 22.88
C PHE C 18 0.33 -37.87 22.93
N GLU C 19 -0.74 -37.22 23.38
CA GLU C 19 -2.06 -37.80 23.30
C GLU C 19 -2.49 -37.99 21.85
N LEU C 20 -2.10 -37.06 20.98
CA LEU C 20 -2.40 -37.18 19.56
C LEU C 20 -1.70 -38.39 18.95
N LYS C 21 -0.44 -38.61 19.30
CA LYS C 21 0.29 -39.78 18.81
C LYS C 21 -0.26 -41.08 19.39
N ALA C 22 -0.71 -41.06 20.65
CA ALA C 22 -1.25 -42.27 21.26
C ALA C 22 -2.60 -42.64 20.66
N GLU C 23 -3.44 -41.64 20.39
CA GLU C 23 -4.69 -41.90 19.68
C GLU C 23 -4.44 -42.27 18.24
N LEU C 24 -3.35 -41.79 17.66
CA LEU C 24 -2.97 -42.10 16.30
C LEU C 24 -2.44 -43.51 16.14
N ASN C 25 -1.77 -44.07 17.17
CA ASN C 25 -1.23 -45.42 17.08
C ASN C 25 -2.22 -46.45 17.60
N SER C 26 -3.51 -46.16 17.49
CA SER C 26 -4.55 -47.08 17.89
C SER C 26 -4.90 -47.99 16.72
N ASP C 27 -5.99 -48.74 16.88
CA ASP C 27 -6.43 -49.69 15.87
C ASP C 27 -7.85 -49.45 15.41
N LYS C 28 -8.57 -48.52 16.01
CA LYS C 28 -9.94 -48.21 15.64
C LYS C 28 -9.95 -47.21 14.50
N LYS C 29 -10.98 -47.30 13.65
CA LYS C 29 -11.08 -46.40 12.51
C LYS C 29 -11.38 -44.97 12.94
N GLU C 30 -12.35 -44.81 13.83
CA GLU C 30 -12.78 -43.50 14.32
C GLU C 30 -11.74 -42.80 15.18
N LYS C 31 -10.73 -43.52 15.66
CA LYS C 31 -9.65 -42.88 16.40
C LYS C 31 -8.56 -42.33 15.49
N LYS C 32 -8.05 -43.15 14.55
CA LYS C 32 -7.02 -42.67 13.64
C LYS C 32 -7.57 -41.68 12.63
N LYS C 33 -8.86 -41.77 12.31
CA LYS C 33 -9.46 -40.84 11.36
C LYS C 33 -9.60 -39.44 11.95
N GLU C 34 -10.12 -39.36 13.18
CA GLU C 34 -10.15 -38.09 13.90
C GLU C 34 -8.75 -37.62 14.25
N ALA C 35 -7.80 -38.55 14.43
CA ALA C 35 -6.42 -38.18 14.68
C ALA C 35 -5.81 -37.45 13.49
N VAL C 36 -5.93 -38.02 12.28
CA VAL C 36 -5.32 -37.37 11.13
C VAL C 36 -6.08 -36.12 10.72
N LYS C 37 -7.39 -36.05 11.01
CA LYS C 37 -8.10 -34.80 10.77
C LYS C 37 -7.63 -33.71 11.73
N LYS C 38 -7.37 -34.06 12.99
CA LYS C 38 -6.77 -33.11 13.91
C LYS C 38 -5.37 -32.71 13.48
N VAL C 39 -4.61 -33.64 12.88
CA VAL C 39 -3.25 -33.35 12.44
C VAL C 39 -3.26 -32.33 11.32
N ILE C 40 -4.02 -32.58 10.24
CA ILE C 40 -4.01 -31.62 9.15
C ILE C 40 -4.91 -30.43 9.43
N ALA C 41 -5.65 -30.44 10.54
CA ALA C 41 -6.23 -29.20 11.04
C ALA C 41 -5.17 -28.34 11.72
N SER C 42 -4.23 -28.96 12.44
CA SER C 42 -3.14 -28.21 13.02
C SER C 42 -2.14 -27.76 11.94
N MET C 43 -2.09 -28.49 10.83
CA MET C 43 -1.23 -28.07 9.73
C MET C 43 -1.80 -26.86 9.01
N THR C 44 -3.12 -26.74 9.00
CA THR C 44 -3.80 -25.64 8.30
C THR C 44 -3.53 -24.31 8.97
N VAL C 45 -3.64 -24.26 10.30
CA VAL C 45 -3.39 -23.02 11.04
C VAL C 45 -1.92 -22.65 11.11
N GLY C 46 -1.02 -23.55 10.72
CA GLY C 46 0.39 -23.21 10.67
C GLY C 46 1.12 -23.56 11.95
N LYS C 47 0.96 -24.80 12.42
CA LYS C 47 1.67 -25.30 13.57
C LYS C 47 2.74 -26.28 13.10
N ASP C 48 3.85 -26.31 13.82
CA ASP C 48 5.00 -27.13 13.44
C ASP C 48 4.68 -28.59 13.78
N VAL C 49 3.96 -29.23 12.86
CA VAL C 49 3.55 -30.61 13.03
C VAL C 49 4.53 -31.55 12.32
N SER C 50 5.69 -31.03 11.90
CA SER C 50 6.68 -31.82 11.17
C SER C 50 7.30 -32.92 12.01
N ALA C 51 7.31 -32.77 13.34
CA ALA C 51 7.91 -33.78 14.19
C ALA C 51 7.05 -35.02 14.33
N LEU C 52 5.77 -34.96 13.98
CA LEU C 52 4.88 -36.11 14.05
C LEU C 52 4.82 -36.88 12.75
N PHE C 53 5.90 -36.86 11.96
CA PHE C 53 5.86 -37.48 10.63
C PHE C 53 5.70 -39.00 10.64
N PRO C 54 6.59 -39.79 11.26
CA PRO C 54 6.53 -41.25 11.01
C PRO C 54 5.39 -41.98 11.70
N ASP C 55 4.50 -41.27 12.40
CA ASP C 55 3.35 -41.90 13.03
C ASP C 55 2.09 -41.85 12.20
N VAL C 56 1.96 -40.91 11.27
CA VAL C 56 0.85 -40.96 10.33
C VAL C 56 1.15 -41.90 9.17
N VAL C 57 2.44 -42.22 8.95
CA VAL C 57 2.81 -43.12 7.87
C VAL C 57 2.40 -44.55 8.20
N ASN C 58 2.39 -44.90 9.48
CA ASN C 58 1.94 -46.23 9.89
C ASN C 58 0.45 -46.40 9.64
N CYS C 59 -0.36 -45.40 9.99
CA CYS C 59 -1.79 -45.43 9.71
C CYS C 59 -2.10 -44.73 8.39
N MET C 60 -1.55 -45.30 7.33
CA MET C 60 -1.77 -44.84 5.97
C MET C 60 -2.45 -45.88 5.11
N GLN C 61 -2.05 -47.15 5.21
CA GLN C 61 -2.62 -48.21 4.39
C GLN C 61 -4.02 -48.54 4.94
N THR C 62 -5.01 -47.81 4.42
CA THR C 62 -6.41 -48.06 4.72
C THR C 62 -7.18 -48.24 3.43
N ASP C 63 -8.33 -48.92 3.53
CA ASP C 63 -9.24 -48.98 2.39
C ASP C 63 -10.12 -47.75 2.30
N ASN C 64 -10.23 -46.98 3.38
CA ASN C 64 -10.97 -45.73 3.35
C ASN C 64 -10.22 -44.72 2.50
N LEU C 65 -10.94 -44.07 1.60
CA LEU C 65 -10.33 -43.18 0.63
C LEU C 65 -10.40 -41.73 1.01
N GLU C 66 -11.40 -41.33 1.80
CA GLU C 66 -11.46 -39.97 2.35
C GLU C 66 -10.34 -39.71 3.35
N LEU C 67 -9.75 -40.77 3.91
CA LEU C 67 -8.61 -40.64 4.82
C LEU C 67 -7.27 -40.58 4.11
N LYS C 68 -7.11 -41.32 3.00
CA LYS C 68 -5.79 -41.41 2.38
C LYS C 68 -5.41 -40.13 1.66
N LYS C 69 -6.40 -39.32 1.28
CA LYS C 69 -6.11 -38.02 0.70
C LYS C 69 -5.43 -37.11 1.72
N LEU C 70 -5.84 -37.22 2.98
CA LEU C 70 -5.23 -36.44 4.05
C LEU C 70 -3.81 -36.90 4.33
N VAL C 71 -3.57 -38.21 4.26
CA VAL C 71 -2.24 -38.72 4.54
C VAL C 71 -1.31 -38.39 3.38
N TYR C 72 -1.81 -38.43 2.15
CA TYR C 72 -1.03 -38.00 1.00
C TYR C 72 -0.74 -36.51 1.07
N LEU C 73 -1.70 -35.74 1.59
CA LEU C 73 -1.48 -34.32 1.83
C LEU C 73 -0.36 -34.10 2.84
N TYR C 74 -0.32 -34.91 3.89
CA TYR C 74 0.74 -34.77 4.88
C TYR C 74 2.07 -35.21 4.31
N LEU C 75 2.07 -36.23 3.46
CA LEU C 75 3.30 -36.69 2.83
C LEU C 75 3.80 -35.69 1.80
N MET C 76 2.90 -34.88 1.25
CA MET C 76 3.30 -33.89 0.27
C MET C 76 3.79 -32.61 0.93
N ASN C 77 3.15 -32.20 2.03
CA ASN C 77 3.58 -30.96 2.67
C ASN C 77 4.77 -31.18 3.61
N TYR C 78 5.02 -32.42 4.01
CA TYR C 78 6.15 -32.66 4.92
C TYR C 78 7.06 -33.79 4.49
N ALA C 79 7.53 -33.77 3.24
CA ALA C 79 8.66 -34.58 2.84
C ALA C 79 9.90 -33.75 2.59
N LYS C 80 9.74 -32.46 2.31
CA LYS C 80 10.87 -31.55 2.22
C LYS C 80 11.56 -31.38 3.56
N SER C 81 10.79 -31.20 4.63
CA SER C 81 11.37 -30.96 5.94
C SER C 81 11.92 -32.21 6.60
N GLN C 82 11.40 -33.40 6.26
CA GLN C 82 11.89 -34.66 6.80
C GLN C 82 12.35 -35.55 5.66
N PRO C 83 13.53 -35.29 5.09
CA PRO C 83 13.94 -36.03 3.89
C PRO C 83 14.33 -37.48 4.17
N ASP C 84 15.00 -37.73 5.30
CA ASP C 84 15.43 -39.09 5.61
C ASP C 84 14.30 -39.95 6.15
N MET C 85 13.25 -39.33 6.70
CA MET C 85 12.17 -40.11 7.28
C MET C 85 11.18 -40.58 6.23
N ALA C 86 11.21 -39.99 5.03
CA ALA C 86 10.22 -40.26 4.01
C ALA C 86 10.54 -41.47 3.14
N ILE C 87 11.54 -42.27 3.51
CA ILE C 87 11.88 -43.47 2.74
C ILE C 87 10.89 -44.59 3.00
N MET C 88 10.05 -44.47 4.03
CA MET C 88 9.06 -45.49 4.38
C MET C 88 7.74 -45.30 3.66
N ALA C 89 7.75 -44.73 2.46
CA ALA C 89 6.50 -44.59 1.73
C ALA C 89 6.51 -45.25 0.35
N VAL C 90 7.67 -45.64 -0.18
CA VAL C 90 7.80 -46.04 -1.59
C VAL C 90 7.04 -47.34 -1.85
N ASN C 91 7.11 -48.28 -0.91
CA ASN C 91 6.40 -49.55 -1.04
C ASN C 91 4.89 -49.33 -1.07
N THR C 92 4.41 -48.37 -0.30
CA THR C 92 2.98 -48.08 -0.28
C THR C 92 2.50 -47.45 -1.58
N PHE C 93 3.31 -46.59 -2.19
CA PHE C 93 2.92 -46.01 -3.47
C PHE C 93 2.98 -47.05 -4.59
N VAL C 94 4.02 -47.90 -4.60
CA VAL C 94 4.08 -48.92 -5.64
C VAL C 94 3.10 -50.06 -5.37
N LYS C 95 2.52 -50.12 -4.19
CA LYS C 95 1.39 -50.99 -3.93
C LYS C 95 0.08 -50.37 -4.42
N ASP C 96 -0.11 -49.07 -4.16
CA ASP C 96 -1.30 -48.38 -4.59
C ASP C 96 -1.38 -48.16 -6.09
N CYS C 97 -0.25 -48.21 -6.80
CA CYS C 97 -0.26 -48.07 -8.26
C CYS C 97 -0.54 -49.38 -8.98
N GLU C 98 -1.15 -50.36 -8.31
CA GLU C 98 -1.64 -51.57 -8.95
C GLU C 98 -3.07 -51.89 -8.53
N ASP C 99 -3.74 -51.01 -7.82
CA ASP C 99 -5.08 -51.24 -7.30
C ASP C 99 -6.10 -51.10 -8.42
N PRO C 100 -7.19 -51.87 -8.38
CA PRO C 100 -8.21 -51.77 -9.45
C PRO C 100 -8.96 -50.45 -9.47
N ASN C 101 -8.99 -49.71 -8.37
CA ASN C 101 -9.62 -48.40 -8.38
C ASN C 101 -8.71 -47.42 -9.09
N PRO C 102 -9.13 -46.82 -10.21
CA PRO C 102 -8.22 -45.90 -10.91
C PRO C 102 -8.02 -44.58 -10.20
N LEU C 103 -8.97 -44.18 -9.36
CA LEU C 103 -8.84 -42.93 -8.61
C LEU C 103 -7.69 -43.01 -7.63
N ILE C 104 -7.53 -44.13 -6.93
CA ILE C 104 -6.46 -44.23 -5.96
C ILE C 104 -5.12 -44.40 -6.65
N ARG C 105 -5.11 -44.98 -7.86
CA ARG C 105 -3.87 -45.02 -8.64
C ARG C 105 -3.43 -43.64 -9.07
N ALA C 106 -4.34 -42.84 -9.62
CA ALA C 106 -3.95 -41.49 -10.05
C ALA C 106 -3.68 -40.58 -8.87
N LEU C 107 -4.34 -40.84 -7.73
CA LEU C 107 -4.03 -40.11 -6.51
C LEU C 107 -2.62 -40.40 -6.03
N ALA C 108 -2.24 -41.68 -6.04
CA ALA C 108 -0.88 -42.05 -5.68
C ALA C 108 0.13 -41.49 -6.67
N VAL C 109 -0.23 -41.44 -7.95
CA VAL C 109 0.70 -40.97 -8.98
C VAL C 109 0.93 -39.47 -8.87
N ARG C 110 -0.14 -38.68 -8.70
CA ARG C 110 0.09 -37.25 -8.49
C ARG C 110 0.63 -36.95 -7.10
N THR C 111 0.60 -37.90 -6.18
CA THR C 111 1.33 -37.73 -4.93
C THR C 111 2.81 -38.05 -5.10
N MET C 112 3.15 -38.93 -6.03
CA MET C 112 4.54 -39.38 -6.24
C MET C 112 5.46 -38.23 -6.64
N GLY C 113 5.09 -37.46 -7.65
CA GLY C 113 6.00 -36.49 -8.21
C GLY C 113 6.20 -35.27 -7.34
N CYS C 114 5.23 -34.95 -6.49
CA CYS C 114 5.34 -33.75 -5.69
C CYS C 114 6.24 -33.95 -4.48
N ILE C 115 6.55 -35.19 -4.13
CA ILE C 115 7.50 -35.48 -3.05
C ILE C 115 8.89 -35.11 -3.57
N ARG C 116 9.44 -34.00 -3.07
CA ARG C 116 10.70 -33.47 -3.58
C ARG C 116 11.83 -33.96 -2.69
N VAL C 117 12.16 -35.24 -2.84
CA VAL C 117 13.34 -35.82 -2.22
C VAL C 117 14.10 -36.55 -3.32
N ASP C 118 15.39 -36.23 -3.46
CA ASP C 118 16.23 -36.81 -4.50
C ASP C 118 16.49 -38.30 -4.29
N LYS C 119 16.45 -38.76 -3.04
CA LYS C 119 16.76 -40.16 -2.72
C LYS C 119 15.59 -41.09 -2.97
N ILE C 120 14.43 -40.56 -3.35
CA ILE C 120 13.22 -41.34 -3.49
C ILE C 120 12.88 -41.60 -4.96
N THR C 121 13.23 -40.66 -5.84
CA THR C 121 12.83 -40.71 -7.23
C THR C 121 13.46 -41.85 -8.02
N GLU C 122 14.53 -42.46 -7.48
CA GLU C 122 15.20 -43.54 -8.20
C GLU C 122 14.39 -44.83 -8.13
N TYR C 123 13.48 -44.95 -7.17
CA TYR C 123 12.67 -46.15 -7.04
C TYR C 123 11.31 -46.02 -7.71
N LEU C 124 10.88 -44.80 -7.99
CA LEU C 124 9.54 -44.51 -8.46
C LEU C 124 9.42 -44.57 -9.98
N CYS C 125 10.53 -44.84 -10.68
CA CYS C 125 10.52 -44.82 -12.14
C CYS C 125 9.77 -46.01 -12.74
N GLU C 126 9.67 -47.13 -12.02
CA GLU C 126 8.97 -48.28 -12.58
C GLU C 126 7.45 -48.17 -12.55
N PRO C 127 6.76 -47.82 -11.44
CA PRO C 127 5.30 -47.73 -11.52
C PRO C 127 4.80 -46.58 -12.38
N LEU C 128 5.58 -45.49 -12.48
CA LEU C 128 5.21 -44.43 -13.41
C LEU C 128 5.35 -44.90 -14.86
N ARG C 129 6.37 -45.71 -15.13
CA ARG C 129 6.52 -46.32 -16.45
C ARG C 129 5.36 -47.25 -16.76
N LYS C 130 4.86 -47.96 -15.77
CA LYS C 130 3.70 -48.82 -15.99
C LYS C 130 2.44 -48.01 -16.21
N CYS C 131 2.22 -46.97 -15.39
CA CYS C 131 1.02 -46.16 -15.48
C CYS C 131 0.97 -45.29 -16.72
N LEU C 132 2.10 -44.99 -17.35
CA LEU C 132 2.05 -44.39 -18.68
C LEU C 132 1.48 -45.35 -19.71
N LYS C 133 1.68 -46.65 -19.53
CA LYS C 133 1.14 -47.65 -20.45
C LYS C 133 -0.17 -48.24 -19.94
N ASP C 134 -0.88 -47.52 -19.08
CA ASP C 134 -2.15 -48.01 -18.54
C ASP C 134 -3.24 -47.87 -19.60
N GLU C 135 -4.39 -48.49 -19.35
CA GLU C 135 -5.52 -48.40 -20.27
C GLU C 135 -6.46 -47.26 -19.88
N ASP C 136 -6.76 -47.14 -18.60
CA ASP C 136 -7.76 -46.19 -18.13
C ASP C 136 -7.21 -44.78 -18.19
N PRO C 137 -7.79 -43.86 -18.99
CA PRO C 137 -7.09 -42.63 -19.35
C PRO C 137 -6.95 -41.59 -18.25
N TYR C 138 -7.67 -41.76 -17.14
CA TYR C 138 -7.55 -40.83 -16.01
C TYR C 138 -6.16 -40.89 -15.40
N VAL C 139 -5.68 -42.10 -15.11
CA VAL C 139 -4.35 -42.24 -14.55
C VAL C 139 -3.28 -41.94 -15.59
N ARG C 140 -3.60 -42.04 -16.90
CA ARG C 140 -2.64 -41.63 -17.91
C ARG C 140 -2.51 -40.11 -17.96
N LYS C 141 -3.63 -39.37 -17.87
CA LYS C 141 -3.50 -37.92 -17.88
C LYS C 141 -2.95 -37.39 -16.58
N THR C 142 -2.98 -38.19 -15.51
CA THR C 142 -2.24 -37.83 -14.31
C THR C 142 -0.74 -38.11 -14.47
N ALA C 143 -0.41 -39.29 -15.01
CA ALA C 143 0.98 -39.72 -15.09
C ALA C 143 1.77 -38.92 -16.10
N ALA C 144 1.11 -38.38 -17.13
CA ALA C 144 1.80 -37.54 -18.10
C ALA C 144 2.31 -36.27 -17.44
N VAL C 145 1.53 -35.68 -16.53
CA VAL C 145 2.00 -34.52 -15.79
C VAL C 145 3.01 -34.96 -14.74
N CYS C 146 2.86 -36.16 -14.20
CA CYS C 146 3.81 -36.67 -13.21
C CYS C 146 5.20 -36.88 -13.79
N VAL C 147 5.28 -37.16 -15.10
CA VAL C 147 6.57 -37.21 -15.79
C VAL C 147 7.26 -35.85 -15.72
N ALA C 148 6.51 -34.77 -15.91
CA ALA C 148 7.08 -33.44 -15.80
C ALA C 148 7.44 -33.11 -14.35
N LYS C 149 6.65 -33.61 -13.40
CA LYS C 149 7.00 -33.48 -11.98
C LYS C 149 8.33 -34.15 -11.68
N LEU C 150 8.57 -35.31 -12.28
CA LEU C 150 9.80 -36.05 -12.05
C LEU C 150 10.98 -35.39 -12.77
N HIS C 151 10.71 -34.77 -13.92
CA HIS C 151 11.76 -34.06 -14.64
C HIS C 151 12.13 -32.75 -13.96
N ASP C 152 11.22 -32.19 -13.17
CA ASP C 152 11.57 -31.02 -12.36
C ASP C 152 12.60 -31.37 -11.29
N ILE C 153 12.52 -32.58 -10.73
CA ILE C 153 13.42 -32.97 -9.66
C ILE C 153 14.79 -33.34 -10.22
N ASN C 154 14.84 -34.35 -11.09
CA ASN C 154 16.08 -34.78 -11.70
C ASN C 154 15.84 -34.93 -13.19
N ALA C 155 16.42 -34.02 -13.98
CA ALA C 155 16.15 -33.99 -15.41
C ALA C 155 16.85 -35.14 -16.14
N GLN C 156 18.11 -35.38 -15.80
CA GLN C 156 18.87 -36.44 -16.46
C GLN C 156 18.40 -37.84 -16.09
N LEU C 157 17.73 -38.00 -14.94
CA LEU C 157 17.17 -39.29 -14.57
C LEU C 157 16.05 -39.70 -15.50
N VAL C 158 15.21 -38.75 -15.91
CA VAL C 158 14.09 -39.06 -16.79
C VAL C 158 14.60 -39.36 -18.20
N GLU C 159 15.65 -38.65 -18.62
CA GLU C 159 16.28 -38.94 -19.91
C GLU C 159 16.98 -40.29 -19.89
N ASP C 160 17.56 -40.67 -18.76
CA ASP C 160 18.20 -41.97 -18.63
C ASP C 160 17.17 -43.10 -18.63
N GLN C 161 16.04 -42.87 -17.97
CA GLN C 161 14.95 -43.84 -17.98
C GLN C 161 14.20 -43.86 -19.31
N GLY C 162 14.34 -42.82 -20.12
CA GLY C 162 13.70 -42.79 -21.42
C GLY C 162 12.19 -42.68 -21.36
N PHE C 163 11.70 -41.72 -20.58
CA PHE C 163 10.27 -41.44 -20.54
C PHE C 163 9.81 -40.52 -21.67
N LEU C 164 10.71 -39.67 -22.18
CA LEU C 164 10.33 -38.69 -23.18
C LEU C 164 9.92 -39.35 -24.49
N ASP C 165 10.60 -40.42 -24.88
CA ASP C 165 10.22 -41.14 -26.09
C ASP C 165 8.91 -41.89 -25.89
N THR C 166 8.63 -42.30 -24.65
CA THR C 166 7.30 -42.81 -24.35
C THR C 166 6.29 -41.69 -24.20
N LEU C 167 6.72 -40.50 -23.78
CA LEU C 167 5.80 -39.39 -23.58
C LEU C 167 5.30 -38.86 -24.91
N LYS C 168 6.16 -38.87 -25.93
CA LYS C 168 5.76 -38.42 -27.27
C LYS C 168 4.76 -39.35 -27.92
N ASP C 169 4.64 -40.58 -27.45
CA ASP C 169 3.68 -41.53 -27.99
C ASP C 169 2.26 -41.29 -27.50
N LEU C 170 2.11 -40.54 -26.39
CA LEU C 170 0.77 -40.16 -25.96
C LEU C 170 0.25 -38.95 -26.74
N ILE C 171 1.15 -38.24 -27.42
CA ILE C 171 0.70 -37.16 -28.30
C ILE C 171 -0.03 -37.74 -29.50
N SER C 172 0.42 -38.89 -29.98
CA SER C 172 -0.24 -39.59 -31.07
C SER C 172 -1.39 -40.49 -30.59
N ASP C 173 -1.89 -40.29 -29.37
CA ASP C 173 -2.97 -41.08 -28.81
C ASP C 173 -4.29 -40.38 -29.13
N SER C 174 -5.39 -41.12 -28.96
CA SER C 174 -6.73 -40.56 -28.97
C SER C 174 -7.07 -40.09 -27.56
N ASN C 175 -8.36 -39.78 -27.34
CA ASN C 175 -8.95 -39.29 -26.10
C ASN C 175 -8.21 -38.06 -25.61
N PRO C 176 -8.47 -36.89 -26.21
CA PRO C 176 -7.46 -35.81 -26.28
C PRO C 176 -7.07 -35.16 -24.96
N MET C 177 -7.61 -35.58 -23.81
CA MET C 177 -7.15 -34.99 -22.56
C MET C 177 -5.77 -35.46 -22.17
N VAL C 178 -5.48 -36.75 -22.41
CA VAL C 178 -4.12 -37.26 -22.25
C VAL C 178 -3.18 -36.57 -23.23
N VAL C 179 -3.69 -36.27 -24.43
CA VAL C 179 -2.92 -35.52 -25.42
C VAL C 179 -2.59 -34.13 -24.92
N ALA C 180 -3.57 -33.47 -24.30
CA ALA C 180 -3.37 -32.11 -23.83
C ALA C 180 -2.40 -32.05 -22.66
N ASN C 181 -2.54 -32.97 -21.71
CA ASN C 181 -1.60 -33.01 -20.58
C ASN C 181 -0.21 -33.43 -21.03
N ALA C 182 -0.11 -34.28 -22.05
CA ALA C 182 1.20 -34.69 -22.54
C ALA C 182 1.89 -33.57 -23.29
N VAL C 183 1.13 -32.79 -24.07
CA VAL C 183 1.68 -31.63 -24.73
C VAL C 183 2.11 -30.57 -23.71
N ALA C 184 1.34 -30.42 -22.63
CA ALA C 184 1.71 -29.50 -21.56
C ALA C 184 3.01 -29.93 -20.88
N ALA C 185 3.13 -31.22 -20.58
CA ALA C 185 4.33 -31.71 -19.93
C ALA C 185 5.53 -31.67 -20.86
N LEU C 186 5.32 -31.90 -22.16
CA LEU C 186 6.43 -31.85 -23.10
C LEU C 186 6.90 -30.42 -23.31
N SER C 187 5.97 -29.46 -23.30
CA SER C 187 6.37 -28.07 -23.39
C SER C 187 7.01 -27.60 -22.11
N GLU C 188 6.68 -28.24 -20.99
CA GLU C 188 7.38 -27.95 -19.74
C GLU C 188 8.81 -28.47 -19.76
N ILE C 189 9.01 -29.68 -20.27
CA ILE C 189 10.35 -30.27 -20.28
C ILE C 189 11.23 -29.61 -21.33
N ALA C 190 10.68 -29.34 -22.52
CA ALA C 190 11.46 -28.73 -23.60
C ALA C 190 11.83 -27.28 -23.30
N GLU C 191 11.16 -26.65 -22.33
CA GLU C 191 11.61 -25.35 -21.84
C GLU C 191 12.84 -25.51 -20.94
N SER C 192 12.93 -26.64 -20.23
CA SER C 192 14.06 -26.87 -19.34
C SER C 192 15.31 -27.30 -20.10
N HIS C 193 15.14 -27.90 -21.27
CA HIS C 193 16.28 -28.28 -22.09
C HIS C 193 16.94 -27.05 -22.70
N PRO C 194 18.20 -27.16 -23.16
CA PRO C 194 18.85 -26.06 -23.90
C PRO C 194 18.47 -25.98 -25.37
N SER C 195 17.31 -26.58 -25.72
CA SER C 195 16.73 -26.71 -27.06
C SER C 195 17.51 -27.66 -27.95
N SER C 196 18.31 -28.54 -27.34
CA SER C 196 18.88 -29.66 -28.06
C SER C 196 17.80 -30.71 -28.26
N ASN C 197 17.66 -31.19 -29.50
CA ASN C 197 16.60 -32.10 -29.94
C ASN C 197 15.22 -31.51 -29.62
N LEU C 198 14.92 -30.41 -30.32
CA LEU C 198 13.69 -29.68 -30.11
C LEU C 198 12.48 -30.54 -30.46
N LEU C 199 11.51 -30.57 -29.55
CA LEU C 199 10.44 -31.56 -29.56
C LEU C 199 9.25 -31.14 -30.42
N ASP C 200 9.39 -30.08 -31.23
CA ASP C 200 8.36 -29.72 -32.17
C ASP C 200 8.27 -30.77 -33.28
N LEU C 201 7.11 -30.87 -33.90
CA LEU C 201 6.81 -32.02 -34.73
C LEU C 201 6.47 -31.56 -36.14
N ASN C 202 6.24 -32.54 -37.00
CA ASN C 202 5.90 -32.34 -38.40
C ASN C 202 4.53 -31.68 -38.53
N PRO C 203 4.19 -31.14 -39.71
CA PRO C 203 2.83 -30.62 -39.90
C PRO C 203 1.73 -31.65 -39.76
N GLN C 204 2.01 -32.95 -39.91
CA GLN C 204 0.95 -33.95 -39.76
C GLN C 204 0.52 -34.11 -38.31
N SER C 205 1.47 -34.03 -37.37
CA SER C 205 1.09 -34.02 -35.96
C SER C 205 0.35 -32.74 -35.60
N ILE C 206 0.67 -31.63 -36.28
CA ILE C 206 -0.07 -30.40 -36.05
C ILE C 206 -1.48 -30.52 -36.61
N ASN C 207 -1.66 -31.24 -37.72
CA ASN C 207 -3.00 -31.58 -38.19
C ASN C 207 -3.74 -32.43 -37.18
N LYS C 208 -3.03 -33.35 -36.51
CA LYS C 208 -3.65 -34.16 -35.47
C LYS C 208 -4.10 -33.32 -34.29
N LEU C 209 -3.22 -32.45 -33.78
CA LEU C 209 -3.54 -31.62 -32.62
C LEU C 209 -4.62 -30.60 -32.95
N LEU C 210 -4.64 -30.08 -34.17
CA LEU C 210 -5.73 -29.21 -34.60
C LEU C 210 -7.03 -29.98 -34.76
N THR C 211 -6.98 -31.26 -35.10
CA THR C 211 -8.17 -32.09 -35.03
C THR C 211 -8.38 -32.68 -33.64
N ALA C 212 -7.45 -32.45 -32.72
CA ALA C 212 -7.66 -32.76 -31.31
C ALA C 212 -7.96 -31.52 -30.48
N LEU C 213 -7.83 -30.34 -31.09
CA LEU C 213 -8.15 -29.10 -30.40
C LEU C 213 -9.65 -28.93 -30.17
N ASN C 214 -10.46 -29.42 -31.09
CA ASN C 214 -11.91 -29.24 -31.02
C ASN C 214 -12.60 -30.25 -30.12
N GLU C 215 -11.84 -31.06 -29.40
CA GLU C 215 -12.41 -32.14 -28.59
C GLU C 215 -11.97 -32.13 -27.14
N CYS C 216 -10.82 -31.54 -26.81
CA CYS C 216 -10.33 -31.58 -25.44
C CYS C 216 -11.06 -30.55 -24.58
N THR C 217 -10.63 -30.44 -23.32
CA THR C 217 -11.30 -29.56 -22.37
C THR C 217 -10.91 -28.11 -22.63
N GLU C 218 -11.55 -27.20 -21.89
CA GLU C 218 -11.28 -25.77 -22.06
C GLU C 218 -9.89 -25.39 -21.56
N TRP C 219 -9.32 -26.17 -20.66
CA TRP C 219 -7.98 -25.87 -20.18
C TRP C 219 -6.89 -26.48 -21.03
N GLY C 220 -7.16 -27.64 -21.64
CA GLY C 220 -6.18 -28.25 -22.52
C GLY C 220 -5.97 -27.47 -23.80
N GLN C 221 -6.97 -26.71 -24.22
CA GLN C 221 -6.85 -25.85 -25.39
C GLN C 221 -5.80 -24.77 -25.21
N ILE C 222 -5.53 -24.34 -23.97
CA ILE C 222 -4.43 -23.41 -23.77
C ILE C 222 -3.10 -24.12 -23.95
N PHE C 223 -3.00 -25.36 -23.48
CA PHE C 223 -1.72 -26.06 -23.53
C PHE C 223 -1.37 -26.50 -24.94
N ILE C 224 -2.36 -26.85 -25.75
CA ILE C 224 -2.02 -27.27 -27.11
C ILE C 224 -2.14 -26.09 -28.07
N LEU C 225 -2.18 -24.88 -27.52
CA LEU C 225 -1.86 -23.68 -28.26
C LEU C 225 -0.54 -23.07 -27.82
N ASP C 226 -0.11 -23.31 -26.58
CA ASP C 226 1.21 -22.86 -26.15
C ASP C 226 2.34 -23.66 -26.75
N CYS C 227 2.05 -24.84 -27.32
CA CYS C 227 3.06 -25.55 -28.08
C CYS C 227 3.15 -25.02 -29.49
N LEU C 228 2.06 -24.48 -30.01
CA LEU C 228 2.07 -23.84 -31.33
C LEU C 228 2.74 -22.47 -31.31
N ALA C 229 3.13 -21.96 -30.14
CA ALA C 229 3.98 -20.79 -30.07
C ALA C 229 5.45 -21.12 -30.28
N ASN C 230 5.78 -22.38 -30.53
CA ASN C 230 7.15 -22.76 -30.84
C ASN C 230 7.33 -23.18 -32.28
N TYR C 231 6.30 -23.73 -32.90
CA TYR C 231 6.37 -24.10 -34.31
C TYR C 231 6.34 -22.84 -35.17
N MET C 232 7.02 -22.91 -36.32
CA MET C 232 6.96 -21.88 -37.32
C MET C 232 6.80 -22.58 -38.66
N PRO C 233 5.76 -22.25 -39.43
CA PRO C 233 5.58 -22.89 -40.73
C PRO C 233 6.55 -22.32 -41.76
N LYS C 234 6.60 -22.99 -42.91
CA LYS C 234 7.49 -22.59 -43.99
C LYS C 234 6.74 -22.23 -45.25
N ASP C 235 5.41 -22.33 -45.25
CA ASP C 235 4.63 -22.05 -46.45
C ASP C 235 3.53 -21.04 -46.16
N ASP C 236 2.93 -20.51 -47.22
CA ASP C 236 1.86 -19.52 -47.13
C ASP C 236 0.48 -20.18 -47.12
N ARG C 237 0.31 -21.26 -47.88
CA ARG C 237 -0.95 -22.00 -47.84
C ARG C 237 -1.05 -22.85 -46.58
N GLU C 238 0.09 -23.32 -46.08
CA GLU C 238 0.11 -24.11 -44.85
C GLU C 238 -0.31 -23.27 -43.64
N ALA C 239 0.28 -22.08 -43.51
CA ALA C 239 -0.02 -21.21 -42.38
C ALA C 239 -1.47 -20.72 -42.42
N GLN C 240 -1.99 -20.43 -43.62
CA GLN C 240 -3.40 -20.12 -43.74
C GLN C 240 -4.27 -21.33 -43.40
N SER C 241 -3.83 -22.53 -43.79
CA SER C 241 -4.58 -23.74 -43.55
C SER C 241 -4.68 -24.08 -42.06
N ILE C 242 -3.68 -23.70 -41.27
CA ILE C 242 -3.80 -23.92 -39.83
C ILE C 242 -4.41 -22.71 -39.10
N CYS C 243 -4.26 -21.49 -39.63
CA CYS C 243 -4.92 -20.36 -39.01
C CYS C 243 -6.42 -20.40 -39.21
N GLU C 244 -6.90 -21.02 -40.29
CA GLU C 244 -8.34 -21.15 -40.48
C GLU C 244 -8.98 -22.17 -39.55
N ARG C 245 -8.18 -22.95 -38.82
CA ARG C 245 -8.69 -23.79 -37.75
C ARG C 245 -8.34 -23.28 -36.37
N VAL C 246 -7.33 -22.43 -36.24
CA VAL C 246 -7.08 -21.78 -34.95
C VAL C 246 -8.06 -20.65 -34.71
N THR C 247 -8.38 -19.87 -35.74
CA THR C 247 -9.31 -18.75 -35.65
C THR C 247 -10.68 -19.02 -35.01
N PRO C 248 -11.35 -20.20 -35.17
CA PRO C 248 -12.58 -20.42 -34.38
C PRO C 248 -12.40 -20.51 -32.88
N ARG C 249 -11.18 -20.61 -32.37
CA ARG C 249 -10.97 -20.53 -30.93
C ARG C 249 -11.15 -19.12 -30.39
N LEU C 250 -11.26 -18.11 -31.23
CA LEU C 250 -11.42 -16.74 -30.77
C LEU C 250 -12.81 -16.45 -30.23
N SER C 251 -13.75 -17.39 -30.33
CA SER C 251 -15.11 -17.13 -29.88
C SER C 251 -15.42 -17.98 -28.67
N HIS C 252 -14.47 -18.07 -27.75
CA HIS C 252 -14.58 -18.93 -26.58
C HIS C 252 -14.77 -18.07 -25.34
N ALA C 253 -15.37 -18.64 -24.30
CA ALA C 253 -15.64 -17.84 -23.10
C ALA C 253 -14.39 -17.59 -22.29
N ASN C 254 -13.52 -18.58 -22.17
CA ASN C 254 -12.40 -18.51 -21.25
C ASN C 254 -11.36 -17.56 -21.82
N SER C 255 -11.08 -16.47 -21.11
CA SER C 255 -10.27 -15.39 -21.64
C SER C 255 -8.80 -15.73 -21.74
N ALA C 256 -8.36 -16.86 -21.21
CA ALA C 256 -7.01 -17.33 -21.48
C ALA C 256 -6.92 -18.14 -22.76
N VAL C 257 -8.02 -18.77 -23.18
CA VAL C 257 -8.03 -19.48 -24.45
C VAL C 257 -7.96 -18.49 -25.61
N VAL C 258 -8.76 -17.43 -25.53
CA VAL C 258 -8.82 -16.40 -26.57
C VAL C 258 -7.49 -15.69 -26.68
N LEU C 259 -6.83 -15.47 -25.55
CA LEU C 259 -5.55 -14.78 -25.56
C LEU C 259 -4.45 -15.64 -26.14
N SER C 260 -4.47 -16.94 -25.89
CA SER C 260 -3.48 -17.80 -26.49
C SER C 260 -3.73 -18.00 -27.98
N ALA C 261 -4.99 -17.99 -28.40
CA ALA C 261 -5.29 -18.02 -29.83
C ALA C 261 -4.84 -16.75 -30.52
N VAL C 262 -4.98 -15.61 -29.85
CA VAL C 262 -4.42 -14.36 -30.35
C VAL C 262 -2.90 -14.42 -30.40
N LYS C 263 -2.28 -15.12 -29.45
CA LYS C 263 -0.82 -15.27 -29.45
C LYS C 263 -0.34 -16.06 -30.66
N VAL C 264 -0.99 -17.20 -30.96
CA VAL C 264 -0.53 -17.95 -32.11
C VAL C 264 -0.96 -17.31 -33.42
N LEU C 265 -2.05 -16.53 -33.44
CA LEU C 265 -2.38 -15.81 -34.66
C LEU C 265 -1.40 -14.67 -34.94
N MET C 266 -1.04 -13.92 -33.90
CA MET C 266 -0.03 -12.88 -34.06
C MET C 266 1.34 -13.46 -34.40
N LYS C 267 1.62 -14.70 -33.99
CA LYS C 267 2.87 -15.31 -34.43
C LYS C 267 2.78 -15.76 -35.89
N PHE C 268 1.67 -16.36 -36.28
CA PHE C 268 1.56 -17.00 -37.59
C PHE C 268 1.10 -16.07 -38.70
N MET C 269 0.70 -14.85 -38.40
CA MET C 269 0.43 -13.87 -39.43
C MET C 269 1.71 -13.24 -39.97
N GLU C 270 2.85 -13.56 -39.38
CA GLU C 270 4.15 -13.10 -39.87
C GLU C 270 4.65 -13.92 -41.04
N MET C 271 3.93 -14.97 -41.42
CA MET C 271 4.28 -15.80 -42.57
C MET C 271 3.41 -15.52 -43.79
N LEU C 272 2.18 -15.05 -43.57
CA LEU C 272 1.22 -14.85 -44.64
C LEU C 272 1.63 -13.67 -45.53
N SER C 273 1.01 -13.59 -46.70
CA SER C 273 1.29 -12.53 -47.65
C SER C 273 0.23 -11.44 -47.53
N LYS C 274 0.70 -10.18 -47.52
CA LYS C 274 -0.22 -9.05 -47.43
C LYS C 274 -1.07 -8.87 -48.67
N ASP C 275 -0.56 -9.28 -49.84
CA ASP C 275 -1.31 -9.07 -51.07
C ASP C 275 -2.47 -10.05 -51.22
N LEU C 276 -2.42 -11.18 -50.51
CA LEU C 276 -3.54 -12.10 -50.50
C LEU C 276 -4.65 -11.50 -49.64
N ASP C 277 -5.89 -11.87 -49.92
CA ASP C 277 -7.04 -11.27 -49.25
C ASP C 277 -7.43 -12.01 -47.98
N TYR C 278 -6.58 -12.92 -47.50
CA TYR C 278 -6.80 -13.56 -46.21
C TYR C 278 -6.22 -12.75 -45.05
N TYR C 279 -5.19 -11.95 -45.31
CA TYR C 279 -4.51 -11.20 -44.25
C TYR C 279 -5.43 -10.15 -43.66
N GLY C 280 -6.15 -9.42 -44.52
CA GLY C 280 -7.10 -8.44 -44.03
C GLY C 280 -8.29 -9.08 -43.36
N THR C 281 -8.66 -10.29 -43.81
CA THR C 281 -9.71 -11.04 -43.13
C THR C 281 -9.28 -11.45 -41.73
N LEU C 282 -8.00 -11.81 -41.57
CA LEU C 282 -7.49 -12.16 -40.25
C LEU C 282 -7.38 -10.93 -39.36
N LEU C 283 -7.06 -9.78 -39.94
CA LEU C 283 -7.08 -8.54 -39.18
C LEU C 283 -8.48 -8.12 -38.76
N LYS C 284 -9.49 -8.40 -39.57
CA LYS C 284 -10.85 -8.08 -39.19
C LYS C 284 -11.46 -9.10 -38.24
N LYS C 285 -10.98 -10.34 -38.25
CA LYS C 285 -11.44 -11.35 -37.30
C LYS C 285 -10.72 -11.28 -35.96
N LEU C 286 -9.76 -10.37 -35.81
CA LEU C 286 -8.97 -10.31 -34.59
C LEU C 286 -9.36 -9.18 -33.65
N ALA C 287 -9.89 -8.09 -34.17
CA ALA C 287 -10.27 -6.94 -33.36
C ALA C 287 -11.46 -7.15 -32.40
N PRO C 288 -12.57 -7.82 -32.75
CA PRO C 288 -13.65 -8.00 -31.75
C PRO C 288 -13.27 -8.85 -30.54
N PRO C 289 -12.46 -9.93 -30.64
CA PRO C 289 -12.04 -10.56 -29.37
C PRO C 289 -11.10 -9.70 -28.54
N LEU C 290 -10.20 -8.95 -29.17
CA LEU C 290 -9.30 -8.09 -28.41
C LEU C 290 -10.05 -6.95 -27.73
N VAL C 291 -11.15 -6.49 -28.32
CA VAL C 291 -11.97 -5.52 -27.62
C VAL C 291 -12.76 -6.20 -26.51
N THR C 292 -13.34 -7.36 -26.78
CA THR C 292 -14.24 -8.02 -25.84
C THR C 292 -13.51 -8.59 -24.62
N LEU C 293 -12.19 -8.77 -24.69
CA LEU C 293 -11.40 -9.10 -23.51
C LEU C 293 -11.48 -8.03 -22.42
N LEU C 294 -11.71 -6.77 -22.78
CA LEU C 294 -11.76 -5.69 -21.82
C LEU C 294 -13.08 -5.60 -21.10
N SER C 295 -14.09 -6.35 -21.52
CA SER C 295 -15.36 -6.42 -20.82
C SER C 295 -15.43 -7.61 -19.88
N ALA C 296 -14.29 -7.98 -19.30
CA ALA C 296 -14.18 -9.05 -18.34
C ALA C 296 -13.78 -8.48 -16.99
N GLU C 297 -13.48 -9.37 -16.08
CA GLU C 297 -13.07 -9.12 -14.71
C GLU C 297 -11.75 -8.35 -14.69
N PRO C 298 -11.56 -7.45 -13.71
CA PRO C 298 -10.45 -6.48 -13.80
C PRO C 298 -9.06 -7.07 -13.73
N GLU C 299 -8.86 -8.21 -13.07
CA GLU C 299 -7.54 -8.81 -13.08
C GLU C 299 -7.20 -9.46 -14.42
N LEU C 300 -8.18 -9.70 -15.27
CA LEU C 300 -7.89 -10.05 -16.65
C LEU C 300 -7.74 -8.83 -17.55
N GLN C 301 -8.36 -7.71 -17.18
CA GLN C 301 -8.25 -6.51 -17.99
C GLN C 301 -6.86 -5.94 -17.97
N TYR C 302 -6.12 -6.11 -16.87
CA TYR C 302 -4.75 -5.63 -16.78
C TYR C 302 -3.85 -6.37 -17.75
N VAL C 303 -3.94 -7.70 -17.75
CA VAL C 303 -3.15 -8.53 -18.66
C VAL C 303 -3.58 -8.30 -20.09
N ALA C 304 -4.88 -8.11 -20.32
CA ALA C 304 -5.37 -7.83 -21.66
C ALA C 304 -4.91 -6.48 -22.17
N LEU C 305 -4.83 -5.47 -21.30
CA LEU C 305 -4.33 -4.18 -21.72
C LEU C 305 -2.84 -4.18 -21.99
N ARG C 306 -2.06 -4.93 -21.20
CA ARG C 306 -0.64 -4.99 -21.53
C ARG C 306 -0.40 -5.79 -22.80
N ASN C 307 -1.26 -6.76 -23.09
CA ASN C 307 -1.14 -7.48 -24.35
C ASN C 307 -1.56 -6.64 -25.54
N ILE C 308 -2.61 -5.82 -25.41
CA ILE C 308 -2.98 -4.92 -26.49
C ILE C 308 -1.92 -3.84 -26.68
N ASN C 309 -1.30 -3.39 -25.58
CA ASN C 309 -0.16 -2.50 -25.65
C ASN C 309 1.01 -3.15 -26.38
N LEU C 310 1.18 -4.45 -26.22
CA LEU C 310 2.21 -5.16 -26.96
C LEU C 310 1.79 -5.44 -28.39
N ILE C 311 0.50 -5.40 -28.71
CA ILE C 311 0.05 -5.68 -30.08
C ILE C 311 -0.07 -4.41 -30.91
N VAL C 312 -0.65 -3.32 -30.38
CA VAL C 312 -0.87 -2.12 -31.19
C VAL C 312 0.41 -1.37 -31.49
N GLN C 313 1.52 -1.72 -30.85
CA GLN C 313 2.83 -1.28 -31.29
C GLN C 313 3.35 -2.09 -32.46
N LYS C 314 2.87 -3.33 -32.60
CA LYS C 314 3.29 -4.23 -33.67
C LYS C 314 2.41 -4.12 -34.90
N ARG C 315 1.11 -4.37 -34.76
CA ARG C 315 0.16 -4.30 -35.87
C ARG C 315 -0.87 -3.22 -35.58
N PRO C 316 -0.57 -1.96 -35.88
CA PRO C 316 -1.51 -0.88 -35.55
C PRO C 316 -2.73 -0.79 -36.46
N GLU C 317 -2.80 -1.63 -37.49
CA GLU C 317 -3.90 -1.59 -38.45
C GLU C 317 -5.16 -2.25 -37.93
N ILE C 318 -5.12 -2.84 -36.73
CA ILE C 318 -6.22 -3.62 -36.20
C ILE C 318 -7.22 -2.72 -35.49
N LEU C 319 -6.76 -2.03 -34.44
CA LEU C 319 -7.65 -1.34 -33.53
C LEU C 319 -7.65 0.17 -33.73
N LYS C 320 -7.26 0.65 -34.91
CA LYS C 320 -7.19 2.09 -35.10
C LYS C 320 -8.57 2.71 -35.29
N HIS C 321 -9.60 1.90 -35.50
CA HIS C 321 -10.96 2.39 -35.54
C HIS C 321 -11.71 2.20 -34.23
N GLU C 322 -11.02 1.75 -33.17
CA GLU C 322 -11.67 1.49 -31.89
C GLU C 322 -11.00 2.31 -30.79
N MET C 323 -11.45 3.55 -30.65
CA MET C 323 -11.02 4.40 -29.54
C MET C 323 -12.00 4.33 -28.37
N LYS C 324 -13.29 4.23 -28.67
CA LYS C 324 -14.33 4.45 -27.66
C LYS C 324 -14.37 3.37 -26.59
N VAL C 325 -13.79 2.19 -26.86
CA VAL C 325 -13.79 1.12 -25.87
C VAL C 325 -12.63 1.20 -24.91
N PHE C 326 -11.81 2.25 -24.98
CA PHE C 326 -10.70 2.45 -24.06
C PHE C 326 -10.92 3.64 -23.14
N PHE C 327 -12.10 4.26 -23.17
CA PHE C 327 -12.44 5.32 -22.25
C PHE C 327 -12.66 4.72 -20.88
N VAL C 328 -11.96 5.25 -19.87
CA VAL C 328 -12.01 4.65 -18.56
C VAL C 328 -13.34 4.96 -17.89
N LYS C 329 -13.68 4.17 -16.88
CA LYS C 329 -14.83 4.45 -16.05
C LYS C 329 -14.37 4.83 -14.66
N TYR C 330 -15.28 5.35 -13.85
CA TYR C 330 -14.90 5.72 -12.49
C TYR C 330 -14.78 4.50 -11.58
N ASN C 331 -15.54 3.45 -11.85
CA ASN C 331 -15.49 2.26 -11.01
C ASN C 331 -14.37 1.30 -11.41
N ASP C 332 -13.51 1.70 -12.34
CA ASP C 332 -12.32 0.93 -12.64
C ASP C 332 -11.29 1.08 -11.52
N PRO C 333 -10.43 0.09 -11.33
CA PRO C 333 -9.33 0.25 -10.38
C PRO C 333 -8.22 1.12 -10.93
N ILE C 334 -7.15 1.29 -10.16
CA ILE C 334 -6.08 2.20 -10.60
C ILE C 334 -5.22 1.57 -11.69
N TYR C 335 -4.99 0.25 -11.63
CA TYR C 335 -4.08 -0.40 -12.56
C TYR C 335 -4.66 -0.61 -13.95
N VAL C 336 -5.93 -0.29 -14.17
CA VAL C 336 -6.54 -0.37 -15.48
C VAL C 336 -6.64 1.04 -16.04
N LYS C 337 -6.93 1.99 -15.15
CA LYS C 337 -6.99 3.39 -15.54
C LYS C 337 -5.62 3.93 -15.92
N LEU C 338 -4.56 3.39 -15.33
CA LEU C 338 -3.22 3.85 -15.71
C LEU C 338 -2.77 3.24 -17.03
N GLU C 339 -3.47 2.22 -17.52
CA GLU C 339 -3.08 1.60 -18.78
C GLU C 339 -3.91 2.05 -19.96
N LYS C 340 -5.20 2.32 -19.74
CA LYS C 340 -6.03 2.77 -20.85
C LYS C 340 -5.63 4.14 -21.35
N LEU C 341 -5.04 4.98 -20.49
CA LEU C 341 -4.49 6.24 -20.97
C LEU C 341 -3.33 6.03 -21.91
N ASP C 342 -2.46 5.06 -21.63
CA ASP C 342 -1.35 4.79 -22.53
C ASP C 342 -1.84 4.18 -23.84
N ILE C 343 -2.92 3.40 -23.78
CA ILE C 343 -3.49 2.88 -25.02
C ILE C 343 -4.09 4.01 -25.84
N MET C 344 -4.79 4.95 -25.19
CA MET C 344 -5.33 6.12 -25.89
C MET C 344 -4.23 7.01 -26.46
N ILE C 345 -3.05 6.99 -25.85
CA ILE C 345 -1.87 7.58 -26.48
C ILE C 345 -1.51 6.80 -27.74
N ARG C 346 -1.51 5.47 -27.67
CA ARG C 346 -1.07 4.66 -28.80
C ARG C 346 -2.04 4.70 -29.98
N LEU C 347 -3.28 5.12 -29.77
CA LEU C 347 -4.28 5.11 -30.83
C LEU C 347 -4.70 6.49 -31.29
N ALA C 348 -3.91 7.52 -30.98
CA ALA C 348 -4.25 8.88 -31.37
C ALA C 348 -3.95 9.09 -32.85
N SER C 349 -4.91 9.65 -33.58
CA SER C 349 -4.70 10.00 -34.97
C SER C 349 -5.52 11.25 -35.30
N GLN C 350 -5.59 11.62 -36.58
CA GLN C 350 -6.31 12.84 -36.97
C GLN C 350 -7.81 12.74 -36.74
N ALA C 351 -8.38 11.54 -36.84
CA ALA C 351 -9.84 11.43 -36.85
C ALA C 351 -10.44 11.58 -35.45
N ASN C 352 -9.67 11.35 -34.40
CA ASN C 352 -10.23 11.26 -33.06
C ASN C 352 -9.39 12.05 -32.05
N ILE C 353 -8.79 13.15 -32.50
CA ILE C 353 -8.16 14.07 -31.56
C ILE C 353 -9.21 14.76 -30.70
N ALA C 354 -10.40 15.00 -31.27
CA ALA C 354 -11.43 15.73 -30.55
C ALA C 354 -11.98 14.93 -29.39
N GLN C 355 -12.21 13.62 -29.61
CA GLN C 355 -12.70 12.75 -28.55
C GLN C 355 -11.69 12.62 -27.43
N VAL C 356 -10.41 12.50 -27.77
CA VAL C 356 -9.38 12.31 -26.77
C VAL C 356 -9.17 13.59 -25.96
N LEU C 357 -9.20 14.75 -26.61
CA LEU C 357 -8.99 15.99 -25.87
C LEU C 357 -10.23 16.41 -25.10
N ALA C 358 -11.41 16.00 -25.55
CA ALA C 358 -12.61 16.21 -24.75
C ALA C 358 -12.71 15.19 -23.62
N GLU C 359 -11.99 14.08 -23.72
CA GLU C 359 -12.01 13.08 -22.67
C GLU C 359 -10.97 13.34 -21.59
N LEU C 360 -9.74 13.67 -21.97
CA LEU C 360 -8.67 13.90 -21.01
C LEU C 360 -8.89 15.17 -20.20
N ARG C 361 -9.72 16.09 -20.68
CA ARG C 361 -10.10 17.24 -19.89
C ARG C 361 -10.95 16.85 -18.68
N GLU C 362 -11.75 15.79 -18.81
CA GLU C 362 -12.55 15.29 -17.70
C GLU C 362 -11.79 14.28 -16.85
N TYR C 363 -10.51 14.07 -17.09
CA TYR C 363 -9.70 13.25 -16.21
C TYR C 363 -8.84 14.06 -15.27
N ALA C 364 -8.63 15.34 -15.57
CA ALA C 364 -7.89 16.23 -14.70
C ALA C 364 -8.75 16.85 -13.63
N THR C 365 -9.97 16.36 -13.44
CA THR C 365 -10.86 16.81 -12.37
C THR C 365 -11.08 15.70 -11.35
N GLU C 366 -10.22 14.69 -11.35
CA GLU C 366 -10.35 13.56 -10.46
C GLU C 366 -9.52 13.78 -9.20
N VAL C 367 -9.50 12.77 -8.32
CA VAL C 367 -8.79 12.86 -7.05
C VAL C 367 -7.60 11.92 -6.97
N ASP C 368 -7.51 10.95 -7.86
CA ASP C 368 -6.34 10.07 -7.91
C ASP C 368 -5.20 10.84 -8.58
N VAL C 369 -4.21 11.23 -7.77
CA VAL C 369 -3.22 12.21 -8.20
C VAL C 369 -2.29 11.63 -9.27
N ASP C 370 -1.88 10.36 -9.10
CA ASP C 370 -1.06 9.71 -10.12
C ASP C 370 -1.81 9.58 -11.43
N PHE C 371 -3.12 9.33 -11.35
CA PHE C 371 -3.95 9.27 -12.55
C PHE C 371 -4.06 10.62 -13.23
N VAL C 372 -4.12 11.71 -12.46
CA VAL C 372 -4.24 13.04 -13.08
C VAL C 372 -2.91 13.45 -13.71
N ARG C 373 -1.80 13.12 -13.06
CA ARG C 373 -0.48 13.36 -13.64
C ARG C 373 -0.29 12.56 -14.92
N LYS C 374 -0.76 11.31 -14.92
CA LYS C 374 -0.69 10.50 -16.13
C LYS C 374 -1.60 11.04 -17.23
N ALA C 375 -2.74 11.62 -16.87
CA ALA C 375 -3.61 12.20 -17.88
C ALA C 375 -3.01 13.46 -18.49
N VAL C 376 -2.33 14.28 -17.68
CA VAL C 376 -1.70 15.48 -18.21
C VAL C 376 -0.51 15.10 -19.10
N ARG C 377 0.26 14.09 -18.70
CA ARG C 377 1.30 13.59 -19.58
C ARG C 377 0.71 12.92 -20.82
N ALA C 378 -0.52 12.41 -20.74
CA ALA C 378 -1.17 11.86 -21.93
C ALA C 378 -1.58 12.95 -22.90
N ILE C 379 -2.04 14.10 -22.38
CA ILE C 379 -2.24 15.28 -23.22
C ILE C 379 -0.94 15.69 -23.89
N GLY C 380 0.17 15.60 -23.15
CA GLY C 380 1.47 15.94 -23.71
C GLY C 380 1.91 15.00 -24.83
N ARG C 381 1.73 13.69 -24.61
CA ARG C 381 2.12 12.73 -25.62
C ARG C 381 1.18 12.74 -26.81
N CYS C 382 -0.08 13.12 -26.61
CA CYS C 382 -0.98 13.35 -27.73
C CYS C 382 -0.57 14.57 -28.53
N ALA C 383 -0.09 15.62 -27.87
CA ALA C 383 0.34 16.81 -28.59
C ALA C 383 1.66 16.56 -29.32
N ILE C 384 2.51 15.70 -28.78
CA ILE C 384 3.74 15.39 -29.49
C ILE C 384 3.47 14.43 -30.64
N LYS C 385 2.47 13.56 -30.50
CA LYS C 385 2.25 12.51 -31.49
C LYS C 385 1.68 13.07 -32.80
N VAL C 386 0.68 13.93 -32.72
CA VAL C 386 0.05 14.50 -33.91
C VAL C 386 0.33 16.00 -33.92
N GLU C 387 0.26 16.61 -35.10
CA GLU C 387 0.52 18.03 -35.25
C GLU C 387 -0.74 18.85 -35.46
N GLN C 388 -1.86 18.22 -35.79
CA GLN C 388 -3.09 18.93 -36.08
C GLN C 388 -3.72 19.55 -34.85
N SER C 389 -3.48 18.98 -33.66
CA SER C 389 -4.24 19.35 -32.48
C SER C 389 -3.37 19.95 -31.39
N ALA C 390 -2.19 20.47 -31.72
CA ALA C 390 -1.35 21.07 -30.71
C ALA C 390 -1.95 22.36 -30.15
N GLU C 391 -2.68 23.11 -30.97
CA GLU C 391 -3.35 24.32 -30.47
C GLU C 391 -4.48 23.96 -29.51
N ARG C 392 -5.25 22.90 -29.82
CA ARG C 392 -6.28 22.44 -28.89
C ARG C 392 -5.67 21.92 -27.60
N CYS C 393 -4.50 21.28 -27.68
CA CYS C 393 -3.82 20.82 -26.48
C CYS C 393 -3.35 21.98 -25.63
N VAL C 394 -2.78 23.02 -26.25
CA VAL C 394 -2.32 24.19 -25.49
C VAL C 394 -3.51 24.94 -24.89
N SER C 395 -4.62 25.02 -25.61
CA SER C 395 -5.83 25.64 -25.06
C SER C 395 -6.37 24.85 -23.87
N THR C 396 -6.37 23.52 -23.96
CA THR C 396 -6.83 22.68 -22.85
C THR C 396 -5.92 22.81 -21.65
N LEU C 397 -4.61 22.86 -21.87
CA LEU C 397 -3.66 22.98 -20.77
C LEU C 397 -3.74 24.34 -20.10
N LEU C 398 -3.96 25.40 -20.88
CA LEU C 398 -4.16 26.71 -20.27
C LEU C 398 -5.47 26.78 -19.51
N ASP C 399 -6.52 26.10 -19.99
CA ASP C 399 -7.74 26.02 -19.22
C ASP C 399 -7.58 25.19 -17.95
N LEU C 400 -6.65 24.23 -17.94
CA LEU C 400 -6.35 23.50 -16.71
C LEU C 400 -5.54 24.33 -15.73
N ILE C 401 -4.59 25.12 -16.25
CA ILE C 401 -3.81 26.01 -15.39
C ILE C 401 -4.70 27.08 -14.77
N GLN C 402 -5.70 27.56 -15.50
CA GLN C 402 -6.59 28.53 -14.88
C GLN C 402 -7.61 27.92 -13.89
N THR C 403 -7.50 26.65 -13.49
CA THR C 403 -8.28 26.11 -12.38
C THR C 403 -7.58 26.26 -11.04
N LYS C 404 -6.27 26.53 -11.06
CA LYS C 404 -5.45 26.80 -9.87
C LYS C 404 -5.46 25.61 -8.90
N VAL C 405 -5.20 24.43 -9.45
CA VAL C 405 -4.94 23.23 -8.66
C VAL C 405 -3.45 22.95 -8.80
N ASN C 406 -2.78 22.71 -7.67
CA ASN C 406 -1.32 22.84 -7.61
C ASN C 406 -0.61 21.77 -8.42
N TYR C 407 -0.98 20.50 -8.26
CA TYR C 407 -0.27 19.44 -8.99
C TYR C 407 -0.63 19.43 -10.47
N VAL C 408 -1.86 19.85 -10.80
CA VAL C 408 -2.26 19.97 -12.19
C VAL C 408 -1.43 21.03 -12.90
N VAL C 409 -1.21 22.17 -12.25
CA VAL C 409 -0.37 23.21 -12.84
C VAL C 409 1.09 22.77 -12.89
N GLN C 410 1.58 22.11 -11.84
CA GLN C 410 2.97 21.68 -11.82
C GLN C 410 3.26 20.56 -12.79
N GLU C 411 2.24 19.86 -13.31
CA GLU C 411 2.51 19.01 -14.46
C GLU C 411 2.25 19.71 -15.78
N ALA C 412 1.29 20.63 -15.82
CA ALA C 412 0.93 21.27 -17.07
C ALA C 412 2.01 22.22 -17.57
N ILE C 413 2.78 22.81 -16.65
CA ILE C 413 3.89 23.66 -17.08
C ILE C 413 4.96 22.85 -17.79
N VAL C 414 5.29 21.67 -17.23
CA VAL C 414 6.28 20.78 -17.85
C VAL C 414 5.77 20.28 -19.19
N VAL C 415 4.47 20.02 -19.28
CA VAL C 415 3.90 19.54 -20.53
C VAL C 415 3.89 20.65 -21.60
N ILE C 416 3.58 21.89 -21.21
CA ILE C 416 3.68 23.03 -22.13
C ILE C 416 5.12 23.25 -22.58
N LYS C 417 6.09 23.01 -21.70
CA LYS C 417 7.49 23.03 -22.11
C LYS C 417 7.79 21.97 -23.15
N ASP C 418 7.33 20.74 -22.92
CA ASP C 418 7.51 19.65 -23.87
C ASP C 418 6.84 19.90 -25.20
N ILE C 419 5.75 20.68 -25.23
CA ILE C 419 5.14 21.06 -26.50
C ILE C 419 5.95 22.15 -27.19
N PHE C 420 6.34 23.19 -26.45
CA PHE C 420 7.05 24.32 -27.03
C PHE C 420 8.41 23.96 -27.58
N ARG C 421 9.06 22.94 -27.00
CA ARG C 421 10.30 22.45 -27.58
C ARG C 421 10.09 21.74 -28.90
N LYS C 422 8.86 21.29 -29.17
CA LYS C 422 8.57 20.64 -30.43
C LYS C 422 8.08 21.63 -31.48
N TYR C 423 7.19 22.54 -31.12
CA TYR C 423 6.51 23.46 -32.05
C TYR C 423 6.80 24.89 -31.62
N PRO C 424 8.01 25.40 -31.87
CA PRO C 424 8.47 26.61 -31.19
C PRO C 424 8.07 27.93 -31.84
N ASN C 425 7.39 27.91 -32.99
CA ASN C 425 7.34 29.13 -33.80
C ASN C 425 6.26 30.11 -33.34
N LYS C 426 5.00 29.71 -33.40
CA LYS C 426 3.89 30.66 -33.42
C LYS C 426 2.96 30.50 -32.23
N TYR C 427 3.51 30.34 -31.03
CA TYR C 427 2.74 30.25 -29.80
C TYR C 427 3.03 31.43 -28.88
N GLU C 428 3.24 32.60 -29.46
CA GLU C 428 3.53 33.81 -28.71
C GLU C 428 2.29 34.41 -28.05
N SER C 429 1.10 33.94 -28.42
CA SER C 429 -0.14 34.37 -27.79
C SER C 429 -0.47 33.54 -26.55
N VAL C 430 0.45 32.70 -26.13
CA VAL C 430 0.24 31.79 -25.01
C VAL C 430 0.94 32.30 -23.76
N ILE C 431 2.18 32.78 -23.90
CA ILE C 431 2.96 33.23 -22.75
C ILE C 431 2.42 34.52 -22.15
N ALA C 432 1.55 35.23 -22.86
CA ALA C 432 0.85 36.37 -22.27
C ALA C 432 -0.11 35.96 -21.17
N THR C 433 -0.60 34.72 -21.21
CA THR C 433 -1.32 34.17 -20.06
C THR C 433 -0.34 33.57 -19.06
N LEU C 434 0.79 33.08 -19.55
CA LEU C 434 1.79 32.48 -18.69
C LEU C 434 2.67 33.49 -17.99
N CYS C 435 2.60 34.78 -18.34
CA CYS C 435 3.39 35.77 -17.60
C CYS C 435 2.72 36.14 -16.28
N GLU C 436 1.43 35.89 -16.15
CA GLU C 436 0.69 36.14 -14.92
C GLU C 436 -0.02 34.83 -14.57
N ASN C 437 0.69 33.95 -13.86
CA ASN C 437 0.18 32.62 -13.58
C ASN C 437 0.52 32.11 -12.17
N LEU C 438 0.68 33.03 -11.20
CA LEU C 438 1.08 32.71 -9.82
C LEU C 438 2.45 32.03 -9.80
N ASP C 439 3.50 32.79 -10.08
CA ASP C 439 4.88 32.33 -10.14
C ASP C 439 5.51 31.90 -8.81
N SER C 440 4.71 31.80 -7.73
CA SER C 440 5.18 31.23 -6.48
C SER C 440 5.11 29.71 -6.45
N LEU C 441 5.11 29.06 -7.62
CA LEU C 441 5.10 27.61 -7.79
C LEU C 441 6.23 26.94 -7.04
N ASP C 442 6.00 25.70 -6.60
CA ASP C 442 6.83 25.06 -5.60
C ASP C 442 7.79 24.01 -6.15
N GLU C 443 7.32 23.07 -6.96
CA GLU C 443 8.10 21.89 -7.30
C GLU C 443 9.18 22.24 -8.31
N PRO C 444 10.43 21.81 -8.09
CA PRO C 444 11.54 22.23 -8.97
C PRO C 444 11.48 21.66 -10.38
N GLU C 445 10.73 20.59 -10.64
CA GLU C 445 10.65 20.07 -12.00
C GLU C 445 9.83 20.97 -12.90
N ALA C 446 8.97 21.82 -12.34
CA ALA C 446 8.18 22.76 -13.13
C ALA C 446 8.69 24.19 -13.02
N ARG C 447 9.46 24.50 -11.97
CA ARG C 447 10.08 25.81 -11.89
C ARG C 447 11.10 25.99 -12.99
N ALA C 448 11.90 24.96 -13.26
CA ALA C 448 12.85 25.00 -14.36
C ALA C 448 12.15 25.11 -15.70
N ALA C 449 10.98 24.47 -15.82
CA ALA C 449 10.18 24.59 -17.04
C ALA C 449 9.65 26.02 -17.22
N MET C 450 9.23 26.64 -16.12
CA MET C 450 8.78 28.02 -16.16
C MET C 450 9.91 28.96 -16.54
N ILE C 451 11.11 28.71 -16.01
CA ILE C 451 12.27 29.53 -16.35
C ILE C 451 12.65 29.35 -17.81
N TRP C 452 12.48 28.14 -18.35
CA TRP C 452 12.78 27.93 -19.76
C TRP C 452 11.75 28.63 -20.66
N ILE C 453 10.47 28.58 -20.27
CA ILE C 453 9.42 29.26 -21.05
C ILE C 453 9.61 30.77 -21.02
N VAL C 454 10.04 31.31 -19.89
CA VAL C 454 10.37 32.74 -19.83
C VAL C 454 11.58 33.06 -20.69
N GLY C 455 12.66 32.28 -20.55
CA GLY C 455 13.92 32.66 -21.16
C GLY C 455 13.97 32.47 -22.66
N GLU C 456 13.38 31.38 -23.14
CA GLU C 456 13.41 31.14 -24.58
C GLU C 456 12.46 32.07 -25.32
N TYR C 457 11.41 32.52 -24.66
CA TYR C 457 10.45 33.44 -25.25
C TYR C 457 10.49 34.80 -24.57
N ALA C 458 11.70 35.29 -24.28
CA ALA C 458 11.88 36.57 -23.60
C ALA C 458 11.90 37.74 -24.59
N GLU C 459 10.94 37.76 -25.48
CA GLU C 459 10.74 38.85 -26.43
C GLU C 459 9.31 39.36 -26.41
N ARG C 460 8.34 38.47 -26.25
CA ARG C 460 6.94 38.86 -26.12
C ARG C 460 6.53 39.07 -24.67
N ILE C 461 7.44 38.81 -23.73
CA ILE C 461 7.24 39.16 -22.33
C ILE C 461 8.03 40.44 -22.10
N ASP C 462 7.34 41.57 -22.13
CA ASP C 462 7.99 42.87 -22.02
C ASP C 462 8.46 43.18 -20.61
N ASN C 463 8.14 42.35 -19.63
CA ASN C 463 8.54 42.53 -18.25
C ASN C 463 9.17 41.25 -17.71
N ALA C 464 9.97 40.60 -18.54
CA ALA C 464 10.62 39.36 -18.15
C ALA C 464 11.74 39.60 -17.15
N ASP C 465 12.32 40.80 -17.14
CA ASP C 465 13.43 41.08 -16.24
C ASP C 465 12.97 41.26 -14.80
N GLU C 466 11.76 41.79 -14.61
CA GLU C 466 11.30 42.08 -13.26
C GLU C 466 10.66 40.88 -12.58
N LEU C 467 10.33 39.83 -13.33
CA LEU C 467 9.84 38.61 -12.73
C LEU C 467 10.95 37.65 -12.34
N LEU C 468 12.10 37.73 -13.02
CA LEU C 468 13.27 36.95 -12.62
C LEU C 468 13.99 37.56 -11.44
N GLU C 469 13.65 38.81 -11.07
CA GLU C 469 14.13 39.38 -9.82
C GLU C 469 13.61 38.61 -8.62
N SER C 470 12.41 38.06 -8.72
CA SER C 470 11.87 37.25 -7.64
C SER C 470 12.60 35.92 -7.49
N PHE C 471 13.22 35.43 -8.56
CA PHE C 471 13.90 34.14 -8.52
C PHE C 471 15.33 34.24 -7.96
N LEU C 472 15.86 35.44 -7.79
CA LEU C 472 17.21 35.62 -7.26
C LEU C 472 17.21 35.85 -5.76
N GLU C 473 16.07 35.68 -5.11
CA GLU C 473 16.01 35.88 -3.66
C GLU C 473 16.65 34.71 -2.92
N GLY C 474 16.32 33.48 -3.32
CA GLY C 474 16.90 32.30 -2.72
C GLY C 474 17.67 31.47 -3.72
N PHE C 475 18.44 32.14 -4.59
CA PHE C 475 19.09 31.48 -5.72
C PHE C 475 20.13 30.47 -5.29
N HIS C 476 20.81 30.70 -4.16
CA HIS C 476 21.91 29.83 -3.77
C HIS C 476 21.46 28.49 -3.21
N ASP C 477 20.17 28.30 -2.93
CA ASP C 477 19.75 27.04 -2.31
C ASP C 477 18.42 26.51 -2.83
N LYS C 478 18.07 26.73 -4.10
CA LYS C 478 16.84 26.14 -4.63
C LYS C 478 17.04 24.68 -5.05
N SER C 479 17.87 24.47 -6.05
CA SER C 479 18.02 23.17 -6.69
C SER C 479 19.31 23.20 -7.49
N THR C 480 19.50 22.21 -8.36
CA THR C 480 20.54 22.29 -9.36
C THR C 480 19.95 22.70 -10.71
N GLN C 481 18.83 22.07 -11.08
CA GLN C 481 18.19 22.32 -12.37
C GLN C 481 17.64 23.72 -12.46
N VAL C 482 17.07 24.22 -11.36
CA VAL C 482 16.51 25.57 -11.33
C VAL C 482 17.61 26.62 -11.48
N GLN C 483 18.74 26.41 -10.79
CA GLN C 483 19.86 27.33 -10.87
C GLN C 483 20.47 27.33 -12.26
N LEU C 484 20.58 26.15 -12.87
CA LEU C 484 21.17 26.06 -14.20
C LEU C 484 20.25 26.65 -15.26
N GLN C 485 18.94 26.47 -15.13
CA GLN C 485 18.02 27.09 -16.06
C GLN C 485 17.97 28.60 -15.89
N LEU C 486 18.07 29.12 -14.66
CA LEU C 486 18.19 30.56 -14.48
C LEU C 486 19.47 31.09 -15.10
N LEU C 487 20.56 30.34 -14.98
CA LEU C 487 21.83 30.80 -15.54
C LEU C 487 21.78 30.81 -17.06
N THR C 488 21.03 29.89 -17.67
CA THR C 488 20.85 29.97 -19.12
C THR C 488 19.92 31.13 -19.50
N ALA C 489 18.81 31.26 -18.78
CA ALA C 489 17.73 32.14 -19.23
C ALA C 489 18.05 33.61 -19.01
N ILE C 490 18.77 33.94 -17.94
CA ILE C 490 19.11 35.35 -17.71
C ILE C 490 20.17 35.81 -18.70
N VAL C 491 21.09 34.92 -19.07
CA VAL C 491 22.07 35.24 -20.11
C VAL C 491 21.38 35.44 -21.46
N LYS C 492 20.39 34.59 -21.77
CA LYS C 492 19.63 34.78 -23.00
C LYS C 492 18.78 36.05 -22.95
N LEU C 493 18.31 36.41 -21.76
CA LEU C 493 17.54 37.64 -21.58
C LEU C 493 18.40 38.88 -21.82
N PHE C 494 19.61 38.89 -21.25
CA PHE C 494 20.52 40.00 -21.50
C PHE C 494 20.95 40.04 -22.96
N LEU C 495 21.06 38.89 -23.60
CA LEU C 495 21.47 38.88 -25.00
C LEU C 495 20.36 39.38 -25.91
N LYS C 496 19.10 39.14 -25.54
CA LYS C 496 17.99 39.67 -26.33
C LYS C 496 17.84 41.17 -26.11
N LYS C 497 17.81 41.60 -24.87
CA LYS C 497 17.70 43.02 -24.54
C LYS C 497 18.86 43.48 -23.64
N PRO C 498 19.90 44.08 -24.20
CA PRO C 498 21.04 44.53 -23.37
C PRO C 498 20.87 45.88 -22.71
N THR C 499 19.66 46.44 -22.64
CA THR C 499 19.47 47.79 -22.14
C THR C 499 19.13 47.82 -20.65
N GLU C 500 17.99 47.22 -20.28
CA GLU C 500 17.53 47.23 -18.90
C GLU C 500 18.03 46.04 -18.10
N THR C 501 18.77 45.13 -18.72
CA THR C 501 19.19 43.90 -18.06
C THR C 501 20.69 43.88 -17.85
N GLN C 502 21.32 45.05 -17.78
CA GLN C 502 22.78 45.13 -17.75
C GLN C 502 23.33 44.70 -16.39
N GLU C 503 22.67 45.11 -15.31
CA GLU C 503 23.13 44.72 -13.97
C GLU C 503 22.60 43.36 -13.55
N LEU C 504 21.53 42.87 -14.19
CA LEU C 504 20.95 41.58 -13.82
C LEU C 504 21.88 40.43 -14.17
N VAL C 505 22.46 40.46 -15.38
CA VAL C 505 23.42 39.44 -15.78
C VAL C 505 24.69 39.54 -14.94
N GLN C 506 25.07 40.75 -14.52
CA GLN C 506 26.25 40.92 -13.69
C GLN C 506 26.05 40.35 -12.29
N GLN C 507 24.87 40.58 -11.70
CA GLN C 507 24.65 40.04 -10.37
C GLN C 507 24.41 38.54 -10.40
N VAL C 508 23.83 38.00 -11.47
CA VAL C 508 23.67 36.55 -11.50
C VAL C 508 24.99 35.84 -11.82
N LEU C 509 25.89 36.47 -12.58
CA LEU C 509 27.21 35.86 -12.76
C LEU C 509 28.06 36.03 -11.53
N SER C 510 27.84 37.09 -10.75
CA SER C 510 28.51 37.22 -9.47
C SER C 510 27.99 36.23 -8.44
N LEU C 511 26.72 35.86 -8.50
CA LEU C 511 26.20 34.85 -7.59
C LEU C 511 26.30 33.44 -8.17
N ALA C 512 26.80 33.29 -9.38
CA ALA C 512 26.97 31.99 -10.00
C ALA C 512 28.42 31.56 -10.17
N THR C 513 29.38 32.49 -9.97
CA THR C 513 30.79 32.17 -10.06
C THR C 513 31.56 32.38 -8.77
N GLN C 514 31.19 33.38 -7.97
CA GLN C 514 31.95 33.75 -6.79
C GLN C 514 31.54 32.96 -5.56
N ASP C 515 30.27 33.05 -5.16
CA ASP C 515 29.79 32.41 -3.94
C ASP C 515 28.94 31.17 -4.23
N SER C 516 29.04 30.63 -5.43
CA SER C 516 28.40 29.37 -5.79
C SER C 516 29.45 28.28 -5.82
N ASP C 517 29.10 27.08 -5.38
CA ASP C 517 30.03 25.98 -5.29
C ASP C 517 29.59 24.74 -6.05
N ASN C 518 28.39 24.75 -6.63
CA ASN C 518 27.93 23.66 -7.47
C ASN C 518 28.76 23.65 -8.75
N PRO C 519 29.53 22.59 -9.03
CA PRO C 519 30.59 22.69 -10.05
C PRO C 519 30.08 22.84 -11.47
N ASP C 520 28.96 22.23 -11.84
CA ASP C 520 28.40 22.50 -13.16
C ASP C 520 27.89 23.93 -13.26
N LEU C 521 27.29 24.44 -12.18
CA LEU C 521 26.88 25.83 -12.15
C LEU C 521 28.08 26.76 -12.27
N ARG C 522 29.20 26.41 -11.61
CA ARG C 522 30.40 27.22 -11.72
C ARG C 522 30.98 27.17 -13.12
N ASP C 523 30.95 25.99 -13.76
CA ASP C 523 31.51 25.86 -15.10
C ASP C 523 30.69 26.64 -16.11
N ARG C 524 29.37 26.52 -16.06
CA ARG C 524 28.53 27.28 -16.97
C ARG C 524 28.60 28.78 -16.67
N GLY C 525 28.76 29.15 -15.40
CA GLY C 525 28.87 30.55 -15.05
C GLY C 525 30.15 31.18 -15.56
N TYR C 526 31.27 30.46 -15.44
CA TYR C 526 32.51 31.01 -15.97
C TYR C 526 32.57 30.95 -17.48
N ILE C 527 31.92 29.98 -18.12
CA ILE C 527 31.87 29.97 -19.58
C ILE C 527 31.03 31.14 -20.09
N TYR C 528 29.90 31.41 -19.43
CA TYR C 528 29.08 32.56 -19.80
C TYR C 528 29.78 33.87 -19.48
N TRP C 529 30.53 33.94 -18.38
CA TRP C 529 31.24 35.16 -18.01
C TRP C 529 32.39 35.46 -18.97
N ARG C 530 33.13 34.42 -19.37
CA ARG C 530 34.21 34.60 -20.32
C ARG C 530 33.69 34.90 -21.72
N LEU C 531 32.59 34.27 -22.12
CA LEU C 531 32.01 34.56 -23.43
C LEU C 531 31.40 35.96 -23.47
N LEU C 532 30.84 36.41 -22.35
CA LEU C 532 30.24 37.74 -22.32
C LEU C 532 31.30 38.83 -22.24
N SER C 533 32.32 38.66 -21.40
CA SER C 533 33.39 39.65 -21.33
C SER C 533 34.32 39.61 -22.54
N THR C 534 34.34 38.50 -23.28
CA THR C 534 35.20 38.43 -24.45
C THR C 534 34.56 39.12 -25.65
N ASP C 535 33.38 38.66 -26.07
CA ASP C 535 32.72 39.22 -27.24
C ASP C 535 31.23 38.96 -27.12
N PRO C 536 30.46 39.96 -26.68
CA PRO C 536 28.99 39.81 -26.64
C PRO C 536 28.34 39.86 -28.01
N VAL C 537 29.04 40.35 -29.04
CA VAL C 537 28.49 40.35 -30.39
C VAL C 537 28.47 38.94 -30.96
N ALA C 538 29.51 38.14 -30.68
CA ALA C 538 29.51 36.74 -31.09
C ALA C 538 28.55 35.89 -30.27
N ALA C 539 28.18 36.36 -29.07
CA ALA C 539 27.30 35.59 -28.20
C ALA C 539 25.90 35.45 -28.77
N LYS C 540 25.47 36.40 -29.60
CA LYS C 540 24.19 36.27 -30.30
C LYS C 540 24.18 35.07 -31.24
N GLU C 541 25.33 34.72 -31.79
CA GLU C 541 25.40 33.54 -32.63
C GLU C 541 25.74 32.28 -31.83
N VAL C 542 26.41 32.41 -30.68
CA VAL C 542 26.81 31.21 -29.94
C VAL C 542 25.62 30.63 -29.18
N VAL C 543 25.07 31.38 -28.23
CA VAL C 543 24.08 30.81 -27.33
C VAL C 543 22.64 31.11 -27.76
N LEU C 544 22.41 32.16 -28.53
CA LEU C 544 21.11 32.37 -29.17
C LEU C 544 21.17 31.81 -30.60
N ALA C 545 21.56 30.54 -30.68
CA ALA C 545 21.75 29.87 -31.95
C ALA C 545 20.47 29.19 -32.39
N GLU C 546 20.30 29.09 -33.70
CA GLU C 546 19.14 28.41 -34.28
C GLU C 546 19.31 26.92 -34.07
N LYS C 547 18.62 26.40 -33.07
CA LYS C 547 18.81 25.04 -32.59
C LYS C 547 18.18 24.04 -33.56
N PRO C 548 18.81 22.89 -33.77
CA PRO C 548 18.21 21.88 -34.64
C PRO C 548 17.00 21.23 -33.99
N LEU C 549 16.26 20.50 -34.83
CA LEU C 549 14.99 19.94 -34.42
C LEU C 549 15.18 18.84 -33.40
N ILE C 550 14.49 18.96 -32.27
CA ILE C 550 14.63 18.03 -31.16
C ILE C 550 13.98 16.72 -31.53
N SER C 551 14.79 15.67 -31.64
CA SER C 551 14.30 14.35 -32.03
C SER C 551 13.46 13.77 -30.91
N GLU C 552 12.25 13.34 -31.24
CA GLU C 552 11.39 12.71 -30.27
C GLU C 552 11.95 11.36 -29.88
N GLU C 553 11.64 10.95 -28.65
CA GLU C 553 12.10 9.65 -28.16
C GLU C 553 11.04 8.62 -28.53
N THR C 554 11.38 7.76 -29.47
CA THR C 554 10.47 6.69 -29.90
C THR C 554 10.37 5.67 -28.78
N ASP C 555 9.29 5.76 -28.01
CA ASP C 555 9.04 4.86 -26.89
C ASP C 555 8.36 3.58 -27.32
N LEU C 556 8.23 3.36 -28.62
CA LEU C 556 7.87 2.06 -29.16
C LEU C 556 8.98 1.07 -28.78
N ILE C 557 8.60 -0.16 -28.45
CA ILE C 557 9.60 -1.17 -28.17
C ILE C 557 10.29 -1.55 -29.48
N GLU C 558 11.60 -1.79 -29.40
CA GLU C 558 12.43 -2.09 -30.56
C GLU C 558 11.95 -3.34 -31.30
N PRO C 559 11.85 -3.32 -32.63
CA PRO C 559 11.26 -4.45 -33.36
C PRO C 559 12.11 -5.70 -33.35
N THR C 560 13.39 -5.57 -32.99
CA THR C 560 14.21 -6.74 -32.72
C THR C 560 13.76 -7.43 -31.44
N LEU C 561 13.21 -6.66 -30.49
CA LEU C 561 12.71 -7.23 -29.26
C LEU C 561 11.21 -7.51 -29.36
N LEU C 562 10.49 -6.70 -30.13
CA LEU C 562 9.03 -6.81 -30.17
C LEU C 562 8.58 -8.07 -30.90
N ASP C 563 9.35 -8.53 -31.88
CA ASP C 563 9.02 -9.77 -32.56
C ASP C 563 9.20 -10.98 -31.65
N GLU C 564 10.07 -10.86 -30.65
CA GLU C 564 10.24 -11.90 -29.64
C GLU C 564 9.05 -11.97 -28.69
N LEU C 565 8.56 -10.83 -28.23
CA LEU C 565 7.50 -10.82 -27.21
C LEU C 565 6.13 -11.10 -27.79
N ILE C 566 5.99 -11.16 -29.12
CA ILE C 566 4.78 -11.71 -29.73
C ILE C 566 4.65 -13.18 -29.37
N CYS C 567 5.76 -13.91 -29.28
CA CYS C 567 5.72 -15.30 -28.90
C CYS C 567 5.36 -15.50 -27.43
N TYR C 568 5.50 -14.46 -26.61
CA TYR C 568 5.13 -14.53 -25.20
C TYR C 568 4.04 -13.50 -24.94
N ILE C 569 2.79 -13.88 -25.22
CA ILE C 569 1.63 -13.05 -24.96
C ILE C 569 0.75 -13.78 -23.97
N GLY C 570 0.44 -13.12 -22.86
CA GLY C 570 -0.25 -13.76 -21.77
C GLY C 570 0.66 -14.28 -20.69
N THR C 571 1.94 -13.92 -20.72
CA THR C 571 2.91 -14.34 -19.73
C THR C 571 3.48 -13.11 -19.04
N LEU C 572 4.34 -13.34 -18.05
CA LEU C 572 4.98 -12.26 -17.31
C LEU C 572 5.94 -11.45 -18.19
N ALA C 573 6.43 -12.03 -19.28
CA ALA C 573 7.19 -11.27 -20.26
C ALA C 573 6.32 -10.27 -21.00
N SER C 574 5.04 -10.56 -21.18
CA SER C 574 4.14 -9.64 -21.85
C SER C 574 3.66 -8.52 -20.95
N VAL C 575 3.47 -8.79 -19.66
CA VAL C 575 2.96 -7.76 -18.77
C VAL C 575 4.08 -6.77 -18.43
N TYR C 576 5.28 -7.26 -18.17
CA TYR C 576 6.39 -6.36 -17.89
C TYR C 576 6.97 -5.70 -19.13
N HIS C 577 6.63 -6.19 -20.32
CA HIS C 577 7.21 -5.77 -21.60
C HIS C 577 8.72 -5.91 -21.59
N LYS C 578 9.18 -7.01 -21.02
CA LYS C 578 10.58 -7.35 -20.88
C LYS C 578 10.78 -8.73 -21.46
N PRO C 579 11.98 -9.03 -21.96
CA PRO C 579 12.29 -10.38 -22.41
C PRO C 579 12.30 -11.35 -21.24
N PRO C 580 12.01 -12.65 -21.48
CA PRO C 580 11.79 -13.59 -20.37
C PRO C 580 13.02 -13.96 -19.55
N SER C 581 14.18 -13.37 -19.83
CA SER C 581 15.39 -13.66 -19.08
C SER C 581 15.85 -12.52 -18.20
N ALA C 582 15.33 -11.31 -18.40
CA ALA C 582 15.78 -10.14 -17.67
C ALA C 582 15.11 -9.97 -16.33
N PHE C 583 14.16 -10.84 -15.97
CA PHE C 583 13.48 -10.68 -14.70
C PHE C 583 13.29 -11.97 -13.91
N VAL C 584 13.50 -13.14 -14.47
CA VAL C 584 13.37 -14.37 -13.70
C VAL C 584 14.69 -14.68 -13.02
N GLU C 585 14.62 -15.36 -11.89
CA GLU C 585 15.80 -15.79 -11.17
C GLU C 585 15.64 -17.24 -10.73
N GLU D 29 -6.65 -58.49 18.78
CA GLU D 29 -6.56 -57.12 18.30
C GLU D 29 -5.16 -56.64 18.65
N MET D 30 -4.16 -57.41 18.22
CA MET D 30 -2.78 -57.18 18.60
C MET D 30 -1.92 -56.83 17.38
N ARG D 31 -0.95 -55.97 17.60
CA ARG D 31 0.04 -55.62 16.59
C ARG D 31 1.26 -56.52 16.72
N ILE D 32 1.91 -56.74 15.57
CA ILE D 32 3.06 -57.65 15.50
C ILE D 32 3.91 -57.19 14.33
N LEU D 33 5.22 -57.40 14.44
CA LEU D 33 6.19 -56.96 13.44
C LEU D 33 6.65 -58.14 12.61
N MET D 34 7.31 -57.82 11.50
CA MET D 34 8.08 -58.80 10.72
C MET D 34 9.33 -58.06 10.26
N VAL D 35 10.43 -58.27 10.98
CA VAL D 35 11.68 -57.58 10.66
C VAL D 35 12.67 -58.61 10.16
N GLY D 36 13.87 -58.16 9.80
CA GLY D 36 14.92 -59.04 9.33
C GLY D 36 15.60 -58.47 8.11
N LEU D 37 16.66 -59.15 7.71
CA LEU D 37 17.41 -58.75 6.52
C LEU D 37 16.58 -58.98 5.27
N ASP D 38 16.80 -58.13 4.27
CA ASP D 38 15.96 -58.10 3.07
C ASP D 38 16.14 -59.38 2.23
N ALA D 39 15.20 -59.56 1.30
CA ALA D 39 15.13 -60.72 0.40
C ALA D 39 15.10 -62.03 1.19
N ALA D 40 14.30 -62.07 2.25
CA ALA D 40 14.18 -63.24 3.10
C ALA D 40 12.82 -63.91 2.98
N GLY D 41 11.97 -63.46 2.05
CA GLY D 41 10.67 -64.08 1.88
C GLY D 41 9.64 -63.68 2.91
N LYS D 42 9.76 -62.47 3.47
CA LYS D 42 8.87 -62.09 4.56
C LYS D 42 7.58 -61.43 4.07
N THR D 43 7.65 -60.55 3.06
CA THR D 43 6.42 -60.07 2.46
C THR D 43 5.70 -61.14 1.65
N THR D 44 6.44 -62.15 1.17
CA THR D 44 5.84 -63.31 0.53
C THR D 44 4.92 -64.07 1.50
N ILE D 45 5.43 -64.40 2.69
CA ILE D 45 4.59 -65.12 3.63
C ILE D 45 3.57 -64.20 4.29
N LEU D 46 3.80 -62.88 4.31
CA LEU D 46 2.76 -61.95 4.75
C LEU D 46 1.56 -61.98 3.83
N TYR D 47 1.78 -61.81 2.52
CA TYR D 47 0.65 -61.89 1.60
C TYR D 47 0.19 -63.32 1.36
N LYS D 48 0.95 -64.32 1.80
CA LYS D 48 0.45 -65.69 1.82
C LYS D 48 -0.54 -65.89 2.96
N LEU D 49 -0.26 -65.31 4.13
CA LEU D 49 -1.24 -65.32 5.21
C LEU D 49 -2.43 -64.42 4.90
N LYS D 50 -2.22 -63.38 4.10
CA LYS D 50 -3.29 -62.46 3.77
C LYS D 50 -4.28 -63.09 2.78
N LEU D 51 -3.80 -63.54 1.63
CA LEU D 51 -4.66 -64.11 0.60
C LEU D 51 -4.43 -65.61 0.44
N GLY D 52 -3.18 -66.03 0.26
CA GLY D 52 -2.88 -67.41 -0.06
C GLY D 52 -2.23 -67.55 -1.42
N GLU D 53 -1.48 -66.54 -1.83
CA GLU D 53 -0.84 -66.51 -3.13
C GLU D 53 0.66 -66.26 -2.98
N ILE D 54 1.38 -66.51 -4.06
CA ILE D 54 2.82 -66.22 -4.14
C ILE D 54 2.97 -65.12 -5.18
N VAL D 55 3.00 -63.87 -4.72
CA VAL D 55 2.92 -62.73 -5.63
C VAL D 55 4.30 -62.23 -5.98
N THR D 56 4.39 -61.55 -7.11
CA THR D 56 5.61 -60.87 -7.54
C THR D 56 5.78 -59.62 -6.69
N THR D 57 6.87 -59.55 -5.94
CA THR D 57 7.08 -58.47 -4.99
C THR D 57 8.46 -57.88 -5.19
N ILE D 58 8.52 -56.56 -5.28
CA ILE D 58 9.76 -55.80 -5.39
C ILE D 58 10.50 -55.87 -4.05
N PRO D 59 11.81 -55.58 -4.00
CA PRO D 59 12.45 -55.40 -2.69
C PRO D 59 11.88 -54.20 -1.97
N THR D 60 11.20 -54.49 -0.86
CA THR D 60 10.33 -53.53 -0.18
C THR D 60 11.11 -52.41 0.47
N ILE D 61 11.19 -51.27 -0.22
CA ILE D 61 11.94 -50.13 0.29
C ILE D 61 11.19 -49.49 1.45
N GLY D 62 9.86 -49.41 1.36
CA GLY D 62 9.08 -48.87 2.45
C GLY D 62 8.70 -49.95 3.42
N PHE D 63 7.40 -50.20 3.58
CA PHE D 63 6.92 -51.19 4.52
C PHE D 63 5.54 -51.64 4.07
N ASN D 64 5.11 -52.78 4.60
CA ASN D 64 3.76 -53.27 4.38
C ASN D 64 3.08 -53.47 5.72
N VAL D 65 1.78 -53.17 5.77
CA VAL D 65 0.95 -53.47 6.92
C VAL D 65 -0.40 -53.99 6.44
N GLU D 66 -0.76 -55.18 6.89
CA GLU D 66 -2.07 -55.75 6.62
C GLU D 66 -2.59 -56.32 7.93
N THR D 67 -3.77 -56.92 7.88
CA THR D 67 -4.29 -57.64 9.02
C THR D 67 -4.79 -59.01 8.56
N VAL D 68 -4.67 -59.98 9.46
CA VAL D 68 -5.16 -61.33 9.24
C VAL D 68 -6.03 -61.70 10.42
N GLU D 69 -7.33 -61.82 10.20
CA GLU D 69 -8.28 -62.22 11.23
C GLU D 69 -8.16 -63.74 11.40
N TYR D 70 -7.78 -64.17 12.59
CA TYR D 70 -7.46 -65.57 12.81
C TYR D 70 -7.59 -65.88 14.29
N LYS D 71 -8.42 -66.89 14.60
CA LYS D 71 -8.71 -67.33 15.97
C LYS D 71 -9.24 -66.20 16.85
N ASN D 72 -10.17 -65.41 16.31
CA ASN D 72 -10.83 -64.26 16.92
C ASN D 72 -9.87 -63.14 17.30
N ILE D 73 -8.65 -63.13 16.75
CA ILE D 73 -7.66 -62.11 17.03
C ILE D 73 -7.17 -61.55 15.70
N SER D 74 -7.39 -60.26 15.48
CA SER D 74 -6.89 -59.60 14.28
C SER D 74 -5.38 -59.40 14.42
N PHE D 75 -4.61 -60.20 13.69
CA PHE D 75 -3.15 -60.06 13.69
C PHE D 75 -2.78 -58.91 12.78
N THR D 76 -2.58 -57.73 13.37
CA THR D 76 -2.13 -56.57 12.61
C THR D 76 -0.63 -56.66 12.42
N VAL D 77 -0.20 -57.07 11.23
CA VAL D 77 1.18 -57.45 10.97
C VAL D 77 1.89 -56.25 10.34
N TRP D 78 3.10 -55.96 10.80
CA TRP D 78 3.88 -54.79 10.38
C TRP D 78 5.21 -55.25 9.79
N ASP D 79 5.24 -55.55 8.50
CA ASP D 79 6.50 -55.90 7.87
C ASP D 79 7.29 -54.66 7.55
N VAL D 80 8.59 -54.69 7.85
CA VAL D 80 9.52 -53.65 7.45
C VAL D 80 10.66 -54.34 6.73
N GLY D 81 11.08 -53.77 5.59
CA GLY D 81 12.16 -54.33 4.82
C GLY D 81 13.51 -54.27 5.52
N GLY D 82 14.52 -54.83 4.85
CA GLY D 82 15.83 -54.93 5.45
C GLY D 82 16.96 -54.34 4.62
N LEU D 83 16.66 -53.31 3.84
CA LEU D 83 17.71 -52.62 3.09
C LEU D 83 18.58 -51.80 4.04
N ASP D 84 19.74 -51.39 3.53
CA ASP D 84 20.73 -50.72 4.37
C ASP D 84 20.27 -49.33 4.79
N LYS D 85 19.56 -48.61 3.93
CA LYS D 85 19.14 -47.26 4.25
C LYS D 85 17.89 -47.20 5.13
N ILE D 86 17.22 -48.34 5.37
CA ILE D 86 15.96 -48.34 6.09
C ILE D 86 16.05 -49.07 7.42
N ARG D 87 17.20 -49.65 7.73
CA ARG D 87 17.39 -50.23 9.06
C ARG D 87 17.35 -49.24 10.23
N PRO D 88 17.93 -48.03 10.18
CA PRO D 88 17.77 -47.12 11.34
C PRO D 88 16.38 -46.55 11.48
N LEU D 89 15.49 -46.74 10.51
CA LEU D 89 14.12 -46.25 10.59
C LEU D 89 13.18 -47.25 11.27
N TRP D 90 13.72 -48.20 12.02
CA TRP D 90 12.90 -49.11 12.80
C TRP D 90 12.54 -48.56 14.17
N ARG D 91 13.33 -47.60 14.67
CA ARG D 91 13.08 -47.00 15.98
C ARG D 91 11.89 -46.06 15.97
N HIS D 92 11.44 -45.63 14.79
CA HIS D 92 10.27 -44.77 14.68
C HIS D 92 8.96 -45.52 14.86
N TYR D 93 8.99 -46.85 14.84
CA TYR D 93 7.82 -47.63 15.20
C TYR D 93 7.86 -48.12 16.64
N PHE D 94 9.04 -48.11 17.28
CA PHE D 94 9.23 -48.79 18.57
C PHE D 94 8.56 -48.09 19.74
N GLN D 95 7.98 -46.90 19.55
CA GLN D 95 7.08 -46.33 20.54
C GLN D 95 5.74 -47.05 20.48
N ASN D 96 5.32 -47.61 21.62
CA ASN D 96 4.09 -48.40 21.77
C ASN D 96 4.10 -49.59 20.81
N THR D 97 5.05 -50.50 21.06
CA THR D 97 5.21 -51.71 20.28
C THR D 97 5.01 -52.92 21.18
N GLN D 98 4.17 -53.86 20.74
CA GLN D 98 3.68 -54.94 21.58
C GLN D 98 4.35 -56.28 21.32
N GLY D 99 4.62 -56.65 20.07
CA GLY D 99 5.21 -57.94 19.80
C GLY D 99 6.35 -57.89 18.78
N LEU D 100 6.99 -59.03 18.50
CA LEU D 100 8.09 -59.05 17.56
C LEU D 100 8.16 -60.42 16.90
N ILE D 101 8.47 -60.41 15.60
CA ILE D 101 8.84 -61.61 14.85
C ILE D 101 10.06 -61.27 14.01
N PHE D 102 11.14 -62.01 14.20
CA PHE D 102 12.36 -61.83 13.43
C PHE D 102 12.48 -63.00 12.45
N VAL D 103 12.82 -62.70 11.21
CA VAL D 103 12.93 -63.70 10.15
C VAL D 103 14.39 -63.75 9.70
N VAL D 104 14.98 -64.94 9.78
CA VAL D 104 16.40 -65.12 9.48
C VAL D 104 16.63 -65.30 8.00
N ASP D 105 17.91 -65.21 7.58
CA ASP D 105 18.34 -65.44 6.21
C ASP D 105 19.30 -66.63 6.25
N SER D 106 18.74 -67.84 6.13
CA SER D 106 19.50 -69.06 6.26
C SER D 106 20.43 -69.34 5.09
N ASN D 107 20.17 -68.73 3.93
CA ASN D 107 20.89 -69.07 2.72
C ASN D 107 21.98 -68.07 2.37
N ASP D 108 22.11 -66.98 3.13
CA ASP D 108 23.18 -66.01 2.94
C ASP D 108 24.04 -66.00 4.20
N ARG D 109 25.13 -66.76 4.15
CA ARG D 109 26.01 -66.87 5.32
C ARG D 109 26.84 -65.59 5.51
N GLU D 110 27.17 -64.90 4.42
CA GLU D 110 27.94 -63.67 4.51
C GLU D 110 27.12 -62.50 5.05
N ARG D 111 25.79 -62.59 5.02
CA ARG D 111 24.93 -61.53 5.50
C ARG D 111 24.18 -61.87 6.78
N VAL D 112 24.15 -63.14 7.20
CA VAL D 112 23.46 -63.50 8.44
C VAL D 112 24.22 -62.97 9.65
N ASN D 113 25.52 -62.73 9.52
CA ASN D 113 26.30 -62.15 10.62
C ASN D 113 25.89 -60.69 10.87
N GLU D 114 25.81 -59.89 9.81
CA GLU D 114 25.34 -58.51 9.98
C GLU D 114 23.84 -58.47 10.25
N ALA D 115 23.09 -59.51 9.89
CA ALA D 115 21.69 -59.61 10.31
C ALA D 115 21.57 -59.81 11.81
N ARG D 116 22.43 -60.68 12.37
CA ARG D 116 22.52 -60.84 13.82
C ARG D 116 22.97 -59.54 14.49
N GLU D 117 23.87 -58.80 13.84
CA GLU D 117 24.32 -57.53 14.40
C GLU D 117 23.20 -56.49 14.40
N GLU D 118 22.40 -56.44 13.33
CA GLU D 118 21.24 -55.56 13.30
C GLU D 118 20.20 -55.99 14.34
N LEU D 119 20.07 -57.30 14.57
CA LEU D 119 19.15 -57.81 15.57
C LEU D 119 19.58 -57.41 16.98
N MET D 120 20.85 -57.62 17.32
CA MET D 120 21.36 -57.21 18.63
C MET D 120 21.44 -55.70 18.78
N ARG D 121 21.54 -54.95 17.69
CA ARG D 121 21.38 -53.50 17.80
C ARG D 121 19.94 -53.15 18.11
N MET D 122 18.99 -53.90 17.55
CA MET D 122 17.58 -53.72 17.88
C MET D 122 17.27 -54.23 19.29
N LEU D 123 17.92 -55.31 19.72
CA LEU D 123 17.68 -55.89 21.04
C LEU D 123 18.42 -55.16 22.16
N ALA D 124 19.16 -54.09 21.84
CA ALA D 124 19.88 -53.31 22.85
C ALA D 124 19.11 -52.08 23.29
N GLU D 125 17.78 -52.13 23.22
CA GLU D 125 16.95 -51.03 23.65
C GLU D 125 16.12 -51.43 24.87
N ASP D 126 15.90 -50.46 25.75
CA ASP D 126 15.00 -50.61 26.88
C ASP D 126 13.58 -50.19 26.53
N GLU D 127 13.37 -49.73 25.30
CA GLU D 127 12.08 -49.29 24.80
C GLU D 127 11.19 -50.44 24.35
N LEU D 128 11.75 -51.37 23.58
CA LEU D 128 11.09 -52.62 23.23
C LEU D 128 11.57 -53.65 24.23
N ARG D 129 10.80 -53.85 25.30
CA ARG D 129 11.25 -54.68 26.41
C ARG D 129 10.21 -55.72 26.78
N ASP D 130 8.97 -55.52 26.34
CA ASP D 130 7.86 -56.38 26.71
C ASP D 130 7.49 -57.36 25.60
N ALA D 131 8.09 -57.21 24.42
CA ALA D 131 7.67 -57.97 23.25
C ALA D 131 8.15 -59.41 23.34
N VAL D 132 7.31 -60.34 22.87
CA VAL D 132 7.74 -61.72 22.70
C VAL D 132 8.52 -61.86 21.40
N LEU D 133 9.35 -62.90 21.34
CA LEU D 133 10.15 -63.16 20.16
C LEU D 133 9.67 -64.42 19.47
N LEU D 134 9.77 -64.42 18.14
CA LEU D 134 9.35 -65.57 17.35
C LEU D 134 10.20 -65.62 16.09
N VAL D 135 11.07 -66.60 15.99
CA VAL D 135 12.01 -66.70 14.89
C VAL D 135 11.47 -67.67 13.85
N PHE D 136 11.46 -67.24 12.59
CA PHE D 136 11.03 -68.09 11.47
C PHE D 136 12.22 -68.43 10.61
N ALA D 137 12.58 -69.71 10.56
CA ALA D 137 13.51 -70.21 9.57
C ALA D 137 12.79 -70.24 8.23
N ASN D 138 13.10 -69.27 7.37
CA ASN D 138 12.34 -69.05 6.15
C ASN D 138 13.12 -69.59 4.96
N LYS D 139 12.40 -69.74 3.84
CA LYS D 139 12.91 -70.23 2.55
C LYS D 139 13.50 -71.64 2.69
N GLN D 140 12.71 -72.51 3.31
CA GLN D 140 13.14 -73.89 3.55
C GLN D 140 12.77 -74.78 2.36
N ASP D 141 13.44 -74.52 1.24
CA ASP D 141 13.30 -75.32 0.03
C ASP D 141 14.63 -75.74 -0.58
N LEU D 142 15.73 -75.09 -0.22
CA LEU D 142 17.12 -75.33 -0.60
C LEU D 142 17.77 -76.25 0.42
N PRO D 143 18.65 -77.16 0.00
CA PRO D 143 19.31 -78.06 0.97
C PRO D 143 20.34 -77.35 1.84
N ASN D 144 20.84 -76.19 1.41
CA ASN D 144 21.84 -75.47 2.18
C ASN D 144 21.27 -74.77 3.40
N ALA D 145 19.95 -74.62 3.48
CA ALA D 145 19.34 -73.95 4.61
C ALA D 145 19.39 -74.83 5.85
N MET D 146 19.68 -74.21 6.99
CA MET D 146 19.90 -74.92 8.23
C MET D 146 18.58 -75.33 8.86
N ASN D 147 18.67 -76.10 9.94
CA ASN D 147 17.50 -76.59 10.65
C ASN D 147 17.13 -75.60 11.77
N ALA D 148 16.19 -76.00 12.63
CA ALA D 148 15.68 -75.14 13.68
C ALA D 148 16.51 -75.22 14.96
N ALA D 149 17.76 -75.66 14.88
CA ALA D 149 18.61 -75.74 16.06
C ALA D 149 19.92 -75.02 15.82
N GLU D 150 20.45 -75.13 14.61
CA GLU D 150 21.73 -74.51 14.29
C GLU D 150 21.60 -72.99 14.19
N ILE D 151 20.44 -72.51 13.75
CA ILE D 151 20.19 -71.08 13.67
C ILE D 151 20.15 -70.46 15.05
N THR D 152 19.63 -71.20 16.04
CA THR D 152 19.62 -70.74 17.42
C THR D 152 21.03 -70.60 17.97
N ASP D 153 21.89 -71.56 17.67
CA ASP D 153 23.26 -71.53 18.19
C ASP D 153 24.11 -70.50 17.46
N LYS D 154 23.83 -70.25 16.17
CA LYS D 154 24.52 -69.16 15.47
C LYS D 154 24.06 -67.80 15.97
N LEU D 155 22.76 -67.64 16.20
CA LEU D 155 22.25 -66.38 16.74
C LEU D 155 22.50 -66.22 18.23
N GLY D 156 22.56 -67.31 18.98
CA GLY D 156 22.68 -67.22 20.43
C GLY D 156 21.39 -66.74 21.05
N LEU D 157 20.30 -67.44 20.77
CA LEU D 157 18.99 -67.04 21.28
C LEU D 157 18.77 -67.47 22.72
N HIS D 158 19.63 -68.34 23.25
CA HIS D 158 19.51 -68.79 24.63
C HIS D 158 19.91 -67.72 25.63
N SER D 159 20.86 -66.85 25.27
CA SER D 159 21.39 -65.84 26.19
C SER D 159 20.65 -64.51 26.09
N LEU D 160 19.39 -64.53 25.68
CA LEU D 160 18.57 -63.33 25.55
C LEU D 160 17.59 -63.29 26.71
N ARG D 161 17.90 -62.48 27.71
CA ARG D 161 17.06 -62.37 28.90
C ARG D 161 15.79 -61.58 28.57
N HIS D 162 14.68 -62.00 29.22
CA HIS D 162 13.34 -61.45 29.04
C HIS D 162 12.87 -61.55 27.59
N ARG D 163 13.24 -62.63 26.91
CA ARG D 163 12.80 -62.89 25.54
C ARG D 163 12.17 -64.27 25.50
N ASN D 164 10.84 -64.31 25.45
CA ASN D 164 10.09 -65.57 25.39
C ASN D 164 10.14 -66.04 23.94
N TRP D 165 11.23 -66.67 23.54
CA TRP D 165 11.49 -66.93 22.14
C TRP D 165 11.13 -68.36 21.76
N TYR D 166 10.92 -68.55 20.46
CA TYR D 166 10.53 -69.83 19.89
C TYR D 166 10.88 -69.82 18.42
N ILE D 167 11.34 -70.93 17.91
CA ILE D 167 11.80 -71.00 16.53
C ILE D 167 10.82 -71.85 15.73
N GLN D 168 10.77 -71.62 14.42
CA GLN D 168 9.88 -72.34 13.53
C GLN D 168 10.49 -72.39 12.14
N ALA D 169 10.42 -73.54 11.49
CA ALA D 169 10.87 -73.70 10.11
C ALA D 169 9.69 -73.44 9.19
N THR D 170 9.83 -72.44 8.32
CA THR D 170 8.75 -72.04 7.42
C THR D 170 9.22 -72.13 5.98
N CYS D 171 8.44 -72.80 5.15
CA CYS D 171 8.66 -72.81 3.70
C CYS D 171 7.69 -71.82 3.07
N ALA D 172 8.23 -70.89 2.29
CA ALA D 172 7.43 -69.76 1.82
C ALA D 172 6.48 -70.16 0.69
N THR D 173 6.96 -70.95 -0.27
CA THR D 173 6.15 -71.28 -1.44
C THR D 173 5.01 -72.24 -1.12
N SER D 174 5.17 -73.09 -0.10
CA SER D 174 4.13 -74.03 0.29
C SER D 174 3.21 -73.46 1.37
N GLY D 175 3.76 -72.69 2.30
CA GLY D 175 2.99 -72.15 3.39
C GLY D 175 2.94 -73.00 4.64
N ASP D 176 3.96 -73.81 4.89
CA ASP D 176 3.97 -74.71 6.03
C ASP D 176 4.67 -74.07 7.22
N GLY D 177 4.14 -74.31 8.42
CA GLY D 177 4.69 -73.74 9.63
C GLY D 177 4.20 -72.35 9.95
N LEU D 178 3.34 -71.78 9.13
CA LEU D 178 2.87 -70.41 9.36
C LEU D 178 1.75 -70.39 10.39
N TYR D 179 0.77 -71.27 10.23
CA TYR D 179 -0.34 -71.36 11.17
C TYR D 179 0.11 -71.86 12.55
N GLU D 180 1.16 -72.69 12.59
CA GLU D 180 1.71 -73.12 13.88
C GLU D 180 2.35 -71.96 14.63
N GLY D 181 3.08 -71.11 13.89
CA GLY D 181 3.67 -69.93 14.51
C GLY D 181 2.62 -68.92 14.94
N LEU D 182 1.56 -68.77 14.14
CA LEU D 182 0.44 -67.93 14.54
C LEU D 182 -0.29 -68.48 15.75
N ASP D 183 -0.35 -69.80 15.87
CA ASP D 183 -1.04 -70.40 17.01
C ASP D 183 -0.22 -70.24 18.29
N TRP D 184 1.10 -70.41 18.20
CA TRP D 184 1.97 -70.14 19.35
C TRP D 184 1.93 -68.65 19.70
N LEU D 185 1.82 -67.79 18.69
CA LEU D 185 1.67 -66.36 18.93
C LEU D 185 0.37 -66.06 19.65
N SER D 186 -0.72 -66.76 19.28
CA SER D 186 -1.99 -66.58 19.99
C SER D 186 -1.90 -67.10 21.42
N ASN D 187 -1.09 -68.13 21.66
CA ASN D 187 -0.85 -68.57 23.03
C ASN D 187 0.02 -67.58 23.79
N GLN D 188 0.78 -66.74 23.09
CA GLN D 188 1.60 -65.75 23.79
C GLN D 188 0.89 -64.41 23.99
N LEU D 189 -0.04 -64.04 23.11
CA LEU D 189 -0.69 -62.74 23.20
C LEU D 189 -1.64 -62.70 24.39
N ARG D 190 -2.64 -63.55 24.40
CA ARG D 190 -3.41 -63.84 25.59
C ARG D 190 -2.72 -64.95 26.37
N ASN D 191 -2.76 -64.84 27.69
CA ASN D 191 -2.15 -65.83 28.57
C ASN D 191 -3.23 -66.68 29.23
N GLN D 192 -4.36 -66.83 28.53
CA GLN D 192 -5.48 -67.60 29.03
C GLN D 192 -5.96 -68.60 27.98
N LYS D 193 -7.05 -69.28 28.28
CA LYS D 193 -7.59 -70.33 27.40
C LYS D 193 -8.16 -69.75 26.10
N PRO E 4 -30.92 9.86 19.14
CA PRO E 4 -29.47 10.08 19.21
C PRO E 4 -28.81 8.99 20.03
N ILE E 5 -27.82 8.30 19.47
CA ILE E 5 -27.19 7.20 20.20
C ILE E 5 -26.07 7.75 21.06
N ARG E 6 -25.61 6.91 22.00
CA ARG E 6 -24.54 7.30 22.90
C ARG E 6 -23.19 7.07 22.24
N LEU E 7 -22.13 7.45 22.96
CA LEU E 7 -20.78 7.25 22.46
C LEU E 7 -20.38 5.78 22.49
N ARG E 8 -20.76 5.07 23.56
CA ARG E 8 -20.35 3.68 23.72
C ARG E 8 -21.00 2.80 22.67
N GLU E 9 -22.22 3.16 22.26
CA GLU E 9 -22.88 2.45 21.18
C GLU E 9 -22.16 2.66 19.85
N LEU E 10 -21.66 3.88 19.61
CA LEU E 10 -20.93 4.13 18.37
C LEU E 10 -19.61 3.37 18.36
N ILE E 11 -18.92 3.34 19.50
CA ILE E 11 -17.65 2.63 19.54
C ILE E 11 -17.84 1.12 19.42
N ARG E 12 -18.92 0.59 20.02
CA ARG E 12 -19.24 -0.83 19.86
C ARG E 12 -19.67 -1.15 18.43
N THR E 13 -20.30 -0.20 17.74
CA THR E 13 -20.68 -0.44 16.35
C THR E 13 -19.46 -0.39 15.43
N ILE E 14 -18.54 0.54 15.68
CA ILE E 14 -17.34 0.65 14.86
C ILE E 14 -16.41 -0.53 15.07
N ARG E 15 -16.35 -1.07 16.28
CA ARG E 15 -15.50 -2.23 16.51
C ARG E 15 -16.04 -3.51 15.89
N THR E 16 -17.31 -3.55 15.50
CA THR E 16 -17.85 -4.72 14.81
C THR E 16 -17.65 -4.65 13.30
N ALA E 17 -17.07 -3.57 12.77
CA ALA E 17 -16.81 -3.48 11.35
C ALA E 17 -15.51 -4.19 11.03
N ARG E 18 -15.51 -4.98 9.95
CA ARG E 18 -14.38 -5.84 9.63
C ARG E 18 -13.44 -5.17 8.62
N THR E 19 -13.97 -4.78 7.47
CA THR E 19 -13.20 -4.14 6.42
C THR E 19 -13.32 -2.63 6.58
N GLN E 20 -12.23 -1.91 6.27
CA GLN E 20 -12.27 -0.46 6.30
C GLN E 20 -13.24 0.10 5.26
N ALA E 21 -13.48 -0.62 4.17
CA ALA E 21 -14.53 -0.25 3.24
C ALA E 21 -15.93 -0.57 3.76
N GLU E 22 -16.06 -1.11 4.97
CA GLU E 22 -17.31 -1.16 5.71
C GLU E 22 -17.29 -0.25 6.92
N GLU E 23 -16.12 -0.06 7.52
CA GLU E 23 -15.97 0.85 8.64
C GLU E 23 -16.20 2.30 8.22
N ARG E 24 -15.82 2.66 6.98
CA ARG E 24 -16.16 3.99 6.46
C ARG E 24 -17.67 4.14 6.31
N GLU E 25 -18.37 3.05 6.00
CA GLU E 25 -19.80 3.13 5.84
C GLU E 25 -20.48 3.33 7.18
N MET E 26 -20.04 2.59 8.20
CA MET E 26 -20.58 2.77 9.54
C MET E 26 -20.15 4.09 10.17
N ILE E 27 -19.05 4.69 9.73
CA ILE E 27 -18.75 6.07 10.14
C ILE E 27 -19.74 7.05 9.51
N GLN E 28 -19.91 6.98 8.19
CA GLN E 28 -20.68 8.00 7.50
C GLN E 28 -22.17 7.90 7.81
N LYS E 29 -22.65 6.70 8.20
CA LYS E 29 -24.02 6.55 8.67
C LYS E 29 -24.32 7.43 9.87
N GLU E 30 -23.49 7.36 10.91
CA GLU E 30 -23.68 8.19 12.08
C GLU E 30 -23.23 9.62 11.87
N CYS E 31 -22.29 9.83 10.94
CA CYS E 31 -21.81 11.16 10.60
C CYS E 31 -22.91 12.01 9.97
N ALA E 32 -23.77 11.39 9.15
CA ALA E 32 -24.93 12.10 8.64
C ALA E 32 -25.92 12.46 9.73
N ALA E 33 -26.08 11.58 10.73
CA ALA E 33 -26.98 11.90 11.83
C ALA E 33 -26.43 13.03 12.69
N ILE E 34 -25.11 13.09 12.86
CA ILE E 34 -24.49 14.19 13.59
C ILE E 34 -24.67 15.50 12.82
N ARG E 35 -24.51 15.47 11.50
CA ARG E 35 -24.71 16.67 10.69
C ARG E 35 -26.17 17.14 10.75
N SER E 36 -27.12 16.20 10.68
CA SER E 36 -28.52 16.55 10.79
C SER E 36 -28.89 17.09 12.16
N SER E 37 -28.34 16.54 13.23
CA SER E 37 -28.56 17.08 14.56
C SER E 37 -27.88 18.43 14.77
N PHE E 38 -26.85 18.73 13.99
CA PHE E 38 -26.28 20.07 14.02
C PHE E 38 -27.08 21.08 13.22
N ARG E 39 -27.82 20.64 12.21
CA ARG E 39 -28.68 21.57 11.51
C ARG E 39 -30.00 21.83 12.22
N GLU E 40 -30.28 21.12 13.30
CA GLU E 40 -31.45 21.44 14.11
C GLU E 40 -31.13 22.41 15.23
N GLU E 41 -29.86 22.75 15.42
CA GLU E 41 -29.34 23.60 16.49
C GLU E 41 -29.77 23.08 17.86
N ASP E 42 -29.43 21.81 18.11
CA ASP E 42 -29.80 21.18 19.37
C ASP E 42 -28.99 21.74 20.52
N ASN E 43 -29.53 21.60 21.72
CA ASN E 43 -28.84 22.01 22.94
C ASN E 43 -28.85 20.94 24.01
N THR E 44 -29.53 19.83 23.79
CA THR E 44 -29.54 18.74 24.75
C THR E 44 -28.50 17.68 24.39
N TYR E 45 -28.59 17.14 23.19
CA TYR E 45 -27.76 16.01 22.77
C TYR E 45 -26.46 16.46 22.11
N ARG E 46 -26.16 17.76 22.12
CA ARG E 46 -25.01 18.27 21.40
C ARG E 46 -23.68 17.80 22.00
N CYS E 47 -23.66 17.51 23.31
CA CYS E 47 -22.50 16.96 23.98
C CYS E 47 -22.07 15.63 23.38
N ARG E 48 -22.97 14.66 23.34
CA ARG E 48 -22.63 13.35 22.81
C ARG E 48 -22.40 13.36 21.31
N ASN E 49 -23.00 14.30 20.58
CA ASN E 49 -22.69 14.41 19.16
C ASN E 49 -21.27 14.89 18.93
N VAL E 50 -20.82 15.91 19.68
CA VAL E 50 -19.45 16.35 19.50
C VAL E 50 -18.46 15.31 20.05
N ALA E 51 -18.86 14.51 21.05
CA ALA E 51 -18.00 13.42 21.51
C ALA E 51 -17.85 12.34 20.44
N LYS E 52 -18.95 11.96 19.78
CA LYS E 52 -18.88 11.03 18.66
C LYS E 52 -18.06 11.58 17.51
N LEU E 53 -18.13 12.89 17.30
CA LEU E 53 -17.36 13.51 16.22
C LEU E 53 -15.87 13.54 16.55
N LEU E 54 -15.52 13.70 17.82
CA LEU E 54 -14.11 13.59 18.21
C LEU E 54 -13.62 12.17 18.08
N TYR E 55 -14.50 11.18 18.31
CA TYR E 55 -14.11 9.80 18.06
C TYR E 55 -13.87 9.56 16.58
N MET E 56 -14.71 10.13 15.71
CA MET E 56 -14.51 9.98 14.28
C MET E 56 -13.24 10.69 13.81
N HIS E 57 -12.87 11.79 14.47
CA HIS E 57 -11.61 12.43 14.16
C HIS E 57 -10.43 11.58 14.62
N MET E 58 -10.59 10.86 15.74
CA MET E 58 -9.46 10.13 16.31
C MET E 58 -9.06 8.96 15.43
N LEU E 59 -10.00 8.40 14.68
CA LEU E 59 -9.63 7.42 13.66
C LEU E 59 -8.97 8.07 12.46
N GLY E 60 -9.36 9.30 12.13
CA GLY E 60 -8.79 9.98 10.98
C GLY E 60 -9.80 10.22 9.88
N TYR E 61 -11.05 10.41 10.25
CA TYR E 61 -12.10 10.71 9.30
C TYR E 61 -12.38 12.21 9.31
N PRO E 62 -12.99 12.79 8.28
CA PRO E 62 -13.18 14.24 8.25
C PRO E 62 -14.16 14.72 9.32
N ALA E 63 -13.66 15.63 10.15
CA ALA E 63 -14.45 16.25 11.21
C ALA E 63 -14.39 17.76 11.10
N HIS E 64 -14.17 18.27 9.89
CA HIS E 64 -14.00 19.70 9.67
C HIS E 64 -15.28 20.47 9.88
N PHE E 65 -16.43 19.85 9.65
CA PHE E 65 -17.70 20.54 9.82
C PHE E 65 -18.05 20.75 11.29
N GLY E 66 -17.48 19.95 12.18
CA GLY E 66 -17.82 20.02 13.58
C GLY E 66 -16.95 20.98 14.38
N GLN E 67 -16.32 21.93 13.69
CA GLN E 67 -15.49 22.92 14.34
C GLN E 67 -16.30 24.03 14.98
N LEU E 68 -17.37 24.47 14.33
CA LEU E 68 -18.20 25.54 14.89
C LEU E 68 -19.04 25.04 16.06
N GLU E 69 -19.42 23.78 16.05
CA GLU E 69 -20.22 23.24 17.13
C GLU E 69 -19.40 22.92 18.37
N CYS E 70 -18.07 22.95 18.27
CA CYS E 70 -17.30 23.06 19.48
C CYS E 70 -17.41 24.45 20.06
N LEU E 71 -17.39 25.48 19.21
CA LEU E 71 -17.53 26.86 19.66
C LEU E 71 -18.90 27.12 20.24
N LYS E 72 -19.92 26.39 19.79
CA LYS E 72 -21.22 26.53 20.44
C LYS E 72 -21.26 25.82 21.78
N LEU E 73 -20.33 24.90 22.03
CA LEU E 73 -20.27 24.27 23.35
C LEU E 73 -19.42 25.06 24.32
N ILE E 74 -18.40 25.78 23.82
CA ILE E 74 -17.55 26.57 24.71
C ILE E 74 -18.33 27.71 25.32
N ALA E 75 -19.23 28.32 24.55
CA ALA E 75 -20.05 29.43 25.01
C ALA E 75 -21.37 28.97 25.61
N SER E 76 -21.43 27.76 26.14
CA SER E 76 -22.62 27.26 26.82
C SER E 76 -22.57 27.69 28.29
N GLN E 77 -23.44 27.09 29.10
CA GLN E 77 -23.50 27.41 30.52
C GLN E 77 -23.44 26.20 31.42
N LYS E 78 -23.71 25.00 30.92
CA LYS E 78 -23.47 23.81 31.70
C LYS E 78 -21.98 23.48 31.68
N PHE E 79 -21.56 22.61 32.60
CA PHE E 79 -20.15 22.29 32.70
C PHE E 79 -19.71 21.19 31.75
N THR E 80 -20.56 20.18 31.55
CA THR E 80 -20.19 19.07 30.68
C THR E 80 -20.02 19.53 29.24
N ASP E 81 -20.87 20.47 28.80
CA ASP E 81 -20.72 21.05 27.47
C ASP E 81 -19.45 21.88 27.37
N LYS E 82 -19.07 22.58 28.45
CA LYS E 82 -17.81 23.33 28.42
C LYS E 82 -16.62 22.39 28.35
N ARG E 83 -16.71 21.25 29.04
CA ARG E 83 -15.62 20.28 29.02
C ARG E 83 -15.42 19.69 27.63
N ILE E 84 -16.51 19.23 27.00
CA ILE E 84 -16.40 18.66 25.67
C ILE E 84 -16.07 19.75 24.65
N GLY E 85 -16.48 20.99 24.90
CA GLY E 85 -16.14 22.07 24.00
C GLY E 85 -14.66 22.40 24.01
N TYR E 86 -14.06 22.49 25.20
CA TYR E 86 -12.63 22.77 25.23
C TYR E 86 -11.81 21.56 24.76
N LEU E 87 -12.30 20.34 24.97
CA LEU E 87 -11.60 19.18 24.42
C LEU E 87 -11.64 19.18 22.89
N GLY E 88 -12.81 19.50 22.31
CA GLY E 88 -12.90 19.61 20.87
C GLY E 88 -12.15 20.80 20.32
N ALA E 89 -11.98 21.83 21.14
CA ALA E 89 -11.14 22.96 20.73
C ALA E 89 -9.68 22.56 20.68
N MET E 90 -9.23 21.76 21.65
CA MET E 90 -7.84 21.33 21.63
C MET E 90 -7.57 20.25 20.60
N LEU E 91 -8.59 19.51 20.17
CA LEU E 91 -8.35 18.52 19.13
C LEU E 91 -8.57 19.08 17.73
N LEU E 92 -9.76 19.59 17.44
CA LEU E 92 -10.13 19.95 16.07
C LEU E 92 -9.48 21.24 15.59
N LEU E 93 -9.03 22.11 16.48
CA LEU E 93 -8.57 23.42 16.10
C LEU E 93 -7.08 23.55 16.36
N ASP E 94 -6.43 24.40 15.58
CA ASP E 94 -5.01 24.67 15.72
C ASP E 94 -4.76 26.10 15.26
N GLU E 95 -3.49 26.42 14.99
CA GLU E 95 -3.16 27.77 14.52
C GLU E 95 -3.69 28.01 13.12
N ARG E 96 -3.49 27.05 12.22
CA ARG E 96 -3.77 27.26 10.80
C ARG E 96 -5.16 26.81 10.38
N GLN E 97 -6.12 26.79 11.31
CA GLN E 97 -7.48 26.50 10.91
C GLN E 97 -8.26 27.77 10.58
N ASP E 98 -7.93 28.88 11.26
CA ASP E 98 -8.36 30.26 11.03
C ASP E 98 -9.80 30.50 11.48
N VAL E 99 -10.51 29.45 11.90
CA VAL E 99 -11.76 29.63 12.62
C VAL E 99 -11.54 29.66 14.12
N HIS E 100 -10.28 29.63 14.55
CA HIS E 100 -9.94 29.58 15.97
C HIS E 100 -9.81 30.95 16.58
N LEU E 101 -10.08 32.01 15.82
CA LEU E 101 -10.12 33.34 16.42
C LEU E 101 -11.37 33.54 17.26
N LEU E 102 -12.37 32.70 17.07
CA LEU E 102 -13.63 32.83 17.81
C LEU E 102 -13.52 32.32 19.24
N MET E 103 -12.47 31.60 19.58
CA MET E 103 -12.32 31.09 20.94
C MET E 103 -11.87 32.16 21.92
N THR E 104 -11.39 33.30 21.41
CA THR E 104 -10.69 34.28 22.24
C THR E 104 -11.61 34.90 23.27
N ASN E 105 -12.80 35.31 22.85
CA ASN E 105 -13.75 35.94 23.75
C ASN E 105 -14.28 34.94 24.78
N CYS E 106 -14.48 33.69 24.38
CA CYS E 106 -15.01 32.70 25.31
C CYS E 106 -13.97 32.32 26.35
N ILE E 107 -12.70 32.18 25.94
CA ILE E 107 -11.64 31.91 26.91
C ILE E 107 -11.44 33.10 27.83
N LYS E 108 -11.56 34.32 27.30
CA LYS E 108 -11.37 35.52 28.12
C LYS E 108 -12.50 35.69 29.11
N ASN E 109 -13.72 35.29 28.76
CA ASN E 109 -14.80 35.29 29.73
C ASN E 109 -14.72 34.11 30.69
N ASP E 110 -14.07 33.03 30.29
CA ASP E 110 -13.95 31.88 31.18
C ASP E 110 -12.70 31.90 32.03
N LEU E 111 -11.83 32.90 31.86
CA LEU E 111 -10.76 33.12 32.83
C LEU E 111 -11.22 33.97 34.00
N ASN E 112 -12.29 34.73 33.84
CA ASN E 112 -12.89 35.51 34.91
C ASN E 112 -14.09 34.79 35.52
N HIS E 113 -14.22 33.49 35.24
CA HIS E 113 -15.33 32.70 35.73
C HIS E 113 -15.16 32.44 37.23
N SER E 114 -16.28 32.20 37.90
CA SER E 114 -16.26 32.03 39.35
C SER E 114 -15.65 30.71 39.78
N THR E 115 -16.13 29.60 39.23
CA THR E 115 -15.58 28.29 39.57
C THR E 115 -14.21 28.12 38.94
N GLN E 116 -13.25 27.62 39.73
CA GLN E 116 -11.87 27.47 39.28
C GLN E 116 -11.70 26.44 38.16
N PHE E 117 -12.62 25.48 38.02
CA PHE E 117 -12.47 24.44 37.03
C PHE E 117 -12.74 24.91 35.61
N VAL E 118 -13.63 25.89 35.45
CA VAL E 118 -13.79 26.50 34.13
C VAL E 118 -12.56 27.31 33.77
N GLN E 119 -11.98 28.00 34.76
CA GLN E 119 -10.69 28.64 34.58
C GLN E 119 -9.59 27.62 34.34
N GLY E 120 -9.72 26.42 34.93
CA GLY E 120 -8.76 25.38 34.66
C GLY E 120 -8.79 24.91 33.22
N LEU E 121 -9.99 24.75 32.65
CA LEU E 121 -10.11 24.33 31.26
C LEU E 121 -9.68 25.44 30.31
N ALA E 122 -9.96 26.70 30.67
CA ALA E 122 -9.52 27.80 29.83
C ALA E 122 -8.01 27.99 29.84
N LEU E 123 -7.36 27.73 30.97
CA LEU E 123 -5.90 27.72 30.97
C LEU E 123 -5.33 26.51 30.26
N CYS E 124 -6.05 25.38 30.34
CA CYS E 124 -5.64 24.15 29.66
C CYS E 124 -5.61 24.32 28.14
N THR E 125 -6.68 24.87 27.57
CA THR E 125 -6.76 25.03 26.12
C THR E 125 -5.77 26.06 25.61
N LEU E 126 -5.62 27.18 26.33
CA LEU E 126 -4.70 28.21 25.91
C LEU E 126 -3.25 27.76 26.08
N GLY E 127 -2.97 26.89 27.04
CA GLY E 127 -1.64 26.36 27.17
C GLY E 127 -1.33 25.32 26.11
N CYS E 128 -2.33 24.54 25.71
CA CYS E 128 -2.07 23.50 24.72
C CYS E 128 -1.95 24.07 23.31
N MET E 129 -2.85 24.98 22.91
CA MET E 129 -2.92 25.28 21.49
C MET E 129 -3.12 26.76 21.16
N GLY E 130 -2.61 27.68 21.97
CA GLY E 130 -2.68 29.09 21.61
C GLY E 130 -1.82 29.42 20.41
N SER E 131 -2.17 30.51 19.74
CA SER E 131 -1.51 30.90 18.51
C SER E 131 -0.73 32.19 18.70
N SER E 132 -0.14 32.68 17.61
CA SER E 132 0.63 33.91 17.65
C SER E 132 -0.24 35.15 17.79
N GLU E 133 -1.55 35.04 17.58
CA GLU E 133 -2.46 36.16 17.73
C GLU E 133 -3.37 36.06 18.94
N MET E 134 -3.73 34.85 19.37
CA MET E 134 -4.52 34.70 20.59
C MET E 134 -3.72 35.06 21.82
N CYS E 135 -2.41 34.77 21.82
CA CYS E 135 -1.61 34.98 23.01
C CYS E 135 -1.21 36.44 23.18
N ARG E 136 -1.32 37.24 22.11
CA ARG E 136 -1.03 38.66 22.23
C ARG E 136 -2.14 39.42 22.94
N ASP E 137 -3.31 38.83 23.08
CA ASP E 137 -4.44 39.47 23.73
C ASP E 137 -4.90 38.75 24.98
N LEU E 138 -4.18 37.71 25.41
CA LEU E 138 -4.53 36.96 26.59
C LEU E 138 -3.49 36.98 27.69
N ALA E 139 -2.24 37.35 27.39
CA ALA E 139 -1.19 37.32 28.40
C ALA E 139 -1.36 38.41 29.43
N GLY E 140 -2.14 39.44 29.13
CA GLY E 140 -2.49 40.42 30.14
C GLY E 140 -3.45 39.88 31.18
N GLU E 141 -4.17 38.82 30.84
CA GLU E 141 -5.08 38.18 31.78
C GLU E 141 -4.49 36.94 32.45
N VAL E 142 -3.45 36.34 31.85
CA VAL E 142 -2.79 35.22 32.50
C VAL E 142 -1.97 35.69 33.68
N GLU E 143 -1.32 36.85 33.55
CA GLU E 143 -0.57 37.42 34.67
C GLU E 143 -1.49 37.91 35.77
N LYS E 144 -2.75 38.22 35.46
CA LYS E 144 -3.74 38.43 36.50
C LYS E 144 -4.02 37.13 37.26
N LEU E 145 -4.09 36.01 36.53
CA LEU E 145 -4.22 34.70 37.14
C LEU E 145 -2.91 34.15 37.67
N LEU E 146 -1.82 34.90 37.57
CA LEU E 146 -0.54 34.46 38.09
C LEU E 146 -0.23 35.08 39.44
N LYS E 147 -0.77 36.26 39.73
CA LYS E 147 -0.65 36.89 41.04
C LYS E 147 -1.63 36.33 42.06
N THR E 148 -2.46 35.37 41.68
CA THR E 148 -3.56 34.92 42.53
C THR E 148 -3.02 34.02 43.64
N SER E 149 -3.93 33.57 44.52
CA SER E 149 -3.56 32.75 45.66
C SER E 149 -4.07 31.33 45.55
N ASN E 150 -4.82 31.00 44.50
CA ASN E 150 -5.32 29.64 44.31
C ASN E 150 -4.19 28.76 43.81
N SER E 151 -3.82 27.77 44.62
CA SER E 151 -2.66 26.94 44.30
C SER E 151 -2.95 25.99 43.14
N TYR E 152 -4.23 25.68 42.89
CA TYR E 152 -4.57 24.86 41.75
C TYR E 152 -4.38 25.58 40.42
N LEU E 153 -4.48 26.91 40.41
CA LEU E 153 -4.42 27.64 39.16
C LEU E 153 -3.08 28.31 38.90
N ARG E 154 -2.23 28.42 39.92
CA ARG E 154 -0.88 28.94 39.70
C ARG E 154 -0.09 28.02 38.78
N LYS E 155 -0.24 26.71 38.98
CA LYS E 155 0.48 25.74 38.17
C LYS E 155 0.01 25.73 36.72
N LYS E 156 -1.24 26.10 36.48
CA LYS E 156 -1.71 26.19 35.11
C LYS E 156 -1.33 27.51 34.46
N ALA E 157 -1.40 28.61 35.23
CA ALA E 157 -1.03 29.91 34.70
C ALA E 157 0.45 29.98 34.37
N ALA E 158 1.29 29.27 35.13
CA ALA E 158 2.72 29.28 34.84
C ALA E 158 3.04 28.59 33.52
N LEU E 159 2.42 27.43 33.26
CA LEU E 159 2.70 26.74 32.01
C LEU E 159 2.01 27.43 30.83
N CYS E 160 0.89 28.10 31.08
CA CYS E 160 0.31 28.95 30.04
C CYS E 160 1.24 30.12 29.71
N ALA E 161 1.91 30.67 30.72
CA ALA E 161 2.93 31.67 30.46
C ALA E 161 4.12 31.10 29.70
N VAL E 162 4.49 29.85 29.99
CA VAL E 162 5.53 29.16 29.22
C VAL E 162 5.13 29.07 27.75
N HIS E 163 3.87 28.73 27.49
CA HIS E 163 3.40 28.60 26.12
C HIS E 163 3.34 29.95 25.41
N VAL E 164 2.92 31.00 26.11
CA VAL E 164 2.85 32.30 25.44
C VAL E 164 4.22 32.94 25.28
N ILE E 165 5.21 32.53 26.06
CA ILE E 165 6.57 33.00 25.81
C ILE E 165 7.19 32.20 24.67
N ARG E 166 6.85 30.91 24.55
CA ARG E 166 7.37 30.10 23.46
C ARG E 166 6.79 30.53 22.12
N LYS E 167 5.52 30.91 22.09
CA LYS E 167 4.93 31.37 20.83
C LYS E 167 5.27 32.83 20.54
N VAL E 168 5.14 33.70 21.53
CA VAL E 168 5.46 35.11 21.31
C VAL E 168 6.67 35.47 22.16
N PRO E 169 7.87 35.51 21.58
CA PRO E 169 9.08 35.79 22.37
C PRO E 169 9.24 37.25 22.76
N GLU E 170 8.51 38.17 22.15
CA GLU E 170 8.55 39.58 22.51
C GLU E 170 7.53 39.93 23.58
N LEU E 171 7.13 38.96 24.40
CA LEU E 171 6.08 39.13 25.39
C LEU E 171 6.55 38.75 26.79
N MET E 172 7.77 38.23 26.92
CA MET E 172 8.31 37.79 28.20
C MET E 172 8.67 38.93 29.13
N GLU E 173 8.71 40.17 28.64
CA GLU E 173 9.11 41.29 29.48
C GLU E 173 8.02 41.69 30.46
N MET E 174 6.76 41.33 30.21
CA MET E 174 5.68 41.64 31.14
C MET E 174 5.53 40.59 32.21
N PHE E 175 6.28 39.49 32.10
CA PHE E 175 6.29 38.47 33.14
C PHE E 175 7.43 38.65 34.13
N LEU E 176 8.43 39.48 33.81
CA LEU E 176 9.45 39.83 34.79
C LEU E 176 8.89 40.57 36.01
N PRO E 177 7.94 41.51 35.93
CA PRO E 177 7.25 41.93 37.15
C PRO E 177 6.17 40.98 37.62
N ALA E 178 5.93 39.87 36.92
CA ALA E 178 4.97 38.87 37.36
C ALA E 178 5.62 37.69 38.06
N THR E 179 6.88 37.42 37.77
CA THR E 179 7.58 36.27 38.35
C THR E 179 8.29 36.60 39.65
N LYS E 180 8.07 37.80 40.20
CA LYS E 180 8.85 38.27 41.34
C LYS E 180 8.46 37.53 42.62
N ASN E 181 9.42 36.75 43.13
CA ASN E 181 9.37 36.11 44.45
C ASN E 181 8.16 35.18 44.59
N LEU E 182 8.17 34.14 43.75
CA LEU E 182 7.18 33.08 43.81
C LEU E 182 7.86 31.71 43.86
N LEU E 183 9.08 31.65 44.37
CA LEU E 183 9.83 30.42 44.49
C LEU E 183 9.81 29.87 45.90
N ASN E 184 9.19 30.58 46.83
CA ASN E 184 9.05 30.14 48.21
C ASN E 184 7.75 29.37 48.43
N GLU E 185 7.21 28.77 47.38
CA GLU E 185 5.95 28.04 47.47
C GLU E 185 6.16 26.74 48.23
N LYS E 186 5.28 26.48 49.19
CA LYS E 186 5.34 25.22 49.92
C LYS E 186 4.87 24.06 49.06
N ASN E 187 3.86 24.30 48.22
CA ASN E 187 3.38 23.29 47.29
C ASN E 187 4.42 23.05 46.21
N HIS E 188 4.47 21.82 45.71
CA HIS E 188 5.54 21.42 44.81
C HIS E 188 5.15 21.45 43.34
N GLY E 189 3.86 21.35 43.01
CA GLY E 189 3.45 21.46 41.62
C GLY E 189 3.60 22.87 41.09
N VAL E 190 3.22 23.85 41.92
CA VAL E 190 3.43 25.26 41.59
C VAL E 190 4.92 25.55 41.47
N LEU E 191 5.72 24.94 42.34
CA LEU E 191 7.16 25.13 42.29
C LEU E 191 7.75 24.51 41.03
N HIS E 192 7.23 23.35 40.62
CA HIS E 192 7.64 22.69 39.39
C HIS E 192 7.37 23.57 38.17
N THR E 193 6.14 24.07 38.05
CA THR E 193 5.81 24.90 36.91
C THR E 193 6.53 26.24 36.94
N SER E 194 6.85 26.75 38.15
CA SER E 194 7.62 27.97 38.22
C SER E 194 9.08 27.75 37.80
N VAL E 195 9.63 26.57 38.09
CA VAL E 195 10.97 26.25 37.61
C VAL E 195 10.96 26.09 36.09
N VAL E 196 9.88 25.53 35.53
CA VAL E 196 9.73 25.47 34.07
C VAL E 196 9.67 26.87 33.47
N LEU E 197 8.95 27.78 34.15
CA LEU E 197 8.83 29.15 33.67
C LEU E 197 10.16 29.88 33.73
N LEU E 198 10.93 29.67 34.81
CA LEU E 198 12.26 30.25 34.89
C LEU E 198 13.21 29.64 33.86
N THR E 199 13.02 28.37 33.53
CA THR E 199 13.84 27.73 32.50
C THR E 199 13.60 28.38 31.15
N GLU E 200 12.33 28.65 30.83
CA GLU E 200 12.02 29.29 29.56
C GLU E 200 12.50 30.75 29.54
N MET E 201 12.28 31.48 30.64
CA MET E 201 12.72 32.87 30.76
C MET E 201 14.24 33.01 30.68
N CYS E 202 14.98 32.07 31.25
CA CYS E 202 16.43 32.09 31.16
C CYS E 202 16.94 31.56 29.83
N GLU E 203 16.15 30.73 29.13
CA GLU E 203 16.59 30.21 27.86
C GLU E 203 16.42 31.24 26.73
N ARG E 204 15.38 32.07 26.82
CA ARG E 204 15.10 32.99 25.71
C ARG E 204 16.09 34.16 25.69
N SER E 205 16.08 35.00 26.71
CA SER E 205 16.87 36.23 26.69
C SER E 205 17.95 36.18 27.76
N PRO E 206 19.21 36.47 27.39
CA PRO E 206 20.29 36.47 28.38
C PRO E 206 20.27 37.68 29.29
N ASP E 207 19.53 38.73 28.92
CA ASP E 207 19.42 39.91 29.75
C ASP E 207 18.54 39.71 30.97
N MET E 208 17.76 38.62 31.00
CA MET E 208 16.99 38.24 32.18
C MET E 208 17.78 37.37 33.15
N LEU E 209 18.99 36.95 32.78
CA LEU E 209 19.76 36.04 33.61
C LEU E 209 20.24 36.72 34.88
N ALA E 210 20.60 38.00 34.78
CA ALA E 210 21.22 38.72 35.91
C ALA E 210 20.25 38.91 37.06
N HIS E 211 18.96 39.05 36.76
CA HIS E 211 17.96 39.05 37.81
C HIS E 211 17.65 37.63 38.28
N PHE E 212 17.93 36.63 37.44
CA PHE E 212 17.52 35.26 37.72
C PHE E 212 18.65 34.37 38.21
N ARG E 213 19.91 34.82 38.12
CA ARG E 213 21.00 34.07 38.74
C ARG E 213 21.26 34.51 40.16
N LYS E 214 20.51 35.50 40.66
CA LYS E 214 20.61 35.86 42.06
C LYS E 214 19.81 34.91 42.94
N LEU E 215 18.76 34.29 42.39
CA LEU E 215 17.91 33.37 43.12
C LEU E 215 18.41 31.93 43.05
N VAL E 216 19.66 31.72 42.67
CA VAL E 216 20.27 30.39 42.64
C VAL E 216 20.42 29.77 44.03
N PRO E 217 20.98 30.43 45.08
CA PRO E 217 21.11 29.72 46.37
C PRO E 217 19.78 29.42 47.04
N GLN E 218 18.71 30.14 46.70
CA GLN E 218 17.37 29.79 47.15
C GLN E 218 16.96 28.41 46.67
N LEU E 219 17.06 28.18 45.36
CA LEU E 219 16.70 26.87 44.83
C LEU E 219 17.74 25.81 45.14
N VAL E 220 18.98 26.20 45.41
CA VAL E 220 19.97 25.27 45.97
C VAL E 220 19.49 24.74 47.31
N ARG E 221 19.04 25.65 48.19
CA ARG E 221 18.47 25.25 49.47
C ARG E 221 17.21 24.41 49.30
N ILE E 222 16.39 24.74 48.29
CA ILE E 222 15.19 23.97 48.01
C ILE E 222 15.53 22.54 47.60
N LEU E 223 16.49 22.39 46.69
CA LEU E 223 16.88 21.05 46.25
C LEU E 223 17.58 20.27 47.36
N LYS E 224 18.33 20.97 48.21
CA LYS E 224 18.98 20.32 49.35
C LYS E 224 17.95 19.83 50.36
N ASN E 225 16.89 20.60 50.58
CA ASN E 225 15.78 20.16 51.42
C ASN E 225 15.00 19.03 50.78
N LEU E 226 14.95 18.97 49.44
CA LEU E 226 14.33 17.84 48.77
C LEU E 226 15.15 16.57 48.97
N ILE E 227 16.47 16.67 48.87
CA ILE E 227 17.32 15.48 48.98
C ILE E 227 17.39 15.00 50.43
N MET E 228 17.48 15.93 51.38
CA MET E 228 17.51 15.55 52.80
C MET E 228 16.19 14.96 53.27
N SER E 229 15.06 15.38 52.69
CA SER E 229 13.78 14.73 52.93
C SER E 229 13.78 13.42 52.17
N GLY E 230 14.04 12.33 52.91
CA GLY E 230 14.15 11.02 52.29
C GLY E 230 12.84 10.43 51.80
N TYR E 231 11.70 10.92 52.31
CA TYR E 231 10.42 10.38 51.91
C TYR E 231 9.34 11.45 52.03
N SER E 232 8.36 11.38 51.12
CA SER E 232 7.10 12.09 51.20
C SER E 232 6.02 11.09 50.81
N PRO E 233 4.80 11.22 51.36
CA PRO E 233 3.75 10.24 51.03
C PRO E 233 3.28 10.32 49.59
N GLU E 234 3.06 11.52 49.09
CA GLU E 234 3.00 11.71 47.65
C GLU E 234 4.40 12.01 47.13
N HIS E 235 4.48 12.36 45.84
CA HIS E 235 5.71 12.68 45.11
C HIS E 235 6.71 11.53 45.02
N ASP E 236 6.38 10.34 45.53
CA ASP E 236 7.38 9.32 45.79
C ASP E 236 7.26 8.22 44.73
N VAL E 237 8.35 8.00 44.00
CA VAL E 237 8.44 6.90 43.04
C VAL E 237 9.64 6.06 43.47
N SER E 238 9.35 4.89 44.06
CA SER E 238 10.35 3.95 44.59
C SER E 238 11.30 4.61 45.58
N GLY E 239 10.75 5.26 46.60
CA GLY E 239 11.54 5.85 47.65
C GLY E 239 12.31 7.10 47.27
N ILE E 240 11.91 7.79 46.21
CA ILE E 240 12.65 8.92 45.68
C ILE E 240 11.76 10.16 45.80
N SER E 241 12.30 11.22 46.39
CA SER E 241 11.51 12.39 46.76
C SER E 241 11.40 13.36 45.60
N ASP E 242 10.27 13.30 44.88
CA ASP E 242 9.81 14.25 43.88
C ASP E 242 10.82 14.43 42.75
N PRO E 243 11.00 13.43 41.87
CA PRO E 243 12.05 13.53 40.85
C PRO E 243 11.73 14.51 39.75
N PHE E 244 10.44 14.76 39.47
CA PHE E 244 10.04 15.73 38.46
C PHE E 244 10.47 17.12 38.83
N LEU E 245 10.47 17.45 40.12
CA LEU E 245 10.98 18.74 40.56
C LEU E 245 12.51 18.78 40.55
N GLN E 246 13.15 17.65 40.87
CA GLN E 246 14.61 17.62 40.96
C GLN E 246 15.26 17.75 39.59
N VAL E 247 14.69 17.11 38.57
CA VAL E 247 15.25 17.20 37.23
C VAL E 247 15.09 18.60 36.66
N ARG E 248 13.95 19.25 36.92
CA ARG E 248 13.78 20.62 36.48
C ARG E 248 14.70 21.60 37.21
N ILE E 249 14.91 21.39 38.51
CA ILE E 249 15.85 22.23 39.25
C ILE E 249 17.28 22.03 38.74
N LEU E 250 17.65 20.78 38.44
CA LEU E 250 18.99 20.54 37.90
C LEU E 250 19.14 21.07 36.49
N ARG E 251 18.05 21.12 35.72
CA ARG E 251 18.16 21.69 34.38
C ARG E 251 18.27 23.21 34.45
N LEU E 252 17.58 23.82 35.42
CA LEU E 252 17.74 25.25 35.65
C LEU E 252 19.14 25.58 36.15
N LEU E 253 19.72 24.69 36.95
CA LEU E 253 21.13 24.82 37.33
C LEU E 253 22.06 24.61 36.15
N ARG E 254 21.67 23.78 35.20
CA ARG E 254 22.49 23.55 34.02
C ARG E 254 22.54 24.77 33.13
N ILE E 255 21.36 25.35 32.83
CA ILE E 255 21.31 26.51 31.94
C ILE E 255 21.83 27.77 32.59
N LEU E 256 22.02 27.78 33.90
CA LEU E 256 22.71 28.86 34.60
C LEU E 256 24.14 28.46 34.88
N GLY E 257 24.97 29.47 35.18
CA GLY E 257 26.33 29.25 35.62
C GLY E 257 27.29 28.64 34.62
N ARG E 258 26.87 28.45 33.38
CA ARG E 258 27.72 27.84 32.37
C ARG E 258 28.79 28.77 31.85
N ASN E 259 28.63 30.07 32.07
CA ASN E 259 29.68 31.04 31.81
C ASN E 259 29.82 31.99 32.99
N ASP E 260 29.35 31.56 34.15
CA ASP E 260 29.50 32.27 35.40
C ASP E 260 30.37 31.44 36.35
N ASP E 261 31.00 32.12 37.29
CA ASP E 261 31.81 31.46 38.30
C ASP E 261 31.27 31.58 39.71
N ASP E 262 30.58 32.70 40.02
CA ASP E 262 30.02 32.89 41.36
C ASP E 262 28.89 31.91 41.61
N SER E 263 27.96 31.82 40.66
CA SER E 263 26.91 30.82 40.77
C SER E 263 27.45 29.41 40.58
N SER E 264 28.58 29.27 39.87
CA SER E 264 29.23 27.97 39.74
C SER E 264 29.79 27.49 41.08
N GLU E 265 30.39 28.41 41.85
CA GLU E 265 30.79 28.09 43.21
C GLU E 265 29.59 27.95 44.13
N ALA E 266 28.46 28.56 43.81
CA ALA E 266 27.27 28.43 44.64
C ALA E 266 26.66 27.04 44.55
N MET E 267 26.58 26.47 43.35
CA MET E 267 25.95 25.17 43.13
C MET E 267 26.91 24.00 43.29
N ASN E 268 28.07 24.22 43.92
CA ASN E 268 29.08 23.18 44.01
C ASN E 268 28.69 22.08 45.00
N ASP E 269 28.08 22.48 46.12
CA ASP E 269 27.85 21.55 47.22
C ASP E 269 26.78 20.53 46.89
N ILE E 270 25.65 20.97 46.34
CA ILE E 270 24.56 20.02 46.09
C ILE E 270 24.86 19.15 44.88
N LEU E 271 25.65 19.64 43.93
CA LEU E 271 26.05 18.79 42.81
C LEU E 271 27.09 17.78 43.25
N ALA E 272 27.95 18.16 44.19
CA ALA E 272 28.87 17.17 44.79
C ALA E 272 28.10 16.16 45.64
N GLN E 273 26.97 16.59 46.22
CA GLN E 273 26.20 15.69 47.07
C GLN E 273 25.40 14.68 46.26
N VAL E 274 24.52 15.17 45.37
CA VAL E 274 23.55 14.30 44.70
C VAL E 274 24.19 13.37 43.69
N ALA E 275 25.41 13.67 43.22
CA ALA E 275 26.12 12.73 42.38
C ALA E 275 26.65 11.54 43.17
N THR E 276 26.72 11.66 44.49
CA THR E 276 27.18 10.59 45.38
C THR E 276 26.10 10.06 46.30
N ASN E 277 25.12 10.88 46.64
CA ASN E 277 24.11 10.54 47.65
C ASN E 277 22.78 10.17 47.01
N THR E 278 22.82 9.49 45.86
CA THR E 278 21.60 9.12 45.15
C THR E 278 21.50 7.60 45.00
N GLU E 279 20.32 7.14 44.64
CA GLU E 279 20.07 5.72 44.43
C GLU E 279 20.19 5.40 42.94
N THR E 280 20.87 4.31 42.62
CA THR E 280 21.12 3.92 41.23
C THR E 280 20.51 2.57 40.88
N SER E 281 19.37 2.22 41.46
CA SER E 281 18.78 0.92 41.17
C SER E 281 17.74 1.01 40.07
N LYS E 282 16.68 1.78 40.28
CA LYS E 282 15.58 1.86 39.33
C LYS E 282 15.89 2.88 38.25
N ASN E 283 14.96 3.04 37.32
CA ASN E 283 15.13 3.95 36.19
C ASN E 283 15.12 5.41 36.64
N VAL E 284 14.40 5.69 37.73
CA VAL E 284 14.19 7.06 38.17
C VAL E 284 15.48 7.66 38.71
N GLY E 285 16.22 6.88 39.49
CA GLY E 285 17.51 7.34 39.98
C GLY E 285 18.53 7.53 38.88
N ASN E 286 18.45 6.70 37.83
CA ASN E 286 19.29 6.92 36.66
C ASN E 286 18.92 8.21 35.94
N ALA E 287 17.64 8.57 35.93
CA ALA E 287 17.22 9.83 35.33
C ALA E 287 17.76 11.01 36.12
N ILE E 288 17.66 10.94 37.45
CA ILE E 288 18.23 11.95 38.34
C ILE E 288 19.73 12.08 38.11
N LEU E 289 20.42 10.94 38.00
CA LEU E 289 21.87 10.96 37.89
C LEU E 289 22.31 11.44 36.51
N TYR E 290 21.55 11.14 35.46
CA TYR E 290 21.86 11.63 34.13
C TYR E 290 21.65 13.14 34.01
N GLU E 291 20.59 13.67 34.63
CA GLU E 291 20.43 15.12 34.62
C GLU E 291 21.49 15.79 35.47
N THR E 292 21.95 15.11 36.54
CA THR E 292 23.09 15.59 37.31
C THR E 292 24.36 15.64 36.46
N VAL E 293 24.58 14.61 35.63
CA VAL E 293 25.75 14.56 34.76
C VAL E 293 25.72 15.71 33.74
N LEU E 294 24.56 15.91 33.11
CA LEU E 294 24.44 17.03 32.17
C LEU E 294 24.56 18.38 32.87
N THR E 295 24.16 18.46 34.14
CA THR E 295 24.35 19.70 34.89
C THR E 295 25.84 19.94 35.13
N ILE E 296 26.58 18.87 35.40
CA ILE E 296 28.03 18.97 35.61
C ILE E 296 28.74 19.38 34.32
N MET E 297 28.35 18.79 33.19
CA MET E 297 29.14 18.92 31.96
C MET E 297 29.08 20.32 31.35
N ASP E 298 27.96 21.02 31.51
CA ASP E 298 27.82 22.31 30.86
C ASP E 298 28.33 23.48 31.68
N ILE E 299 28.55 23.31 32.98
CA ILE E 299 28.94 24.41 33.82
C ILE E 299 30.45 24.37 34.05
N LYS E 300 31.00 25.51 34.45
CA LYS E 300 32.41 25.60 34.85
C LYS E 300 32.49 25.13 36.30
N SER E 301 32.45 23.83 36.47
CA SER E 301 32.38 23.23 37.80
C SER E 301 33.78 23.05 38.38
N GLU E 302 33.86 22.35 39.50
CA GLU E 302 35.14 22.00 40.10
C GLU E 302 35.79 20.87 39.31
N SER E 303 37.12 20.88 39.26
CA SER E 303 37.84 19.89 38.48
C SER E 303 37.71 18.48 39.06
N GLY E 304 37.47 18.37 40.36
CA GLY E 304 37.21 17.06 40.95
C GLY E 304 35.83 16.51 40.65
N LEU E 305 34.90 17.37 40.22
CA LEU E 305 33.55 16.91 39.93
C LEU E 305 33.49 16.20 38.60
N ARG E 306 34.25 16.67 37.62
CA ARG E 306 34.19 16.12 36.28
C ARG E 306 34.78 14.73 36.20
N VAL E 307 35.79 14.44 37.02
CA VAL E 307 36.34 13.09 37.13
C VAL E 307 35.28 12.14 37.66
N LEU E 308 34.53 12.58 38.68
CA LEU E 308 33.41 11.82 39.21
C LEU E 308 32.33 11.61 38.17
N ALA E 309 32.05 12.62 37.34
CA ALA E 309 31.00 12.49 36.32
C ALA E 309 31.42 11.54 35.21
N ILE E 310 32.70 11.55 34.83
CA ILE E 310 33.21 10.57 33.88
C ILE E 310 33.19 9.18 34.49
N ASN E 311 33.39 9.05 35.80
CA ASN E 311 33.24 7.77 36.47
C ASN E 311 31.78 7.29 36.45
N ILE E 312 30.84 8.22 36.62
CA ILE E 312 29.41 7.90 36.49
C ILE E 312 29.10 7.39 35.09
N LEU E 313 29.63 8.06 34.08
CA LEU E 313 29.36 7.64 32.70
C LEU E 313 30.05 6.33 32.37
N GLY E 314 31.21 6.06 32.96
CA GLY E 314 31.85 4.77 32.80
C GLY E 314 31.08 3.67 33.48
N ARG E 315 30.39 3.98 34.58
CA ARG E 315 29.44 3.03 35.14
C ARG E 315 28.24 2.83 34.22
N PHE E 316 27.78 3.91 33.58
CA PHE E 316 26.64 3.83 32.68
C PHE E 316 26.94 3.01 31.42
N LEU E 317 28.18 3.05 30.93
CA LEU E 317 28.53 2.31 29.73
C LEU E 317 28.51 0.80 29.94
N LEU E 318 28.61 0.34 31.19
CA LEU E 318 28.75 -1.08 31.47
C LEU E 318 27.44 -1.75 31.86
N ASN E 319 26.33 -1.01 31.89
CA ASN E 319 25.07 -1.58 32.30
C ASN E 319 24.47 -2.43 31.19
N ASN E 320 23.73 -3.46 31.58
CA ASN E 320 23.09 -4.35 30.62
C ASN E 320 21.79 -3.77 30.09
N ASP E 321 21.20 -2.80 30.80
CA ASP E 321 19.99 -2.14 30.34
C ASP E 321 20.33 -1.25 29.15
N LYS E 322 19.66 -1.48 28.02
CA LYS E 322 19.99 -0.75 26.79
C LYS E 322 19.58 0.71 26.86
N ASN E 323 18.58 1.01 27.71
CA ASN E 323 18.22 2.40 28.02
C ASN E 323 19.44 3.15 28.56
N ILE E 324 20.18 2.52 29.47
CA ILE E 324 21.31 3.17 30.11
C ILE E 324 22.45 3.33 29.11
N ARG E 325 22.59 2.39 28.17
CA ARG E 325 23.58 2.56 27.12
C ARG E 325 23.24 3.71 26.19
N TYR E 326 21.95 3.87 25.85
CA TYR E 326 21.54 5.01 25.05
C TYR E 326 21.77 6.33 25.78
N VAL E 327 21.52 6.34 27.09
CA VAL E 327 21.76 7.53 27.91
C VAL E 327 23.24 7.85 27.96
N ALA E 328 24.09 6.82 28.08
CA ALA E 328 25.53 7.04 28.16
C ALA E 328 26.10 7.54 26.83
N LEU E 329 25.61 7.00 25.72
CA LEU E 329 26.07 7.49 24.41
C LEU E 329 25.58 8.90 24.13
N THR E 330 24.35 9.21 24.56
CA THR E 330 23.85 10.58 24.45
C THR E 330 24.68 11.54 25.30
N SER E 331 25.05 11.11 26.51
CA SER E 331 25.77 11.98 27.43
C SER E 331 27.18 12.22 26.96
N LEU E 332 27.84 11.19 26.41
CA LEU E 332 29.16 11.38 25.83
C LEU E 332 29.09 12.21 24.56
N LEU E 333 27.99 12.12 23.80
CA LEU E 333 27.79 12.97 22.64
C LEU E 333 27.58 14.42 23.04
N LYS E 334 27.10 14.66 24.26
CA LYS E 334 26.97 16.03 24.73
C LYS E 334 28.32 16.68 24.99
N THR E 335 29.12 16.07 25.86
CA THR E 335 30.36 16.70 26.34
C THR E 335 31.57 16.29 25.48
N VAL E 336 31.42 16.51 24.18
CA VAL E 336 32.52 16.20 23.26
C VAL E 336 33.62 17.25 23.37
N GLN E 337 33.24 18.52 23.24
CA GLN E 337 34.23 19.60 23.22
C GLN E 337 34.82 19.84 24.61
N THR E 338 33.97 20.00 25.62
CA THR E 338 34.45 20.14 26.99
C THR E 338 34.94 18.78 27.48
N ASP E 339 36.14 18.77 28.08
CA ASP E 339 36.84 17.57 28.56
C ASP E 339 37.05 16.57 27.41
N HIS E 340 37.87 17.01 26.45
CA HIS E 340 38.03 16.29 25.19
C HIS E 340 38.82 15.00 25.37
N ASN E 341 39.80 14.98 26.28
CA ASN E 341 40.71 13.85 26.37
C ASN E 341 40.18 12.71 27.23
N ALA E 342 39.46 13.00 28.31
CA ALA E 342 38.99 11.94 29.19
C ALA E 342 37.83 11.15 28.61
N VAL E 343 37.13 11.68 27.60
CA VAL E 343 36.16 10.90 26.87
C VAL E 343 36.82 9.81 26.04
N GLN E 344 37.98 10.12 25.45
CA GLN E 344 38.65 9.27 24.46
C GLN E 344 39.13 7.94 25.03
N ARG E 345 39.25 7.79 26.34
CA ARG E 345 39.69 6.53 26.91
C ARG E 345 38.58 5.50 27.02
N HIS E 346 37.36 5.82 26.58
CA HIS E 346 36.28 4.85 26.45
C HIS E 346 36.12 4.41 25.00
N ARG E 347 37.21 4.49 24.23
CA ARG E 347 37.14 4.31 22.78
C ARG E 347 36.78 2.89 22.40
N SER E 348 37.34 1.91 23.11
CA SER E 348 37.01 0.51 22.83
C SER E 348 35.55 0.21 23.16
N THR E 349 35.02 0.83 24.21
CA THR E 349 33.62 0.64 24.57
C THR E 349 32.70 1.29 23.54
N ILE E 350 33.09 2.45 23.02
CA ILE E 350 32.29 3.11 22.00
C ILE E 350 32.31 2.34 20.68
N VAL E 351 33.48 1.85 20.28
CA VAL E 351 33.61 1.07 19.04
C VAL E 351 32.91 -0.28 19.19
N ASP E 352 32.85 -0.82 20.41
CA ASP E 352 32.05 -2.02 20.65
C ASP E 352 30.56 -1.74 20.46
N CYS E 353 30.12 -0.50 20.72
CA CYS E 353 28.73 -0.15 20.47
C CYS E 353 28.39 -0.04 18.99
N LEU E 354 29.40 0.07 18.12
CA LEU E 354 29.14 0.02 16.68
C LEU E 354 28.72 -1.38 16.23
N LYS E 355 29.10 -2.40 16.98
CA LYS E 355 28.73 -3.77 16.68
C LYS E 355 27.41 -4.19 17.31
N ASP E 356 26.71 -3.27 17.96
CA ASP E 356 25.52 -3.60 18.73
C ASP E 356 24.36 -3.94 17.78
N LEU E 357 23.37 -4.64 18.32
CA LEU E 357 22.26 -5.15 17.51
C LEU E 357 21.07 -4.20 17.48
N ASP E 358 21.29 -2.90 17.65
CA ASP E 358 20.20 -1.94 17.72
C ASP E 358 20.47 -0.80 16.74
N VAL E 359 19.38 -0.23 16.23
CA VAL E 359 19.49 0.90 15.31
C VAL E 359 19.92 2.14 16.08
N SER E 360 19.32 2.39 17.24
CA SER E 360 19.59 3.62 17.99
C SER E 360 21.00 3.61 18.58
N ILE E 361 21.44 2.46 19.07
CA ILE E 361 22.76 2.37 19.68
C ILE E 361 23.85 2.54 18.62
N LYS E 362 23.67 1.91 17.45
CA LYS E 362 24.63 2.09 16.37
C LYS E 362 24.61 3.52 15.83
N ARG E 363 23.44 4.15 15.83
CA ARG E 363 23.35 5.53 15.33
C ARG E 363 24.07 6.49 16.27
N ARG E 364 23.85 6.36 17.58
CA ARG E 364 24.55 7.21 18.52
C ARG E 364 26.03 6.88 18.60
N ALA E 365 26.40 5.62 18.38
CA ALA E 365 27.82 5.26 18.34
C ALA E 365 28.48 5.83 17.10
N MET E 366 27.75 5.87 15.98
CA MET E 366 28.27 6.49 14.76
C MET E 366 28.48 7.98 14.95
N GLU E 367 27.50 8.67 15.55
CA GLU E 367 27.63 10.10 15.79
C GLU E 367 28.72 10.40 16.81
N LEU E 368 28.85 9.58 17.85
CA LEU E 368 29.86 9.79 18.87
C LEU E 368 31.25 9.49 18.34
N SER E 369 31.38 8.49 17.48
CA SER E 369 32.67 8.18 16.89
C SER E 369 33.08 9.26 15.89
N PHE E 370 32.11 9.84 15.19
CA PHE E 370 32.44 10.94 14.29
C PHE E 370 32.81 12.20 15.06
N ALA E 371 32.23 12.39 16.24
CA ALA E 371 32.64 13.50 17.08
C ALA E 371 33.93 13.22 17.84
N LEU E 372 34.36 11.96 17.90
CA LEU E 372 35.52 11.57 18.68
C LEU E 372 36.83 11.69 17.91
N VAL E 373 36.76 11.81 16.59
CA VAL E 373 37.95 11.84 15.74
C VAL E 373 38.71 13.14 15.98
N ASN E 374 39.98 13.02 16.35
CA ASN E 374 40.88 14.15 16.48
C ASN E 374 42.07 13.93 15.55
N GLY E 375 43.06 14.82 15.63
CA GLY E 375 44.20 14.75 14.74
C GLY E 375 45.31 13.84 15.21
N ASN E 376 45.02 12.97 16.16
CA ASN E 376 45.96 11.99 16.69
C ASN E 376 45.47 10.56 16.53
N ASN E 377 44.16 10.34 16.65
CA ASN E 377 43.55 9.05 16.40
C ASN E 377 43.01 8.92 14.98
N ILE E 378 43.39 9.84 14.08
CA ILE E 378 42.80 9.91 12.75
C ILE E 378 43.19 8.70 11.90
N ARG E 379 44.43 8.22 12.02
CA ARG E 379 44.88 7.15 11.14
C ARG E 379 44.34 5.80 11.61
N GLY E 380 44.14 5.63 12.90
CA GLY E 380 43.63 4.38 13.43
C GLY E 380 42.13 4.25 13.31
N MET E 381 41.39 5.26 13.79
CA MET E 381 39.94 5.15 13.89
C MET E 381 39.26 5.16 12.53
N MET E 382 39.85 5.81 11.53
CA MET E 382 39.28 5.78 10.19
C MET E 382 39.31 4.39 9.58
N LYS E 383 40.29 3.56 9.94
CA LYS E 383 40.30 2.18 9.42
C LYS E 383 39.13 1.38 9.95
N GLU E 384 38.82 1.55 11.25
CA GLU E 384 37.65 0.87 11.82
C GLU E 384 36.36 1.44 11.26
N LEU E 385 36.29 2.76 11.03
CA LEU E 385 35.06 3.32 10.49
C LEU E 385 34.84 2.93 9.04
N LEU E 386 35.90 2.86 8.24
CA LEU E 386 35.81 2.34 6.88
C LEU E 386 35.52 0.84 6.83
N TYR E 387 35.92 0.09 7.86
CA TYR E 387 35.45 -1.29 7.94
C TYR E 387 33.97 -1.35 8.30
N PHE E 388 33.52 -0.43 9.16
CA PHE E 388 32.13 -0.39 9.57
C PHE E 388 31.21 -0.01 8.42
N LEU E 389 31.66 0.89 7.56
CA LEU E 389 30.83 1.45 6.50
C LEU E 389 30.40 0.41 5.48
N ASP E 390 31.24 -0.59 5.22
CA ASP E 390 30.86 -1.66 4.31
C ASP E 390 29.94 -2.66 5.00
N SER E 391 29.94 -2.66 6.33
CA SER E 391 29.19 -3.62 7.13
C SER E 391 28.01 -2.96 7.84
N CYS E 392 27.30 -2.08 7.14
CA CYS E 392 26.13 -1.43 7.70
C CYS E 392 24.83 -2.01 7.15
N GLU E 393 23.74 -1.50 7.67
CA GLU E 393 22.43 -1.56 7.02
C GLU E 393 22.40 -0.52 5.91
N PRO E 394 21.46 -0.62 4.97
CA PRO E 394 21.37 0.41 3.91
C PRO E 394 20.97 1.79 4.40
N GLU E 395 20.46 1.94 5.63
CA GLU E 395 20.11 3.24 6.16
C GLU E 395 21.27 3.95 6.83
N PHE E 396 22.33 3.24 7.21
CA PHE E 396 23.45 3.85 7.90
C PHE E 396 24.54 4.36 6.98
N LYS E 397 24.51 4.00 5.69
CA LYS E 397 25.63 4.35 4.83
C LYS E 397 25.60 5.82 4.41
N ALA E 398 24.42 6.43 4.39
CA ALA E 398 24.32 7.83 3.97
C ALA E 398 24.93 8.76 5.02
N ASP E 399 24.50 8.61 6.28
CA ASP E 399 25.02 9.47 7.32
C ASP E 399 26.48 9.18 7.62
N CYS E 400 26.90 7.93 7.45
CA CYS E 400 28.29 7.59 7.65
C CYS E 400 29.15 8.16 6.53
N ALA E 401 28.66 8.13 5.29
CA ALA E 401 29.40 8.72 4.19
C ALA E 401 29.47 10.23 4.30
N SER E 402 28.47 10.85 4.91
CA SER E 402 28.56 12.27 5.21
C SER E 402 29.57 12.55 6.33
N GLY E 403 29.54 11.76 7.40
CA GLY E 403 30.36 12.05 8.56
C GLY E 403 31.83 11.75 8.35
N ILE E 404 32.16 10.74 7.52
CA ILE E 404 33.56 10.49 7.18
C ILE E 404 34.15 11.68 6.44
N PHE E 405 33.38 12.26 5.51
CA PHE E 405 33.84 13.44 4.78
C PHE E 405 33.98 14.64 5.71
N LEU E 406 33.02 14.81 6.63
CA LEU E 406 33.08 15.94 7.55
C LEU E 406 34.25 15.84 8.51
N ALA E 407 34.51 14.63 9.03
CA ALA E 407 35.64 14.46 9.94
C ALA E 407 36.97 14.54 9.21
N ALA E 408 37.00 14.12 7.94
CA ALA E 408 38.26 14.12 7.22
C ALA E 408 38.60 15.51 6.69
N GLU E 409 37.60 16.36 6.45
CA GLU E 409 37.92 17.74 6.04
C GLU E 409 38.47 18.56 7.18
N LYS E 410 38.17 18.20 8.43
CA LYS E 410 38.68 18.96 9.56
C LYS E 410 40.10 18.53 9.92
N TYR E 411 40.33 17.23 10.05
CA TYR E 411 41.49 16.69 10.74
C TYR E 411 42.28 15.75 9.85
N ALA E 412 42.57 16.20 8.64
CA ALA E 412 43.36 15.37 7.73
C ALA E 412 44.85 15.50 8.07
N PRO E 413 45.56 14.38 8.17
CA PRO E 413 47.01 14.47 8.43
C PRO E 413 47.80 14.82 7.18
N SER E 414 47.29 14.41 6.02
CA SER E 414 47.95 14.66 4.74
C SER E 414 46.89 14.82 3.66
N LYS E 415 47.34 15.05 2.44
CA LYS E 415 46.45 15.25 1.30
C LYS E 415 46.21 13.98 0.51
N ARG E 416 47.23 13.12 0.38
CA ARG E 416 47.10 11.92 -0.43
C ARG E 416 46.19 10.90 0.23
N TRP E 417 46.42 10.63 1.52
CA TRP E 417 45.60 9.67 2.25
C TRP E 417 44.17 10.16 2.40
N HIS E 418 43.97 11.47 2.45
CA HIS E 418 42.65 12.06 2.51
C HIS E 418 41.83 11.73 1.26
N ILE E 419 42.44 11.93 0.09
CA ILE E 419 41.81 11.59 -1.18
C ILE E 419 41.64 10.07 -1.29
N ASP E 420 42.57 9.30 -0.72
CA ASP E 420 42.46 7.84 -0.75
C ASP E 420 41.26 7.36 0.06
N THR E 421 41.06 7.94 1.24
CA THR E 421 39.91 7.58 2.08
C THR E 421 38.60 8.01 1.44
N ILE E 422 38.56 9.22 0.90
CA ILE E 422 37.35 9.71 0.22
C ILE E 422 37.03 8.84 -1.00
N MET E 423 38.07 8.42 -1.71
CA MET E 423 37.88 7.56 -2.88
C MET E 423 37.42 6.17 -2.47
N ARG E 424 37.93 5.65 -1.36
CA ARG E 424 37.45 4.39 -0.83
C ARG E 424 35.99 4.46 -0.43
N VAL E 425 35.58 5.59 0.17
CA VAL E 425 34.19 5.81 0.54
C VAL E 425 33.30 5.85 -0.70
N LEU E 426 33.74 6.58 -1.73
CA LEU E 426 32.97 6.67 -2.97
C LEU E 426 32.88 5.33 -3.69
N THR E 427 33.90 4.48 -3.56
CA THR E 427 33.81 3.15 -4.15
C THR E 427 32.95 2.22 -3.31
N THR E 428 32.82 2.46 -2.00
CA THR E 428 32.03 1.54 -1.18
C THR E 428 30.64 2.06 -0.84
N ALA E 429 30.39 3.37 -0.90
CA ALA E 429 29.03 3.85 -0.67
C ALA E 429 28.22 3.79 -1.96
N GLY E 430 28.61 4.58 -2.95
CA GLY E 430 27.93 4.52 -4.22
C GLY E 430 26.58 5.21 -4.21
N SER E 431 25.52 4.40 -4.19
CA SER E 431 24.15 4.89 -4.25
C SER E 431 23.60 5.30 -2.89
N TYR E 432 24.46 5.64 -1.94
CA TYR E 432 24.01 6.11 -0.64
C TYR E 432 24.62 7.45 -0.23
N VAL E 433 25.77 7.84 -0.78
CA VAL E 433 26.38 9.11 -0.42
C VAL E 433 25.54 10.25 -0.99
N ARG E 434 25.35 11.29 -0.18
CA ARG E 434 24.44 12.37 -0.53
C ARG E 434 25.02 13.23 -1.65
N ASP E 435 24.14 13.64 -2.57
CA ASP E 435 24.52 14.43 -3.74
C ASP E 435 25.01 15.83 -3.39
N ASP E 436 24.65 16.33 -2.21
CA ASP E 436 25.15 17.62 -1.76
C ASP E 436 26.64 17.58 -1.42
N ALA E 437 27.20 16.38 -1.21
CA ALA E 437 28.61 16.28 -0.87
C ALA E 437 29.51 16.41 -2.09
N VAL E 438 28.94 16.28 -3.30
CA VAL E 438 29.74 16.36 -4.52
C VAL E 438 30.41 17.73 -4.73
N PRO E 439 29.76 18.88 -4.47
CA PRO E 439 30.52 20.14 -4.47
C PRO E 439 31.63 20.19 -3.43
N ASN E 440 31.42 19.57 -2.27
CA ASN E 440 32.49 19.52 -1.27
C ASN E 440 33.67 18.68 -1.74
N LEU E 441 33.40 17.56 -2.41
CA LEU E 441 34.48 16.69 -2.86
C LEU E 441 35.29 17.35 -3.97
N ILE E 442 34.59 17.96 -4.94
CA ILE E 442 35.30 18.62 -6.03
C ILE E 442 36.02 19.87 -5.53
N GLN E 443 35.41 20.60 -4.60
CA GLN E 443 36.05 21.77 -4.02
C GLN E 443 37.29 21.41 -3.23
N LEU E 444 37.28 20.26 -2.54
CA LEU E 444 38.48 19.89 -1.80
C LEU E 444 39.56 19.32 -2.71
N ILE E 445 39.20 18.58 -3.76
CA ILE E 445 40.24 18.04 -4.62
C ILE E 445 40.78 19.08 -5.57
N THR E 446 40.08 20.20 -5.75
CA THR E 446 40.70 21.33 -6.43
C THR E 446 41.34 22.31 -5.45
N ASN E 447 41.06 22.18 -4.15
CA ASN E 447 41.93 22.80 -3.16
C ASN E 447 43.29 22.12 -3.12
N SER E 448 43.34 20.84 -3.50
CA SER E 448 44.60 20.16 -3.71
C SER E 448 45.32 20.76 -4.92
N VAL E 449 46.55 21.23 -4.69
CA VAL E 449 47.32 21.92 -5.72
C VAL E 449 48.46 21.07 -6.24
N GLU E 450 48.84 20.00 -5.54
CA GLU E 450 50.04 19.25 -5.86
C GLU E 450 49.77 17.85 -6.40
N MET E 451 48.63 17.25 -6.10
CA MET E 451 48.33 15.87 -6.52
C MET E 451 47.02 15.87 -7.28
N HIS E 452 47.11 15.88 -8.59
CA HIS E 452 45.91 15.77 -9.41
C HIS E 452 45.94 14.52 -10.29
N ALA E 453 47.11 14.15 -10.81
CA ALA E 453 47.20 12.98 -11.67
C ALA E 453 46.93 11.70 -10.90
N TYR E 454 47.38 11.64 -9.65
CA TYR E 454 47.10 10.48 -8.81
C TYR E 454 45.62 10.35 -8.51
N THR E 455 44.89 11.46 -8.50
CA THR E 455 43.45 11.41 -8.35
C THR E 455 42.78 10.92 -9.63
N VAL E 456 43.15 11.51 -10.77
CA VAL E 456 42.45 11.28 -12.03
C VAL E 456 42.70 9.88 -12.57
N GLN E 457 43.92 9.34 -12.39
CA GLN E 457 44.20 7.97 -12.79
C GLN E 457 43.32 6.99 -12.01
N ARG E 458 43.16 7.21 -10.70
CA ARG E 458 42.35 6.31 -9.89
C ARG E 458 40.86 6.46 -10.16
N LEU E 459 40.41 7.69 -10.47
CA LEU E 459 39.02 7.87 -10.90
C LEU E 459 38.74 7.15 -12.20
N TYR E 460 39.67 7.25 -13.16
CA TYR E 460 39.49 6.58 -14.45
C TYR E 460 39.52 5.05 -14.29
N LYS E 461 40.40 4.55 -13.43
CA LYS E 461 40.41 3.12 -13.11
C LYS E 461 39.17 2.68 -12.35
N ALA E 462 38.52 3.60 -11.64
CA ALA E 462 37.32 3.26 -10.90
C ALA E 462 36.07 3.22 -11.74
N ILE E 463 35.87 4.19 -12.64
CA ILE E 463 34.63 4.22 -13.42
C ILE E 463 34.65 3.25 -14.59
N LEU E 464 35.80 2.66 -14.94
CA LEU E 464 35.76 1.55 -15.87
C LEU E 464 35.29 0.27 -15.21
N GLY E 465 35.36 0.20 -13.89
CA GLY E 465 34.79 -0.91 -13.15
C GLY E 465 33.29 -0.87 -13.18
N ASP E 466 32.70 0.28 -12.87
CA ASP E 466 31.27 0.46 -12.93
C ASP E 466 30.92 1.92 -13.21
N TYR E 467 29.73 2.12 -13.77
CA TYR E 467 29.24 3.46 -14.04
C TYR E 467 27.90 3.73 -13.37
N SER E 468 27.25 2.72 -12.79
CA SER E 468 25.89 2.84 -12.29
C SER E 468 25.82 3.42 -10.88
N GLN E 469 26.92 3.95 -10.38
CA GLN E 469 26.92 4.73 -9.14
C GLN E 469 26.95 6.20 -9.56
N GLN E 470 25.94 6.95 -9.14
CA GLN E 470 25.79 8.32 -9.66
C GLN E 470 26.83 9.31 -9.13
N PRO E 471 27.09 9.44 -7.81
CA PRO E 471 28.08 10.44 -7.39
C PRO E 471 29.51 10.13 -7.79
N LEU E 472 29.81 8.85 -8.07
CA LEU E 472 31.13 8.47 -8.58
C LEU E 472 31.40 9.14 -9.93
N VAL E 473 30.47 9.01 -10.88
CA VAL E 473 30.69 9.65 -12.16
C VAL E 473 30.44 11.15 -12.09
N GLN E 474 29.64 11.61 -11.11
CA GLN E 474 29.51 13.05 -10.84
C GLN E 474 30.86 13.68 -10.51
N VAL E 475 31.66 12.98 -9.70
CA VAL E 475 33.02 13.46 -9.45
C VAL E 475 33.90 13.24 -10.67
N ALA E 476 33.78 12.06 -11.30
CA ALA E 476 34.77 11.61 -12.26
C ALA E 476 34.73 12.41 -13.55
N ALA E 477 33.54 12.78 -14.02
CA ALA E 477 33.43 13.52 -15.26
C ALA E 477 34.05 14.91 -15.12
N TRP E 478 33.85 15.54 -13.96
CA TRP E 478 34.50 16.81 -13.68
C TRP E 478 36.02 16.63 -13.60
N CYS E 479 36.48 15.56 -12.96
CA CYS E 479 37.91 15.34 -12.79
C CYS E 479 38.59 15.11 -14.13
N ILE E 480 37.96 14.33 -15.01
CA ILE E 480 38.49 14.14 -16.36
C ILE E 480 38.50 15.47 -17.12
N GLY E 481 37.39 16.20 -17.06
CA GLY E 481 37.28 17.43 -17.83
C GLY E 481 38.20 18.55 -17.38
N GLU E 482 38.63 18.51 -16.13
CA GLU E 482 39.58 19.51 -15.66
C GLU E 482 41.02 19.03 -15.65
N TYR E 483 41.29 17.73 -15.64
CA TYR E 483 42.67 17.30 -15.56
C TYR E 483 42.97 16.12 -16.48
N GLY E 484 42.40 16.11 -17.68
CA GLY E 484 42.78 15.09 -18.65
C GLY E 484 44.18 15.26 -19.20
N ASP E 485 44.78 16.44 -19.08
CA ASP E 485 46.16 16.64 -19.49
C ASP E 485 47.15 15.91 -18.60
N LEU E 486 46.83 15.74 -17.32
CA LEU E 486 47.62 14.89 -16.45
C LEU E 486 47.21 13.42 -16.54
N LEU E 487 46.07 13.14 -17.16
CA LEU E 487 45.72 11.76 -17.47
C LEU E 487 46.49 11.27 -18.68
N VAL E 488 46.44 12.04 -19.77
CA VAL E 488 47.13 11.72 -21.02
C VAL E 488 48.17 12.81 -21.27
N SER E 489 49.44 12.44 -21.26
CA SER E 489 50.54 13.39 -21.34
C SER E 489 51.45 13.04 -22.51
N GLY E 490 51.63 13.99 -23.43
CA GLY E 490 52.55 13.82 -24.53
C GLY E 490 52.16 12.79 -25.55
N GLN E 491 50.86 12.57 -25.76
CA GLN E 491 50.39 11.50 -26.62
C GLN E 491 49.53 12.05 -27.75
N CYS E 492 50.03 13.08 -28.44
CA CYS E 492 49.27 13.75 -29.51
C CYS E 492 48.97 12.81 -30.67
N GLU E 493 49.86 11.86 -30.94
CA GLU E 493 49.57 10.80 -31.91
C GLU E 493 49.71 9.45 -31.24
N GLU E 494 49.60 8.38 -32.02
CA GLU E 494 49.68 7.04 -31.46
C GLU E 494 51.12 6.69 -31.09
N GLU E 495 51.31 6.27 -29.85
CA GLU E 495 52.61 5.94 -29.29
C GLU E 495 52.55 4.53 -28.70
N GLU E 496 53.56 4.20 -27.90
CA GLU E 496 53.62 2.90 -27.24
C GLU E 496 52.44 2.71 -26.28
N PRO E 497 51.93 1.47 -26.14
CA PRO E 497 50.70 1.26 -25.37
C PRO E 497 50.84 1.45 -23.87
N ILE E 498 50.30 2.56 -23.38
CA ILE E 498 50.19 2.83 -21.95
C ILE E 498 48.71 2.67 -21.60
N GLN E 499 48.39 2.72 -20.29
CA GLN E 499 47.03 2.45 -19.83
C GLN E 499 46.03 3.48 -20.34
N VAL E 500 46.42 4.76 -20.36
CA VAL E 500 45.58 5.78 -20.98
C VAL E 500 45.75 5.67 -22.49
N THR E 501 44.68 5.97 -23.22
CA THR E 501 44.71 5.79 -24.66
C THR E 501 44.03 6.91 -25.43
N GLU E 502 43.55 7.96 -24.73
CA GLU E 502 42.86 9.15 -25.23
C GLU E 502 41.71 8.86 -26.20
N ASP E 503 41.19 7.64 -26.19
CA ASP E 503 40.11 7.20 -27.05
C ASP E 503 39.05 6.43 -26.28
N GLU E 504 39.45 5.59 -25.33
CA GLU E 504 38.48 5.02 -24.40
C GLU E 504 38.19 5.98 -23.25
N VAL E 505 39.04 6.99 -23.06
CA VAL E 505 38.70 8.08 -22.15
C VAL E 505 37.46 8.82 -22.66
N LEU E 506 37.40 9.05 -23.97
CA LEU E 506 36.23 9.69 -24.53
C LEU E 506 35.09 8.70 -24.69
N ASP E 507 35.42 7.43 -24.92
CA ASP E 507 34.40 6.40 -25.11
C ASP E 507 33.67 6.08 -23.82
N ILE E 508 34.35 6.17 -22.68
CA ILE E 508 33.65 5.87 -21.42
C ILE E 508 32.68 7.00 -21.08
N LEU E 509 32.99 8.24 -21.47
CA LEU E 509 32.04 9.34 -21.27
C LEU E 509 30.88 9.23 -22.25
N GLU E 510 31.16 8.78 -23.48
CA GLU E 510 30.09 8.49 -24.43
C GLU E 510 29.19 7.36 -23.94
N SER E 511 29.77 6.38 -23.24
CA SER E 511 28.95 5.31 -22.66
C SER E 511 28.16 5.78 -21.46
N VAL E 512 28.68 6.76 -20.71
CA VAL E 512 27.89 7.41 -19.66
C VAL E 512 26.69 8.12 -20.29
N LEU E 513 26.90 8.77 -21.43
CA LEU E 513 25.82 9.49 -22.10
C LEU E 513 24.77 8.55 -22.68
N ILE E 514 25.18 7.48 -23.36
CA ILE E 514 24.23 6.58 -24.01
C ILE E 514 23.43 5.75 -23.01
N SER E 515 24.08 5.21 -21.98
CA SER E 515 23.39 4.35 -21.02
C SER E 515 22.43 5.15 -20.16
N ASN E 516 21.29 4.56 -19.85
CA ASN E 516 20.23 5.23 -19.10
C ASN E 516 20.43 5.20 -17.60
N MET E 517 21.60 4.79 -17.11
CA MET E 517 21.93 4.89 -15.70
C MET E 517 22.58 6.26 -15.47
N SER E 518 21.79 7.29 -15.73
CA SER E 518 22.25 8.67 -15.63
C SER E 518 21.04 9.53 -15.27
N THR E 519 21.20 10.36 -14.25
CA THR E 519 20.09 11.13 -13.73
C THR E 519 19.99 12.52 -14.35
N SER E 520 20.53 12.69 -15.56
CA SER E 520 20.51 13.94 -16.34
C SER E 520 21.20 15.10 -15.63
N VAL E 521 22.03 14.81 -14.63
CA VAL E 521 23.00 15.77 -14.13
C VAL E 521 24.42 15.26 -14.26
N THR E 522 24.60 13.94 -14.43
CA THR E 522 25.89 13.41 -14.83
C THR E 522 26.15 13.70 -16.30
N ARG E 523 25.08 13.91 -17.07
CA ARG E 523 25.25 14.17 -18.50
C ARG E 523 25.71 15.59 -18.74
N GLY E 524 25.32 16.53 -17.88
CA GLY E 524 25.84 17.88 -17.97
C GLY E 524 27.32 17.94 -17.67
N TYR E 525 27.75 17.26 -16.60
CA TYR E 525 29.16 17.03 -16.31
C TYR E 525 29.86 16.34 -17.47
N ALA E 526 29.17 15.40 -18.13
CA ALA E 526 29.78 14.65 -19.21
C ALA E 526 30.04 15.52 -20.43
N LEU E 527 29.06 16.33 -20.83
CA LEU E 527 29.26 17.22 -21.97
C LEU E 527 30.25 18.33 -21.66
N THR E 528 30.28 18.78 -20.40
CA THR E 528 31.30 19.75 -20.01
C THR E 528 32.69 19.13 -20.08
N ALA E 529 32.81 17.84 -19.73
CA ALA E 529 34.08 17.14 -19.88
C ALA E 529 34.46 16.96 -21.34
N ILE E 530 33.48 16.65 -22.20
CA ILE E 530 33.74 16.45 -23.62
C ILE E 530 34.23 17.75 -24.26
N MET E 531 33.55 18.86 -23.98
CA MET E 531 33.97 20.13 -24.55
C MET E 531 35.25 20.65 -23.93
N LYS E 532 35.54 20.33 -22.67
CA LYS E 532 36.83 20.73 -22.09
C LYS E 532 37.96 19.84 -22.54
N LEU E 533 37.66 18.67 -23.12
CA LEU E 533 38.68 17.88 -23.78
C LEU E 533 38.82 18.23 -25.26
N SER E 534 38.46 19.44 -25.65
CA SER E 534 38.81 19.99 -26.94
C SER E 534 39.99 20.93 -26.87
N THR E 535 40.16 21.61 -25.75
CA THR E 535 41.32 22.46 -25.51
C THR E 535 42.39 21.74 -24.72
N ARG E 536 41.99 20.96 -23.70
CA ARG E 536 42.96 20.16 -22.95
C ARG E 536 43.57 19.05 -23.79
N PHE E 537 42.86 18.58 -24.82
CA PHE E 537 43.39 17.61 -25.76
C PHE E 537 43.69 18.28 -27.09
N THR E 538 44.96 18.30 -27.46
CA THR E 538 45.37 18.56 -28.83
C THR E 538 45.64 17.26 -29.57
N CYS E 539 45.37 16.11 -28.94
CA CYS E 539 45.63 14.82 -29.55
C CYS E 539 44.57 14.48 -30.59
N THR E 540 43.32 14.39 -30.17
CA THR E 540 42.22 13.98 -31.05
C THR E 540 41.07 14.95 -30.85
N VAL E 541 40.93 15.88 -31.79
CA VAL E 541 39.78 16.77 -31.85
C VAL E 541 38.99 16.42 -33.09
N ASN E 542 37.87 17.11 -33.32
CA ASN E 542 36.98 16.94 -34.47
C ASN E 542 36.39 15.53 -34.54
N ARG E 543 36.35 14.82 -33.41
CA ARG E 543 35.71 13.53 -33.31
C ARG E 543 34.73 13.59 -32.16
N ILE E 544 35.13 14.34 -31.12
CA ILE E 544 34.20 14.72 -30.07
C ILE E 544 33.25 15.80 -30.56
N LYS E 545 33.63 16.52 -31.62
CA LYS E 545 32.73 17.45 -32.29
C LYS E 545 31.55 16.70 -32.90
N LYS E 546 31.78 15.49 -33.39
CA LYS E 546 30.71 14.64 -33.86
C LYS E 546 29.76 14.27 -32.73
N VAL E 547 30.32 13.95 -31.55
CA VAL E 547 29.51 13.52 -30.42
C VAL E 547 28.68 14.69 -29.89
N VAL E 548 29.24 15.91 -29.92
CA VAL E 548 28.45 17.09 -29.57
C VAL E 548 27.38 17.38 -30.61
N SER E 549 27.71 17.26 -31.90
CA SER E 549 26.78 17.66 -32.94
C SER E 549 25.62 16.69 -33.08
N ILE E 550 25.83 15.40 -32.78
CA ILE E 550 24.71 14.46 -32.82
C ILE E 550 23.88 14.48 -31.56
N TYR E 551 24.27 15.28 -30.57
CA TYR E 551 23.60 15.28 -29.28
C TYR E 551 22.59 16.42 -29.15
N GLY E 552 22.54 17.31 -30.13
CA GLY E 552 21.71 18.50 -30.05
C GLY E 552 20.23 18.28 -30.31
N SER E 553 19.78 17.04 -30.37
CA SER E 553 18.37 16.73 -30.59
C SER E 553 17.81 15.87 -29.46
N SER E 554 18.46 15.89 -28.30
CA SER E 554 18.03 15.09 -27.17
C SER E 554 16.78 15.68 -26.54
N ILE E 555 16.01 14.81 -25.89
CA ILE E 555 14.71 15.22 -25.37
C ILE E 555 14.82 16.03 -24.07
N ASP E 556 15.98 16.00 -23.41
CA ASP E 556 16.16 16.81 -22.21
C ASP E 556 16.40 18.25 -22.63
N VAL E 557 15.99 19.19 -21.78
CA VAL E 557 16.02 20.60 -22.14
C VAL E 557 17.45 21.12 -22.12
N GLU E 558 18.10 21.01 -20.97
CA GLU E 558 19.39 21.66 -20.77
C GLU E 558 20.48 20.98 -21.58
N LEU E 559 20.39 19.67 -21.77
CA LEU E 559 21.36 18.97 -22.62
C LEU E 559 21.26 19.44 -24.05
N GLN E 560 20.03 19.69 -24.51
CA GLN E 560 19.81 20.19 -25.87
C GLN E 560 20.27 21.63 -25.99
N GLN E 561 20.18 22.43 -24.92
CA GLN E 561 20.76 23.76 -24.96
C GLN E 561 22.28 23.70 -24.98
N ARG E 562 22.85 22.82 -24.16
CA ARG E 562 24.29 22.76 -23.96
C ARG E 562 25.01 22.23 -25.19
N ALA E 563 24.42 21.24 -25.86
CA ALA E 563 25.04 20.70 -27.07
C ALA E 563 25.06 21.72 -28.19
N VAL E 564 24.03 22.56 -28.28
CA VAL E 564 24.03 23.62 -29.28
C VAL E 564 25.01 24.72 -28.90
N GLU E 565 25.05 25.08 -27.62
CA GLU E 565 25.96 26.13 -27.18
C GLU E 565 27.42 25.69 -27.17
N TYR E 566 27.68 24.39 -27.30
CA TYR E 566 29.02 23.92 -27.59
C TYR E 566 29.27 23.77 -29.09
N ASN E 567 28.25 23.34 -29.85
CA ASN E 567 28.43 23.10 -31.27
C ASN E 567 28.62 24.39 -32.05
N ALA E 568 28.05 25.49 -31.56
CA ALA E 568 28.28 26.79 -32.18
C ALA E 568 29.74 27.19 -32.06
N LEU E 569 30.37 26.88 -30.92
CA LEU E 569 31.80 27.12 -30.78
C LEU E 569 32.63 26.16 -31.63
N PHE E 570 32.22 24.89 -31.71
CA PHE E 570 32.93 23.94 -32.56
C PHE E 570 32.83 24.27 -34.05
N LYS E 571 31.76 24.93 -34.50
CA LYS E 571 31.59 25.20 -35.91
C LYS E 571 31.92 26.63 -36.33
N LYS E 572 31.98 27.58 -35.39
CA LYS E 572 32.15 28.96 -35.80
C LYS E 572 33.32 29.65 -35.10
N TYR E 573 33.62 29.24 -33.87
CA TYR E 573 34.55 29.98 -33.03
C TYR E 573 35.59 29.05 -32.43
N ASP E 574 36.22 28.22 -33.29
CA ASP E 574 37.31 27.35 -32.85
C ASP E 574 38.53 28.12 -32.36
N HIS E 575 38.71 29.36 -32.82
CA HIS E 575 39.72 30.24 -32.25
C HIS E 575 39.32 30.81 -30.90
N MET E 576 38.05 30.64 -30.49
CA MET E 576 37.59 31.07 -29.19
C MET E 576 37.31 29.92 -28.23
N ARG E 577 37.52 28.67 -28.66
CA ARG E 577 37.34 27.55 -27.73
C ARG E 577 38.42 27.54 -26.66
N SER E 578 39.67 27.72 -27.07
CA SER E 578 40.76 27.82 -26.10
C SER E 578 40.74 29.15 -25.36
N ALA E 579 40.03 30.15 -25.89
CA ALA E 579 39.99 31.47 -25.29
C ALA E 579 39.06 31.56 -24.08
N LEU E 580 38.33 30.50 -23.75
CA LEU E 580 37.43 30.54 -22.61
C LEU E 580 37.45 29.24 -21.79
N LEU E 581 38.43 28.38 -22.01
CA LEU E 581 38.58 27.16 -21.23
C LEU E 581 39.84 27.19 -20.40
N GLU E 582 40.13 28.35 -19.81
CA GLU E 582 41.13 28.44 -18.76
C GLU E 582 40.60 27.73 -17.52
N ARG E 583 41.53 27.25 -16.68
CA ARG E 583 41.17 26.52 -15.48
C ARG E 583 40.38 27.38 -14.51
N MET E 584 39.49 26.74 -13.78
CA MET E 584 38.62 27.47 -12.87
C MET E 584 39.40 27.90 -11.64
N PRO E 585 39.16 29.11 -11.13
CA PRO E 585 39.80 29.53 -9.88
C PRO E 585 39.21 28.76 -8.71
N VAL E 586 39.99 28.69 -7.63
CA VAL E 586 39.67 27.86 -6.49
C VAL E 586 39.40 28.75 -5.29
N MET E 587 38.29 28.51 -4.61
CA MET E 587 37.84 29.32 -3.49
C MET E 587 37.88 28.48 -2.21
N GLU E 588 37.39 29.06 -1.12
CA GLU E 588 37.28 28.35 0.14
C GLU E 588 35.93 27.64 0.26
N GLU F 29 -37.66 31.61 20.10
CA GLU F 29 -36.64 30.88 19.36
C GLU F 29 -36.40 31.52 18.00
N MET F 30 -35.34 32.33 17.91
CA MET F 30 -35.05 33.03 16.66
C MET F 30 -33.55 33.35 16.64
N ARG F 31 -32.83 32.77 15.70
CA ARG F 31 -31.40 32.98 15.61
C ARG F 31 -31.10 34.36 15.03
N ILE F 32 -30.45 35.20 15.83
CA ILE F 32 -30.18 36.60 15.46
C ILE F 32 -28.68 36.87 15.56
N LEU F 33 -28.12 37.47 14.53
CA LEU F 33 -26.75 37.95 14.56
C LEU F 33 -26.71 39.44 14.86
N MET F 34 -25.56 39.89 15.38
CA MET F 34 -25.29 41.32 15.52
C MET F 34 -23.95 41.61 14.85
N VAL F 35 -23.97 41.78 13.54
CA VAL F 35 -22.80 42.16 12.77
C VAL F 35 -22.69 43.68 12.75
N GLY F 36 -21.56 44.18 12.29
CA GLY F 36 -21.36 45.62 12.23
C GLY F 36 -19.92 45.96 12.56
N LEU F 37 -19.66 47.26 12.61
CA LEU F 37 -18.31 47.75 12.75
C LEU F 37 -17.82 47.58 14.19
N ASP F 38 -16.53 47.84 14.39
CA ASP F 38 -15.99 47.81 15.73
C ASP F 38 -16.35 49.09 16.47
N ALA F 39 -16.33 48.99 17.81
CA ALA F 39 -16.69 50.06 18.74
C ALA F 39 -18.08 50.61 18.45
N ALA F 40 -19.02 49.72 18.16
CA ALA F 40 -20.38 50.10 17.79
C ALA F 40 -21.38 49.92 18.92
N GLY F 41 -20.94 49.43 20.08
CA GLY F 41 -21.86 49.19 21.17
C GLY F 41 -22.75 47.99 21.00
N LYS F 42 -22.38 47.05 20.13
CA LYS F 42 -23.21 45.86 19.93
C LYS F 42 -23.15 44.93 21.13
N THR F 43 -21.99 44.81 21.78
CA THR F 43 -21.92 44.08 23.03
C THR F 43 -22.61 44.84 24.15
N THR F 44 -22.63 46.17 24.05
CA THR F 44 -23.39 46.98 25.00
C THR F 44 -24.88 46.74 24.85
N ILE F 45 -25.37 46.65 23.61
CA ILE F 45 -26.77 46.28 23.36
C ILE F 45 -27.06 44.87 23.87
N LEU F 46 -26.10 43.95 23.67
CA LEU F 46 -26.30 42.56 24.08
C LEU F 46 -26.37 42.41 25.59
N TYR F 47 -25.55 43.14 26.33
CA TYR F 47 -25.65 43.11 27.78
C TYR F 47 -26.75 44.01 28.33
N LYS F 48 -27.27 44.93 27.52
CA LYS F 48 -28.43 45.71 27.94
C LYS F 48 -29.72 44.94 27.80
N LEU F 49 -29.86 44.15 26.73
CA LEU F 49 -31.09 43.40 26.51
C LEU F 49 -31.21 42.23 27.47
N LYS F 50 -30.10 41.62 27.83
CA LYS F 50 -30.18 40.43 28.69
C LYS F 50 -30.32 40.81 30.16
N LEU F 51 -29.32 41.50 30.70
CA LEU F 51 -29.36 41.84 32.12
C LEU F 51 -30.09 43.16 32.36
N GLY F 52 -29.62 44.23 31.74
CA GLY F 52 -30.24 45.53 31.93
C GLY F 52 -29.28 46.57 32.47
N GLU F 53 -27.98 46.26 32.41
CA GLU F 53 -26.95 47.15 32.92
C GLU F 53 -25.92 47.41 31.83
N ILE F 54 -25.14 48.46 32.02
CA ILE F 54 -24.05 48.82 31.10
C ILE F 54 -22.76 48.47 31.82
N VAL F 55 -22.26 47.26 31.58
CA VAL F 55 -21.04 46.80 32.22
C VAL F 55 -19.84 47.22 31.38
N THR F 56 -18.66 47.22 32.01
CA THR F 56 -17.44 47.54 31.29
C THR F 56 -17.09 46.40 30.34
N THR F 57 -16.95 46.73 29.06
CA THR F 57 -16.81 45.72 28.02
C THR F 57 -15.60 46.02 27.15
N ILE F 58 -14.70 45.04 27.04
CA ILE F 58 -13.55 45.09 26.16
C ILE F 58 -14.01 44.96 24.72
N PRO F 59 -13.23 45.40 23.71
CA PRO F 59 -13.61 45.09 22.32
C PRO F 59 -13.49 43.61 22.04
N THR F 60 -14.64 42.95 21.90
CA THR F 60 -14.73 41.50 21.94
C THR F 60 -14.20 40.90 20.65
N ILE F 61 -13.18 40.05 20.79
CA ILE F 61 -12.53 39.48 19.61
C ILE F 61 -13.40 38.37 19.01
N GLY F 62 -13.82 37.42 19.83
CA GLY F 62 -14.59 36.30 19.32
C GLY F 62 -16.06 36.62 19.24
N PHE F 63 -16.90 35.87 19.95
CA PHE F 63 -18.33 36.09 19.88
C PHE F 63 -18.93 35.95 21.27
N ASN F 64 -20.22 36.28 21.36
CA ASN F 64 -21.01 36.11 22.57
C ASN F 64 -22.38 35.57 22.19
N VAL F 65 -23.01 34.89 23.14
CA VAL F 65 -24.37 34.40 22.93
C VAL F 65 -25.15 34.46 24.23
N GLU F 66 -26.37 34.97 24.17
CA GLU F 66 -27.27 35.04 25.33
C GLU F 66 -28.67 34.72 24.86
N THR F 67 -29.50 34.22 25.77
CA THR F 67 -30.90 33.94 25.46
C THR F 67 -31.73 35.11 25.94
N VAL F 68 -31.90 36.10 25.07
CA VAL F 68 -32.73 37.25 25.39
C VAL F 68 -34.19 36.91 25.13
N GLU F 69 -35.02 37.06 26.14
CA GLU F 69 -36.40 36.58 26.13
C GLU F 69 -37.33 37.76 26.37
N TYR F 70 -37.96 38.23 25.30
CA TYR F 70 -38.86 39.37 25.34
C TYR F 70 -39.93 39.16 24.28
N LYS F 71 -41.17 39.57 24.61
CA LYS F 71 -42.37 39.26 23.82
C LYS F 71 -42.49 37.76 23.57
N ASN F 72 -42.43 36.98 24.67
CA ASN F 72 -42.48 35.53 24.81
C ASN F 72 -41.78 34.73 23.71
N ILE F 73 -40.64 35.23 23.27
CA ILE F 73 -39.81 34.60 22.23
C ILE F 73 -38.36 34.68 22.70
N SER F 74 -37.70 33.53 22.78
CA SER F 74 -36.30 33.48 23.21
C SER F 74 -35.41 33.86 22.03
N PHE F 75 -35.16 35.16 21.88
CA PHE F 75 -34.30 35.66 20.82
C PHE F 75 -32.86 35.29 21.16
N THR F 76 -32.39 34.16 20.63
CA THR F 76 -30.99 33.78 20.79
C THR F 76 -30.14 34.68 19.91
N VAL F 77 -29.30 35.49 20.54
CA VAL F 77 -28.52 36.51 19.85
C VAL F 77 -27.09 36.01 19.74
N TRP F 78 -26.62 35.80 18.51
CA TRP F 78 -25.22 35.45 18.28
C TRP F 78 -24.44 36.73 18.03
N ASP F 79 -24.12 37.41 19.14
CA ASP F 79 -23.31 38.62 19.10
C ASP F 79 -21.89 38.34 18.64
N VAL F 80 -21.49 38.93 17.51
CA VAL F 80 -20.17 38.71 16.93
C VAL F 80 -19.49 40.06 16.80
N GLY F 81 -18.23 40.15 17.26
CA GLY F 81 -17.48 41.38 17.11
C GLY F 81 -17.14 41.69 15.66
N GLY F 82 -16.61 42.89 15.46
CA GLY F 82 -16.37 43.38 14.11
C GLY F 82 -14.98 43.96 13.87
N LEU F 83 -13.95 43.31 14.42
CA LEU F 83 -12.61 43.84 14.32
C LEU F 83 -12.04 43.67 12.92
N ASP F 84 -10.74 43.96 12.79
CA ASP F 84 -10.07 43.93 11.50
C ASP F 84 -9.84 42.51 11.00
N LYS F 85 -9.93 41.50 11.87
CA LYS F 85 -9.61 40.14 11.48
C LYS F 85 -10.73 39.16 11.78
N ILE F 86 -11.95 39.62 12.01
CA ILE F 86 -13.08 38.74 12.30
C ILE F 86 -14.15 38.83 11.23
N ARG F 87 -14.25 39.97 10.54
CA ARG F 87 -15.13 40.22 9.40
C ARG F 87 -15.13 39.16 8.29
N PRO F 88 -14.03 38.45 7.99
CA PRO F 88 -14.20 37.26 7.12
C PRO F 88 -14.95 36.12 7.79
N LEU F 89 -14.85 35.96 9.12
CA LEU F 89 -15.44 34.82 9.80
C LEU F 89 -16.94 34.99 10.06
N TRP F 90 -17.59 36.01 9.52
CA TRP F 90 -19.02 36.12 9.71
C TRP F 90 -19.79 35.10 8.90
N ARG F 91 -19.19 34.58 7.81
CA ARG F 91 -19.87 33.62 6.96
C ARG F 91 -20.04 32.26 7.61
N HIS F 92 -19.37 32.00 8.72
CA HIS F 92 -19.59 30.77 9.47
C HIS F 92 -20.87 30.81 10.28
N TYR F 93 -21.46 31.99 10.46
CA TYR F 93 -22.67 32.15 11.23
C TYR F 93 -23.85 32.61 10.38
N PHE F 94 -23.75 32.55 9.05
CA PHE F 94 -24.83 32.96 8.17
C PHE F 94 -25.76 31.81 7.82
N GLN F 95 -25.88 30.83 8.71
CA GLN F 95 -26.61 29.61 8.43
C GLN F 95 -27.65 29.45 9.52
N ASN F 96 -28.88 29.08 9.10
CA ASN F 96 -30.08 29.05 9.94
C ASN F 96 -30.40 30.40 10.57
N THR F 97 -29.93 31.48 9.94
CA THR F 97 -30.11 32.82 10.49
C THR F 97 -31.48 33.32 10.10
N GLN F 98 -32.22 33.85 11.09
CA GLN F 98 -33.56 34.35 10.84
C GLN F 98 -33.66 35.86 10.94
N GLY F 99 -32.57 36.56 11.23
CA GLY F 99 -32.59 38.00 11.29
C GLY F 99 -31.27 38.65 11.63
N LEU F 100 -31.04 39.85 11.10
CA LEU F 100 -29.78 40.56 11.27
C LEU F 100 -29.97 41.81 12.11
N ILE F 101 -28.92 42.20 12.83
CA ILE F 101 -28.86 43.49 13.48
C ILE F 101 -27.51 44.08 13.09
N PHE F 102 -27.49 44.87 12.02
CA PHE F 102 -26.25 45.47 11.53
C PHE F 102 -26.11 46.82 12.22
N VAL F 103 -25.40 46.82 13.35
CA VAL F 103 -25.28 48.03 14.16
C VAL F 103 -24.24 48.95 13.55
N VAL F 104 -24.65 50.17 13.21
CA VAL F 104 -23.75 51.20 12.73
C VAL F 104 -23.48 52.17 13.86
N ASP F 105 -22.47 53.02 13.68
CA ASP F 105 -22.14 54.06 14.63
C ASP F 105 -22.53 55.41 14.04
N SER F 106 -23.28 56.19 14.82
CA SER F 106 -23.78 57.49 14.37
C SER F 106 -22.72 58.58 14.41
N ASN F 107 -21.76 58.48 15.32
CA ASN F 107 -20.72 59.49 15.48
C ASN F 107 -19.57 59.32 14.49
N ASP F 108 -19.68 58.37 13.56
CA ASP F 108 -18.64 58.08 12.57
C ASP F 108 -19.20 58.40 11.20
N ARG F 109 -19.01 59.66 10.78
CA ARG F 109 -19.38 60.06 9.42
C ARG F 109 -18.46 59.40 8.40
N GLU F 110 -17.21 59.15 8.76
CA GLU F 110 -16.24 58.60 7.83
C GLU F 110 -16.34 57.09 7.67
N ARG F 111 -16.93 56.39 8.64
CA ARG F 111 -16.97 54.94 8.64
C ARG F 111 -18.26 54.37 8.08
N VAL F 112 -19.18 55.21 7.61
CA VAL F 112 -20.42 54.70 7.04
C VAL F 112 -20.19 54.17 5.63
N ASN F 113 -19.10 54.57 4.98
CA ASN F 113 -18.80 54.10 3.64
C ASN F 113 -18.34 52.65 3.66
N GLU F 114 -17.39 52.33 4.53
CA GLU F 114 -16.99 50.94 4.72
C GLU F 114 -18.09 50.09 5.35
N ALA F 115 -18.99 50.71 6.13
CA ALA F 115 -20.14 49.98 6.63
C ALA F 115 -21.11 49.64 5.50
N ARG F 116 -21.30 50.55 4.55
CA ARG F 116 -22.09 50.26 3.36
C ARG F 116 -21.43 49.16 2.52
N GLU F 117 -20.11 49.23 2.39
CA GLU F 117 -19.38 48.20 1.64
C GLU F 117 -19.52 46.84 2.32
N GLU F 118 -19.45 46.80 3.64
CA GLU F 118 -19.61 45.55 4.38
C GLU F 118 -21.04 45.03 4.28
N LEU F 119 -22.03 45.93 4.27
CA LEU F 119 -23.41 45.52 4.15
C LEU F 119 -23.73 44.95 2.77
N MET F 120 -23.27 45.61 1.70
CA MET F 120 -23.46 45.09 0.36
C MET F 120 -22.56 43.90 0.03
N ARG F 121 -21.48 43.68 0.78
CA ARG F 121 -20.69 42.48 0.59
C ARG F 121 -21.23 41.32 1.40
N MET F 122 -22.00 41.60 2.44
CA MET F 122 -22.65 40.60 3.27
C MET F 122 -23.99 40.13 2.73
N LEU F 123 -24.84 41.04 2.24
CA LEU F 123 -26.14 40.66 1.74
C LEU F 123 -26.09 40.02 0.36
N ALA F 124 -24.95 40.05 -0.32
CA ALA F 124 -24.81 39.53 -1.67
C ALA F 124 -24.42 38.07 -1.72
N GLU F 125 -24.71 37.30 -0.68
CA GLU F 125 -24.40 35.88 -0.64
C GLU F 125 -25.68 35.07 -0.74
N ASP F 126 -25.56 33.82 -1.22
CA ASP F 126 -26.71 32.97 -1.43
C ASP F 126 -27.33 32.53 -0.10
N GLU F 127 -26.50 32.13 0.84
CA GLU F 127 -26.97 31.93 2.21
C GLU F 127 -27.33 33.27 2.82
N LEU F 128 -28.17 33.22 3.86
CA LEU F 128 -28.78 34.39 4.50
C LEU F 128 -29.51 35.25 3.46
N ARG F 129 -30.54 34.62 2.90
CA ARG F 129 -31.39 35.28 1.91
C ARG F 129 -32.79 35.55 2.42
N ASP F 130 -33.24 34.84 3.45
CA ASP F 130 -34.58 34.99 3.98
C ASP F 130 -34.60 35.50 5.41
N ALA F 131 -33.64 36.35 5.77
CA ALA F 131 -33.57 36.94 7.09
C ALA F 131 -33.78 38.44 6.97
N VAL F 132 -34.54 39.02 7.90
CA VAL F 132 -34.83 40.44 7.84
C VAL F 132 -33.60 41.23 8.30
N LEU F 133 -33.57 42.49 7.90
CA LEU F 133 -32.49 43.39 8.24
C LEU F 133 -33.00 44.46 9.19
N LEU F 134 -32.28 44.68 10.29
CA LEU F 134 -32.72 45.60 11.34
C LEU F 134 -31.51 46.43 11.77
N VAL F 135 -31.33 47.57 11.13
CA VAL F 135 -30.17 48.41 11.43
C VAL F 135 -30.48 49.22 12.68
N PHE F 136 -29.57 49.19 13.65
CA PHE F 136 -29.66 50.02 14.84
C PHE F 136 -28.71 51.20 14.73
N ALA F 137 -29.27 52.40 14.79
CA ALA F 137 -28.48 53.62 14.82
C ALA F 137 -28.05 53.90 16.25
N ASN F 138 -26.98 53.21 16.65
CA ASN F 138 -26.50 53.29 18.02
C ASN F 138 -25.76 54.61 18.24
N LYS F 139 -25.55 54.92 19.52
CA LYS F 139 -24.73 56.04 19.99
C LYS F 139 -25.28 57.39 19.54
N GLN F 140 -26.49 57.67 20.00
CA GLN F 140 -27.12 58.98 19.82
C GLN F 140 -26.77 59.82 21.04
N ASP F 141 -25.70 60.60 20.91
CA ASP F 141 -25.21 61.40 22.02
C ASP F 141 -24.82 62.83 21.67
N LEU F 142 -24.63 63.13 20.39
CA LEU F 142 -24.03 64.38 19.96
C LEU F 142 -24.86 64.98 18.84
N PRO F 143 -24.73 66.29 18.58
CA PRO F 143 -25.24 66.84 17.33
C PRO F 143 -24.43 66.43 16.11
N ASN F 144 -23.22 65.90 16.31
CA ASN F 144 -22.47 65.32 15.20
C ASN F 144 -23.09 64.00 14.74
N ALA F 145 -23.86 63.35 15.61
CA ALA F 145 -24.54 62.12 15.25
C ALA F 145 -25.65 62.39 14.26
N MET F 146 -26.11 61.32 13.60
CA MET F 146 -27.12 61.41 12.57
C MET F 146 -28.43 60.77 13.02
N ASN F 147 -29.48 61.07 12.26
CA ASN F 147 -30.79 60.48 12.46
C ASN F 147 -30.93 59.22 11.61
N ALA F 148 -32.14 58.69 11.50
CA ALA F 148 -32.37 57.51 10.69
C ALA F 148 -32.34 57.84 9.20
N ALA F 149 -32.74 59.06 8.84
CA ALA F 149 -32.88 59.41 7.42
C ALA F 149 -31.53 59.56 6.74
N GLU F 150 -30.57 60.23 7.40
CA GLU F 150 -29.27 60.45 6.76
C GLU F 150 -28.46 59.15 6.72
N ILE F 151 -28.57 58.32 7.75
CA ILE F 151 -27.90 57.01 7.73
C ILE F 151 -28.54 56.11 6.67
N THR F 152 -29.86 56.24 6.47
CA THR F 152 -30.53 55.48 5.41
C THR F 152 -30.09 55.96 4.03
N ASP F 153 -29.92 57.27 3.87
CA ASP F 153 -29.41 57.84 2.63
C ASP F 153 -27.96 57.44 2.35
N LYS F 154 -27.13 57.32 3.38
CA LYS F 154 -25.73 56.98 3.18
C LYS F 154 -25.52 55.49 2.96
N LEU F 155 -26.24 54.64 3.69
CA LEU F 155 -26.09 53.20 3.49
C LEU F 155 -26.77 52.72 2.22
N GLY F 156 -27.82 53.42 1.79
CA GLY F 156 -28.54 53.00 0.60
C GLY F 156 -29.45 51.83 0.86
N LEU F 157 -30.22 51.91 1.95
CA LEU F 157 -31.16 50.84 2.28
C LEU F 157 -32.33 50.78 1.33
N HIS F 158 -32.67 51.89 0.69
CA HIS F 158 -33.71 51.91 -0.35
C HIS F 158 -33.28 51.20 -1.62
N SER F 159 -31.98 51.00 -1.81
CA SER F 159 -31.45 50.26 -2.95
C SER F 159 -31.43 48.76 -2.73
N LEU F 160 -32.07 48.29 -1.66
CA LEU F 160 -32.17 46.86 -1.40
C LEU F 160 -33.49 46.32 -1.95
N ARG F 161 -33.40 45.12 -2.52
CA ARG F 161 -34.54 44.46 -3.14
C ARG F 161 -34.74 43.11 -2.47
N HIS F 162 -36.02 42.73 -2.30
CA HIS F 162 -36.44 41.50 -1.61
C HIS F 162 -35.94 41.45 -0.18
N ARG F 163 -35.86 42.61 0.47
CA ARG F 163 -35.40 42.70 1.85
C ARG F 163 -36.36 43.54 2.67
N ASN F 164 -36.64 43.08 3.88
CA ASN F 164 -37.48 43.81 4.82
C ASN F 164 -36.61 44.63 5.76
N TRP F 165 -35.92 45.63 5.21
CA TRP F 165 -35.00 46.42 6.03
C TRP F 165 -35.77 47.43 6.87
N TYR F 166 -35.27 47.70 8.06
CA TYR F 166 -35.84 48.72 8.93
C TYR F 166 -34.71 49.31 9.77
N ILE F 167 -34.48 50.61 9.63
CA ILE F 167 -33.52 51.29 10.49
C ILE F 167 -34.23 51.70 11.78
N GLN F 168 -33.47 51.71 12.88
CA GLN F 168 -34.03 52.03 14.20
C GLN F 168 -33.04 52.87 14.97
N ALA F 169 -33.42 54.09 15.32
CA ALA F 169 -32.57 54.95 16.15
C ALA F 169 -32.56 54.41 17.57
N THR F 170 -31.38 54.03 18.05
CA THR F 170 -31.24 53.37 19.35
C THR F 170 -30.28 54.13 20.25
N CYS F 171 -30.46 53.91 21.56
CA CYS F 171 -29.54 54.39 22.58
C CYS F 171 -29.24 53.22 23.50
N ALA F 172 -28.03 52.67 23.38
CA ALA F 172 -27.69 51.44 24.09
C ALA F 172 -27.54 51.67 25.59
N THR F 173 -27.02 52.83 25.98
CA THR F 173 -26.77 53.14 27.38
C THR F 173 -28.05 53.45 28.15
N SER F 174 -29.18 53.61 27.46
CA SER F 174 -30.44 53.91 28.13
C SER F 174 -31.61 53.04 27.68
N GLY F 175 -31.41 52.12 26.75
CA GLY F 175 -32.48 51.24 26.31
C GLY F 175 -33.52 51.89 25.43
N ASP F 176 -33.23 53.05 24.85
CA ASP F 176 -34.20 53.77 24.03
C ASP F 176 -34.26 53.12 22.65
N GLY F 177 -35.42 52.55 22.31
CA GLY F 177 -35.67 52.03 20.98
C GLY F 177 -35.30 50.59 20.76
N LEU F 178 -34.72 49.93 21.76
CA LEU F 178 -34.28 48.54 21.60
C LEU F 178 -35.48 47.60 21.56
N TYR F 179 -36.39 47.74 22.53
CA TYR F 179 -37.53 46.84 22.61
C TYR F 179 -38.54 47.12 21.51
N GLU F 180 -38.55 48.34 20.96
CA GLU F 180 -39.34 48.62 19.78
C GLU F 180 -38.82 47.85 18.58
N GLY F 181 -37.49 47.80 18.42
CA GLY F 181 -36.91 47.01 17.35
C GLY F 181 -37.11 45.52 17.56
N LEU F 182 -37.09 45.07 18.82
CA LEU F 182 -37.39 43.67 19.09
C LEU F 182 -38.85 43.34 18.86
N ASP F 183 -39.75 44.30 19.07
CA ASP F 183 -41.16 44.09 18.77
C ASP F 183 -41.38 44.01 17.27
N TRP F 184 -40.72 44.89 16.51
CA TRP F 184 -40.79 44.82 15.05
C TRP F 184 -40.17 43.53 14.53
N LEU F 185 -39.12 43.04 15.20
CA LEU F 185 -38.50 41.78 14.83
C LEU F 185 -39.42 40.61 15.12
N SER F 186 -40.16 40.66 16.24
CA SER F 186 -41.11 39.63 16.59
C SER F 186 -42.30 39.58 15.64
N ASN F 187 -42.78 40.74 15.19
CA ASN F 187 -43.90 40.74 14.25
C ASN F 187 -43.49 40.27 12.87
N GLN F 188 -42.25 40.54 12.47
CA GLN F 188 -41.77 40.13 11.15
C GLN F 188 -41.23 38.71 11.14
N LEU F 189 -41.28 38.02 12.28
CA LEU F 189 -40.95 36.60 12.27
C LEU F 189 -42.05 35.79 11.62
N ARG F 190 -43.28 35.89 12.12
CA ARG F 190 -44.39 35.27 11.45
C ARG F 190 -44.82 36.13 10.27
N ASN F 191 -45.67 35.55 9.42
CA ASN F 191 -46.07 36.21 8.19
C ASN F 191 -47.59 36.27 8.06
N SER G 2 1.08 -21.78 -15.45
CA SER G 2 2.20 -22.32 -14.69
C SER G 2 2.27 -21.73 -13.30
N ALA G 3 1.25 -22.00 -12.49
CA ALA G 3 1.26 -21.58 -11.10
C ALA G 3 2.24 -22.45 -10.31
N SER G 4 2.48 -22.04 -9.07
CA SER G 4 3.39 -22.77 -8.20
C SER G 4 2.78 -23.13 -6.86
N ALA G 5 1.93 -22.26 -6.30
CA ALA G 5 1.36 -22.51 -4.98
C ALA G 5 0.08 -21.69 -4.87
N VAL G 6 -1.07 -22.38 -4.87
CA VAL G 6 -2.33 -21.67 -4.75
C VAL G 6 -2.60 -21.40 -3.27
N TYR G 7 -2.46 -20.15 -2.87
CA TYR G 7 -2.72 -19.72 -1.51
C TYR G 7 -4.10 -19.09 -1.45
N VAL G 8 -4.71 -19.16 -0.27
CA VAL G 8 -5.97 -18.50 0.01
C VAL G 8 -5.80 -17.76 1.32
N LEU G 9 -5.83 -16.44 1.28
CA LEU G 9 -5.54 -15.63 2.44
C LEU G 9 -6.82 -15.02 3.00
N ASP G 10 -6.67 -14.18 4.02
CA ASP G 10 -7.77 -13.40 4.56
C ASP G 10 -7.37 -11.93 4.49
N LEU G 11 -8.17 -11.07 5.13
CA LEU G 11 -7.86 -9.65 5.05
C LEU G 11 -6.72 -9.25 5.96
N LYS G 12 -6.32 -10.11 6.90
CA LYS G 12 -5.17 -9.84 7.75
C LYS G 12 -3.87 -10.35 7.16
N GLY G 13 -3.91 -11.18 6.13
CA GLY G 13 -2.72 -11.69 5.49
C GLY G 13 -2.26 -13.05 5.93
N LYS G 14 -2.90 -13.65 6.93
CA LYS G 14 -2.52 -14.98 7.37
C LYS G 14 -3.21 -16.02 6.50
N VAL G 15 -2.66 -17.22 6.48
CA VAL G 15 -3.04 -18.24 5.51
C VAL G 15 -4.28 -18.98 6.01
N LEU G 16 -5.39 -18.81 5.29
CA LEU G 16 -6.56 -19.64 5.56
C LEU G 16 -6.33 -21.07 5.09
N ILE G 17 -5.82 -21.25 3.88
CA ILE G 17 -5.46 -22.57 3.38
C ILE G 17 -4.38 -22.38 2.31
N CYS G 18 -3.54 -23.39 2.14
CA CYS G 18 -2.39 -23.30 1.24
C CYS G 18 -2.21 -24.63 0.53
N ARG G 19 -1.68 -24.57 -0.69
CA ARG G 19 -1.50 -25.78 -1.49
C ARG G 19 -0.41 -25.49 -2.52
N ASN G 20 0.79 -26.00 -2.27
CA ASN G 20 1.87 -25.84 -3.24
C ASN G 20 2.00 -27.08 -4.13
N TYR G 21 2.53 -26.89 -5.33
CA TYR G 21 2.64 -27.98 -6.29
C TYR G 21 4.06 -28.24 -6.75
N ARG G 22 4.83 -27.20 -6.97
CA ARG G 22 6.17 -27.35 -7.51
C ARG G 22 7.26 -27.14 -6.47
N GLY G 23 7.00 -26.39 -5.41
CA GLY G 23 8.03 -26.17 -4.42
C GLY G 23 9.08 -25.15 -4.80
N ASP G 24 8.93 -24.53 -5.98
CA ASP G 24 9.83 -23.47 -6.41
C ASP G 24 9.62 -22.19 -5.63
N VAL G 25 8.49 -22.05 -4.96
CA VAL G 25 8.20 -20.93 -4.08
C VAL G 25 8.11 -21.48 -2.67
N ASP G 26 8.86 -20.88 -1.74
CA ASP G 26 8.82 -21.31 -0.36
C ASP G 26 7.48 -20.95 0.28
N MET G 27 7.10 -21.72 1.28
CA MET G 27 5.81 -21.54 1.92
C MET G 27 5.75 -20.31 2.82
N SER G 28 6.91 -19.72 3.13
CA SER G 28 6.97 -18.49 3.90
C SER G 28 7.04 -17.26 3.00
N GLU G 29 6.94 -17.44 1.68
CA GLU G 29 6.96 -16.31 0.76
C GLU G 29 5.65 -15.54 0.76
N VAL G 30 4.56 -16.15 1.23
CA VAL G 30 3.30 -15.43 1.30
C VAL G 30 3.30 -14.41 2.44
N GLU G 31 4.24 -14.52 3.38
CA GLU G 31 4.39 -13.53 4.42
C GLU G 31 4.88 -12.19 3.88
N HIS G 32 5.48 -12.18 2.70
CA HIS G 32 5.87 -10.95 2.04
C HIS G 32 4.79 -10.42 1.10
N PHE G 33 3.61 -11.02 1.07
CA PHE G 33 2.54 -10.50 0.21
C PHE G 33 1.95 -9.23 0.79
N MET G 34 1.37 -9.32 1.99
CA MET G 34 0.62 -8.21 2.56
C MET G 34 1.45 -6.97 2.90
N PRO G 35 2.68 -7.04 3.41
CA PRO G 35 3.49 -5.81 3.48
C PRO G 35 3.80 -5.21 2.12
N ILE G 36 4.01 -6.02 1.08
CA ILE G 36 4.27 -5.47 -0.24
C ILE G 36 3.00 -4.83 -0.82
N LEU G 37 1.83 -5.43 -0.54
CA LEU G 37 0.59 -4.82 -1.00
C LEU G 37 0.31 -3.52 -0.26
N MET G 38 0.62 -3.45 1.03
CA MET G 38 0.42 -2.19 1.74
C MET G 38 1.47 -1.15 1.37
N GLU G 39 2.63 -1.58 0.88
CA GLU G 39 3.61 -0.62 0.38
C GLU G 39 3.19 -0.08 -0.98
N LYS G 40 2.75 -0.95 -1.89
CA LYS G 40 2.31 -0.51 -3.21
C LYS G 40 0.99 0.22 -3.16
N GLU G 41 0.21 0.04 -2.10
CA GLU G 41 -1.05 0.74 -1.92
C GLU G 41 -0.86 2.23 -1.69
N GLU G 42 0.22 2.62 -1.00
CA GLU G 42 0.46 4.02 -0.69
C GLU G 42 1.36 4.72 -1.69
N GLU G 43 1.54 4.18 -2.90
CA GLU G 43 2.23 4.93 -3.94
C GLU G 43 1.52 4.83 -5.28
N GLY G 44 0.33 4.23 -5.34
CA GLY G 44 -0.43 4.18 -6.56
C GLY G 44 0.09 3.22 -7.62
N MET G 45 1.06 2.38 -7.28
CA MET G 45 1.59 1.40 -8.23
C MET G 45 1.03 0.01 -7.93
N LEU G 46 -0.24 -0.05 -7.55
CA LEU G 46 -0.89 -1.33 -7.26
C LEU G 46 -1.06 -2.13 -8.53
N SER G 47 -0.88 -3.44 -8.43
CA SER G 47 -0.95 -4.32 -9.59
C SER G 47 -1.48 -5.66 -9.13
N PRO G 48 -2.13 -6.41 -10.02
CA PRO G 48 -2.45 -7.81 -9.70
C PRO G 48 -1.24 -8.70 -9.70
N ILE G 49 -0.10 -8.25 -10.20
CA ILE G 49 1.13 -9.02 -10.20
C ILE G 49 2.13 -8.25 -9.34
N LEU G 50 2.21 -8.62 -8.07
CA LEU G 50 3.20 -8.01 -7.19
C LEU G 50 4.55 -8.71 -7.40
N ALA G 51 5.59 -8.15 -6.80
CA ALA G 51 6.94 -8.64 -7.08
C ALA G 51 7.73 -8.69 -5.78
N HIS G 52 8.24 -9.87 -5.45
CA HIS G 52 9.21 -10.05 -4.37
C HIS G 52 10.39 -10.83 -4.93
N GLY G 53 11.35 -10.10 -5.50
CA GLY G 53 12.54 -10.73 -6.04
C GLY G 53 12.26 -11.61 -7.23
N GLY G 54 12.29 -12.91 -7.02
CA GLY G 54 12.00 -13.86 -8.08
C GLY G 54 10.67 -14.56 -7.89
N VAL G 55 9.84 -14.06 -6.97
CA VAL G 55 8.54 -14.63 -6.69
C VAL G 55 7.48 -13.59 -7.01
N ARG G 56 6.66 -13.87 -8.01
CA ARG G 56 5.57 -12.98 -8.40
C ARG G 56 4.28 -13.51 -7.81
N PHE G 57 3.38 -12.60 -7.44
CA PHE G 57 2.15 -12.94 -6.73
C PHE G 57 0.96 -12.56 -7.59
N MET G 58 0.44 -13.51 -8.35
CA MET G 58 -0.83 -13.28 -9.01
C MET G 58 -1.95 -13.48 -8.00
N TRP G 59 -2.78 -12.45 -7.85
CA TRP G 59 -3.80 -12.48 -6.80
C TRP G 59 -5.07 -11.83 -7.29
N ILE G 60 -6.20 -12.33 -6.79
CA ILE G 60 -7.47 -11.65 -6.95
C ILE G 60 -8.05 -11.41 -5.56
N LYS G 61 -9.02 -10.51 -5.48
CA LYS G 61 -9.65 -10.17 -4.21
C LYS G 61 -11.10 -10.63 -4.24
N HIS G 62 -11.44 -11.55 -3.35
CA HIS G 62 -12.82 -11.93 -3.14
C HIS G 62 -13.36 -11.11 -1.97
N ASN G 63 -14.48 -11.55 -1.36
CA ASN G 63 -15.17 -10.83 -0.28
C ASN G 63 -14.28 -10.51 0.90
N ASN G 64 -13.75 -11.53 1.57
CA ASN G 64 -12.72 -11.34 2.59
C ASN G 64 -11.43 -12.06 2.23
N LEU G 65 -11.32 -12.58 1.02
CA LEU G 65 -10.30 -13.54 0.67
C LEU G 65 -9.39 -13.00 -0.43
N TYR G 66 -8.11 -13.30 -0.32
CA TYR G 66 -7.15 -13.08 -1.38
C TYR G 66 -6.70 -14.46 -1.85
N LEU G 67 -6.92 -14.75 -3.13
CA LEU G 67 -6.45 -16.01 -3.69
C LEU G 67 -5.12 -15.79 -4.40
N VAL G 68 -4.07 -15.67 -3.60
CA VAL G 68 -2.73 -15.48 -4.14
C VAL G 68 -2.26 -16.77 -4.79
N ALA G 69 -1.77 -16.68 -6.02
CA ALA G 69 -1.16 -17.82 -6.69
C ALA G 69 0.26 -17.42 -7.04
N THR G 70 1.22 -17.87 -6.24
CA THR G 70 2.61 -17.48 -6.45
C THR G 70 3.18 -18.21 -7.65
N SER G 71 4.29 -17.68 -8.16
CA SER G 71 5.04 -18.33 -9.24
C SER G 71 6.46 -17.80 -9.23
N LYS G 72 7.34 -18.57 -9.83
CA LYS G 72 8.72 -18.12 -9.92
C LYS G 72 9.20 -17.90 -11.35
N LYS G 73 8.91 -18.83 -12.25
CA LYS G 73 9.35 -18.69 -13.63
C LYS G 73 8.40 -17.78 -14.39
N ASN G 74 8.59 -17.71 -15.71
CA ASN G 74 7.73 -16.94 -16.59
C ASN G 74 6.41 -17.71 -16.72
N ALA G 75 5.50 -17.44 -15.79
CA ALA G 75 4.24 -18.15 -15.77
C ALA G 75 3.28 -17.58 -16.80
N CYS G 76 2.43 -18.45 -17.35
CA CYS G 76 1.36 -18.00 -18.22
C CYS G 76 0.32 -17.34 -17.33
N VAL G 77 0.23 -16.01 -17.42
CA VAL G 77 -0.46 -15.22 -16.40
C VAL G 77 -1.97 -15.33 -16.54
N SER G 78 -2.49 -15.24 -17.78
CA SER G 78 -3.92 -15.32 -18.00
C SER G 78 -4.47 -16.69 -17.65
N LEU G 79 -3.65 -17.74 -17.83
CA LEU G 79 -3.97 -19.06 -17.32
C LEU G 79 -4.20 -19.04 -15.81
N VAL G 80 -3.32 -18.36 -15.09
CA VAL G 80 -3.39 -18.32 -13.64
C VAL G 80 -4.62 -17.54 -13.17
N PHE G 81 -4.92 -16.41 -13.83
CA PHE G 81 -6.07 -15.63 -13.38
C PHE G 81 -7.39 -16.30 -13.74
N SER G 82 -7.50 -16.89 -14.93
CA SER G 82 -8.73 -17.60 -15.26
C SER G 82 -8.89 -18.83 -14.39
N PHE G 83 -7.77 -19.47 -14.01
CA PHE G 83 -7.80 -20.52 -13.02
C PHE G 83 -8.32 -20.03 -11.68
N LEU G 84 -7.88 -18.85 -11.23
CA LEU G 84 -8.30 -18.36 -9.92
C LEU G 84 -9.78 -18.00 -9.90
N TYR G 85 -10.28 -17.39 -10.96
CA TYR G 85 -11.72 -17.13 -11.00
C TYR G 85 -12.54 -18.40 -11.18
N LYS G 86 -11.99 -19.43 -11.83
CA LYS G 86 -12.71 -20.68 -11.88
C LYS G 86 -12.68 -21.40 -10.52
N VAL G 87 -11.61 -21.23 -9.76
CA VAL G 87 -11.57 -21.77 -8.40
C VAL G 87 -12.59 -21.06 -7.52
N VAL G 88 -12.72 -19.75 -7.69
CA VAL G 88 -13.79 -18.98 -7.02
C VAL G 88 -15.16 -19.53 -7.38
N GLN G 89 -15.38 -19.84 -8.66
CA GLN G 89 -16.68 -20.36 -9.08
C GLN G 89 -16.92 -21.77 -8.55
N VAL G 90 -15.89 -22.61 -8.49
CA VAL G 90 -16.05 -23.97 -7.95
C VAL G 90 -16.35 -23.92 -6.45
N PHE G 91 -15.68 -23.04 -5.71
CA PHE G 91 -15.94 -22.93 -4.28
C PHE G 91 -17.32 -22.33 -4.02
N SER G 92 -17.73 -21.35 -4.81
CA SER G 92 -19.06 -20.80 -4.67
C SER G 92 -20.15 -21.70 -5.23
N GLU G 93 -19.80 -22.78 -5.93
CA GLU G 93 -20.78 -23.79 -6.26
C GLU G 93 -20.82 -24.95 -5.27
N TYR G 94 -19.74 -25.20 -4.53
CA TYR G 94 -19.91 -26.12 -3.40
C TYR G 94 -20.49 -25.43 -2.18
N PHE G 95 -20.10 -24.17 -1.95
CA PHE G 95 -20.45 -23.45 -0.74
C PHE G 95 -21.40 -22.35 -1.17
N LYS G 96 -22.44 -22.11 -0.37
CA LYS G 96 -23.41 -21.07 -0.70
C LYS G 96 -22.80 -19.68 -0.72
N GLU G 97 -21.87 -19.41 0.20
CA GLU G 97 -21.00 -18.25 0.11
C GLU G 97 -19.58 -18.68 0.42
N LEU G 98 -18.62 -17.92 -0.07
CA LEU G 98 -17.20 -18.18 0.19
C LEU G 98 -16.68 -17.05 1.06
N GLU G 99 -16.47 -17.35 2.35
CA GLU G 99 -15.94 -16.37 3.28
C GLU G 99 -14.89 -17.07 4.14
N GLU G 100 -14.44 -16.37 5.18
CA GLU G 100 -13.46 -16.95 6.11
C GLU G 100 -14.04 -18.08 6.93
N GLU G 101 -15.36 -18.10 7.12
CA GLU G 101 -16.02 -19.15 7.88
C GLU G 101 -16.19 -20.44 7.09
N SER G 102 -15.93 -20.43 5.78
CA SER G 102 -16.08 -21.63 4.97
C SER G 102 -14.79 -22.40 4.78
N ILE G 103 -13.64 -21.72 4.83
CA ILE G 103 -12.37 -22.40 4.66
C ILE G 103 -12.04 -23.24 5.89
N ARG G 104 -12.02 -22.64 7.08
CA ARG G 104 -11.61 -23.35 8.28
C ARG G 104 -12.66 -24.32 8.80
N ASP G 105 -13.86 -24.35 8.21
CA ASP G 105 -14.86 -25.31 8.58
C ASP G 105 -15.08 -26.41 7.56
N ASN G 106 -14.47 -26.30 6.37
CA ASN G 106 -14.60 -27.32 5.35
C ASN G 106 -13.24 -27.71 4.78
N PHE G 107 -12.22 -27.80 5.62
CA PHE G 107 -10.88 -28.18 5.15
C PHE G 107 -10.77 -29.64 4.75
N VAL G 108 -11.81 -30.45 4.98
CA VAL G 108 -11.79 -31.84 4.54
C VAL G 108 -11.84 -31.91 3.02
N ILE G 109 -12.64 -31.04 2.41
CA ILE G 109 -12.88 -31.11 0.98
C ILE G 109 -12.05 -30.09 0.19
N ILE G 110 -11.59 -29.00 0.81
CA ILE G 110 -10.92 -27.95 0.06
C ILE G 110 -9.49 -28.35 -0.31
N TYR G 111 -8.80 -29.09 0.56
CA TYR G 111 -7.52 -29.66 0.16
C TYR G 111 -7.67 -30.68 -0.96
N GLU G 112 -8.76 -31.45 -0.94
CA GLU G 112 -9.05 -32.39 -2.02
C GLU G 112 -9.29 -31.66 -3.33
N LEU G 113 -10.01 -30.54 -3.28
CA LEU G 113 -10.27 -29.76 -4.49
C LEU G 113 -8.99 -29.10 -5.00
N LEU G 114 -8.18 -28.57 -4.10
CA LEU G 114 -6.95 -27.93 -4.56
C LEU G 114 -5.91 -28.96 -4.99
N ASP G 115 -6.10 -30.23 -4.63
CA ASP G 115 -5.30 -31.29 -5.20
C ASP G 115 -5.87 -31.77 -6.53
N GLU G 116 -7.19 -31.66 -6.71
CA GLU G 116 -7.84 -32.20 -7.89
C GLU G 116 -7.83 -31.23 -9.07
N LEU G 117 -8.03 -29.94 -8.82
CA LEU G 117 -8.18 -28.97 -9.90
C LEU G 117 -6.87 -28.74 -10.63
N MET G 118 -5.76 -28.73 -9.89
CA MET G 118 -4.48 -28.35 -10.44
C MET G 118 -3.37 -29.27 -9.95
N ASP G 119 -2.59 -29.80 -10.89
CA ASP G 119 -1.40 -30.58 -10.58
C ASP G 119 -0.23 -29.95 -11.31
N PHE G 120 0.86 -29.70 -10.58
CA PHE G 120 2.12 -29.13 -11.06
C PHE G 120 1.96 -27.71 -11.61
N GLY G 121 0.82 -27.07 -11.42
CA GLY G 121 0.59 -25.73 -11.93
C GLY G 121 -0.31 -25.69 -13.13
N TYR G 122 -0.90 -26.81 -13.51
CA TYR G 122 -1.70 -26.91 -14.73
C TYR G 122 -3.14 -27.25 -14.36
N PRO G 123 -4.13 -26.47 -14.79
CA PRO G 123 -5.52 -26.88 -14.55
C PRO G 123 -5.88 -28.08 -15.40
N GLN G 124 -6.59 -29.03 -14.82
CA GLN G 124 -6.87 -30.22 -15.61
C GLN G 124 -8.33 -30.65 -15.58
N THR G 125 -9.07 -30.33 -14.51
CA THR G 125 -10.48 -30.69 -14.43
C THR G 125 -11.16 -29.69 -13.52
N THR G 126 -11.90 -28.73 -14.08
CA THR G 126 -12.48 -27.67 -13.28
C THR G 126 -13.99 -27.50 -13.44
N ASP G 127 -14.67 -28.38 -14.18
CA ASP G 127 -16.12 -28.30 -14.28
C ASP G 127 -16.73 -28.77 -12.96
N SER G 128 -17.37 -27.86 -12.23
CA SER G 128 -17.77 -28.15 -10.85
C SER G 128 -18.90 -29.16 -10.78
N LYS G 129 -19.82 -29.12 -11.75
CA LYS G 129 -20.95 -30.04 -11.74
C LYS G 129 -20.51 -31.48 -12.02
N ILE G 130 -19.56 -31.67 -12.93
CA ILE G 130 -18.95 -32.97 -13.11
C ILE G 130 -18.10 -33.34 -11.90
N LEU G 131 -17.52 -32.35 -11.23
CA LEU G 131 -16.67 -32.61 -10.07
C LEU G 131 -17.49 -32.95 -8.83
N GLN G 132 -18.81 -32.70 -8.85
CA GLN G 132 -19.68 -33.11 -7.75
C GLN G 132 -19.86 -34.61 -7.62
N GLU G 133 -19.34 -35.41 -8.54
CA GLU G 133 -19.69 -36.81 -8.62
C GLU G 133 -18.69 -37.75 -7.96
N TYR G 134 -17.48 -37.29 -7.66
CA TYR G 134 -16.57 -38.10 -6.87
C TYR G 134 -15.82 -37.33 -5.82
N ILE G 135 -16.00 -36.02 -5.72
CA ILE G 135 -15.47 -35.22 -4.62
C ILE G 135 -16.67 -34.62 -3.92
N THR G 136 -17.15 -35.29 -2.87
CA THR G 136 -18.35 -34.87 -2.16
C THR G 136 -18.03 -34.55 -0.71
N GLN G 137 -18.83 -33.67 -0.14
CA GLN G 137 -18.77 -33.33 1.27
C GLN G 137 -19.63 -34.24 2.13
N GLU G 138 -20.26 -35.24 1.52
CA GLU G 138 -21.17 -36.13 2.22
C GLU G 138 -20.49 -37.42 2.64
N ALA G 146 -15.11 -43.50 -1.67
CA ALA G 146 -15.45 -42.75 -2.87
C ALA G 146 -15.41 -43.66 -4.08
N PRO G 147 -16.33 -43.47 -5.03
CA PRO G 147 -16.41 -44.37 -6.17
C PRO G 147 -15.34 -44.09 -7.21
N ARG G 148 -15.42 -44.81 -8.33
CA ARG G 148 -14.55 -44.58 -9.47
C ARG G 148 -14.83 -43.20 -10.07
N PRO G 149 -13.84 -42.60 -10.74
CA PRO G 149 -14.13 -41.38 -11.48
C PRO G 149 -15.03 -41.69 -12.66
N PRO G 150 -16.02 -40.84 -12.93
CA PRO G 150 -16.91 -41.07 -14.07
C PRO G 150 -16.17 -40.94 -15.39
N ALA G 151 -16.75 -41.55 -16.41
CA ALA G 151 -16.16 -41.48 -17.75
C ALA G 151 -16.22 -40.09 -18.34
N THR G 152 -17.10 -39.22 -17.82
CA THR G 152 -17.20 -37.85 -18.29
C THR G 152 -15.94 -37.06 -17.97
N VAL G 153 -15.24 -37.43 -16.90
CA VAL G 153 -14.02 -36.75 -16.49
C VAL G 153 -12.91 -36.93 -17.52
N THR G 154 -12.92 -38.03 -18.27
CA THR G 154 -11.85 -38.30 -19.22
C THR G 154 -12.29 -38.09 -20.66
N ASN G 155 -13.58 -38.29 -20.94
CA ASN G 155 -14.08 -38.30 -22.31
C ASN G 155 -14.08 -36.90 -22.89
N ALA G 156 -14.23 -36.81 -24.22
CA ALA G 156 -14.22 -35.53 -24.91
C ALA G 156 -15.42 -34.67 -24.53
N VAL G 157 -16.59 -35.29 -24.37
CA VAL G 157 -17.73 -34.56 -23.84
C VAL G 157 -17.55 -34.55 -22.32
N SER G 158 -16.88 -33.51 -21.81
CA SER G 158 -16.41 -33.48 -20.44
C SER G 158 -17.21 -32.51 -19.57
N TRP G 159 -18.46 -32.24 -19.95
CA TRP G 159 -19.28 -31.31 -19.18
C TRP G 159 -20.71 -31.83 -19.02
N ARG G 160 -20.95 -33.09 -19.35
CA ARG G 160 -22.31 -33.64 -19.33
C ARG G 160 -22.19 -35.12 -18.99
N SER G 161 -22.63 -35.49 -17.79
CA SER G 161 -22.60 -36.89 -17.39
C SER G 161 -23.80 -37.63 -17.96
N GLU G 162 -23.52 -38.65 -18.78
CA GLU G 162 -24.60 -39.45 -19.32
C GLU G 162 -25.20 -40.34 -18.25
N GLY G 163 -26.51 -40.54 -18.34
CA GLY G 163 -27.24 -41.23 -17.30
C GLY G 163 -28.13 -40.36 -16.45
N ILE G 164 -28.29 -39.08 -16.80
CA ILE G 164 -29.20 -38.21 -16.08
C ILE G 164 -30.59 -38.32 -16.69
N LYS G 165 -31.58 -38.61 -15.86
CA LYS G 165 -32.95 -38.79 -16.31
C LYS G 165 -33.87 -37.94 -15.45
N TYR G 166 -34.66 -37.08 -16.09
CA TYR G 166 -35.65 -36.27 -15.40
C TYR G 166 -37.05 -36.75 -15.74
N ARG G 167 -38.03 -36.22 -14.99
CA ARG G 167 -39.42 -36.49 -15.30
C ARG G 167 -39.88 -35.68 -16.51
N LYS G 168 -39.74 -34.36 -16.43
CA LYS G 168 -40.05 -33.50 -17.55
C LYS G 168 -38.78 -33.25 -18.37
N ASN G 169 -38.89 -32.48 -19.44
CA ASN G 169 -37.75 -32.11 -20.27
C ASN G 169 -37.90 -30.62 -20.58
N GLU G 170 -37.38 -29.79 -19.67
CA GLU G 170 -37.53 -28.35 -19.75
C GLU G 170 -36.21 -27.71 -20.13
N VAL G 171 -36.26 -26.82 -21.11
CA VAL G 171 -35.09 -26.09 -21.59
C VAL G 171 -35.37 -24.62 -21.34
N PHE G 172 -34.73 -24.04 -20.34
CA PHE G 172 -34.96 -22.65 -19.96
C PHE G 172 -33.86 -21.79 -20.54
N LEU G 173 -34.24 -20.63 -21.08
CA LEU G 173 -33.29 -19.66 -21.61
C LEU G 173 -33.60 -18.27 -21.07
N ASP G 174 -32.54 -17.51 -20.81
CA ASP G 174 -32.68 -16.15 -20.31
C ASP G 174 -31.78 -15.27 -21.18
N VAL G 175 -32.36 -14.66 -22.20
CA VAL G 175 -31.60 -13.75 -23.06
C VAL G 175 -31.60 -12.41 -22.34
N ILE G 176 -30.62 -12.23 -21.46
CA ILE G 176 -30.56 -11.07 -20.60
C ILE G 176 -29.65 -10.02 -21.22
N GLU G 177 -30.22 -8.86 -21.51
CA GLU G 177 -29.45 -7.74 -22.02
C GLU G 177 -28.74 -7.04 -20.85
N ALA G 178 -27.76 -6.20 -21.19
CA ALA G 178 -27.12 -5.34 -20.19
C ALA G 178 -26.59 -4.11 -20.93
N VAL G 179 -27.32 -3.00 -20.82
CA VAL G 179 -26.91 -1.81 -21.54
C VAL G 179 -25.78 -1.12 -20.79
N ASN G 180 -24.64 -0.99 -21.43
CA ASN G 180 -23.60 -0.09 -20.94
C ASN G 180 -23.79 1.27 -21.60
N LEU G 181 -23.50 2.31 -20.83
CA LEU G 181 -23.68 3.67 -21.32
C LEU G 181 -22.70 4.57 -20.61
N LEU G 182 -22.24 5.60 -21.31
CA LEU G 182 -21.37 6.61 -20.72
C LEU G 182 -21.67 7.94 -21.40
N VAL G 183 -22.48 8.76 -20.74
CA VAL G 183 -22.85 10.07 -21.26
C VAL G 183 -22.00 11.12 -20.56
N SER G 184 -21.35 11.99 -21.33
CA SER G 184 -20.47 12.97 -20.75
C SER G 184 -21.26 14.11 -20.12
N ALA G 185 -20.53 15.07 -19.56
CA ALA G 185 -21.15 16.24 -18.94
C ALA G 185 -21.82 17.15 -19.95
N ASN G 186 -21.45 17.07 -21.24
CA ASN G 186 -22.05 17.95 -22.23
C ASN G 186 -23.46 17.52 -22.59
N GLY G 187 -23.81 16.27 -22.32
CA GLY G 187 -25.11 15.72 -22.70
C GLY G 187 -25.07 14.86 -23.93
N ASN G 188 -23.91 14.44 -24.39
CA ASN G 188 -23.80 13.56 -25.55
C ASN G 188 -23.29 12.19 -25.13
N VAL G 189 -23.63 11.19 -25.94
CA VAL G 189 -23.31 9.79 -25.67
C VAL G 189 -21.90 9.51 -26.17
N LEU G 190 -21.02 9.10 -25.25
CA LEU G 190 -19.67 8.70 -25.63
C LEU G 190 -19.62 7.24 -26.06
N ARG G 191 -19.98 6.34 -25.16
CA ARG G 191 -19.94 4.91 -25.42
C ARG G 191 -21.29 4.32 -25.02
N SER G 192 -21.86 3.51 -25.91
CA SER G 192 -23.14 2.85 -25.70
C SER G 192 -23.09 1.50 -26.38
N GLU G 193 -22.79 0.46 -25.61
CA GLU G 193 -22.75 -0.89 -26.14
C GLU G 193 -23.55 -1.81 -25.22
N ILE G 194 -24.02 -2.91 -25.79
CA ILE G 194 -24.88 -3.86 -25.10
C ILE G 194 -24.15 -5.17 -24.95
N VAL G 195 -23.94 -5.59 -23.72
CA VAL G 195 -23.25 -6.85 -23.44
C VAL G 195 -24.34 -7.83 -23.00
N GLY G 196 -24.90 -8.54 -23.96
CA GLY G 196 -25.94 -9.49 -23.64
C GLY G 196 -25.40 -10.87 -23.38
N SER G 197 -26.16 -11.67 -22.62
CA SER G 197 -25.67 -12.96 -22.17
C SER G 197 -26.85 -13.93 -22.10
N ILE G 198 -26.92 -14.86 -23.04
CA ILE G 198 -27.93 -15.92 -22.99
C ILE G 198 -27.52 -16.89 -21.88
N LYS G 199 -28.37 -17.01 -20.86
CA LYS G 199 -28.06 -17.81 -19.68
C LYS G 199 -29.09 -18.93 -19.61
N MET G 200 -28.66 -20.15 -19.87
CA MET G 200 -29.59 -21.27 -19.92
C MET G 200 -29.68 -21.98 -18.57
N ARG G 201 -30.78 -22.70 -18.39
CA ARG G 201 -30.97 -23.63 -17.28
C ARG G 201 -31.58 -24.89 -17.87
N VAL G 202 -30.74 -25.87 -18.13
CA VAL G 202 -31.12 -27.05 -18.89
C VAL G 202 -31.55 -28.16 -17.95
N PHE G 203 -32.77 -28.65 -18.15
CA PHE G 203 -33.24 -29.88 -17.51
C PHE G 203 -33.62 -30.83 -18.64
N LEU G 204 -32.63 -31.57 -19.15
CA LEU G 204 -32.85 -32.53 -20.21
C LEU G 204 -32.35 -33.90 -19.77
N SER G 205 -32.87 -34.92 -20.43
CA SER G 205 -32.51 -36.30 -20.15
C SER G 205 -31.88 -36.88 -21.41
N GLY G 206 -30.71 -37.49 -21.26
CA GLY G 206 -30.00 -38.06 -22.39
C GLY G 206 -28.77 -37.27 -22.77
N MET G 207 -28.35 -37.38 -24.03
CA MET G 207 -27.20 -36.63 -24.55
C MET G 207 -27.69 -35.81 -25.74
N PRO G 208 -28.38 -34.69 -25.50
CA PRO G 208 -28.97 -33.95 -26.60
C PRO G 208 -27.92 -33.13 -27.34
N GLU G 209 -28.20 -32.90 -28.62
CA GLU G 209 -27.37 -32.03 -29.46
C GLU G 209 -28.29 -30.90 -29.90
N LEU G 210 -28.35 -29.86 -29.08
CA LEU G 210 -29.18 -28.70 -29.38
C LEU G 210 -28.60 -27.93 -30.57
N ARG G 211 -29.48 -27.25 -31.29
CA ARG G 211 -29.08 -26.30 -32.33
C ARG G 211 -29.86 -25.01 -32.10
N LEU G 212 -29.25 -24.09 -31.36
CA LEU G 212 -29.87 -22.79 -31.13
C LEU G 212 -29.80 -21.96 -32.40
N GLY G 213 -30.85 -21.18 -32.67
CA GLY G 213 -30.88 -20.36 -33.85
C GLY G 213 -31.15 -18.91 -33.52
N LEU G 214 -30.31 -18.01 -34.01
CA LEU G 214 -30.50 -16.59 -33.76
C LEU G 214 -30.82 -15.84 -35.04
N ASN G 215 -31.13 -14.56 -34.90
CA ASN G 215 -31.25 -13.66 -36.05
C ASN G 215 -29.96 -12.88 -36.25
N ASP G 216 -28.90 -13.64 -36.51
CA ASP G 216 -27.59 -13.07 -36.77
C ASP G 216 -27.59 -12.39 -38.13
N LYS G 217 -26.89 -11.26 -38.22
CA LYS G 217 -26.85 -10.49 -39.46
C LYS G 217 -26.06 -11.22 -40.54
N VAL G 218 -24.97 -11.88 -40.15
CA VAL G 218 -24.15 -12.59 -41.11
C VAL G 218 -24.87 -13.82 -41.64
N LEU G 219 -25.61 -14.51 -40.77
CA LEU G 219 -26.36 -15.69 -41.20
C LEU G 219 -27.50 -15.30 -42.15
N PHE G 220 -28.12 -14.14 -41.93
CA PHE G 220 -29.16 -13.69 -42.84
C PHE G 220 -28.59 -13.13 -44.14
N ASP G 221 -27.40 -12.53 -44.12
CA ASP G 221 -26.78 -12.09 -45.36
C ASP G 221 -26.30 -13.26 -46.19
N ASN G 222 -25.87 -14.35 -45.55
CA ASN G 222 -25.55 -15.56 -46.30
C ASN G 222 -26.77 -16.42 -46.57
N THR G 223 -27.92 -16.08 -45.98
CA THR G 223 -29.15 -16.81 -46.27
C THR G 223 -29.92 -16.15 -47.41
N GLY G 224 -30.18 -14.85 -47.30
CA GLY G 224 -30.91 -14.13 -48.32
C GLY G 224 -32.10 -13.37 -47.78
N ARG G 225 -32.10 -13.12 -46.48
CA ARG G 225 -33.18 -12.39 -45.80
C ARG G 225 -32.69 -11.06 -45.28
N GLY G 226 -31.91 -10.36 -46.09
CA GLY G 226 -31.24 -9.13 -45.68
C GLY G 226 -32.06 -7.88 -45.79
N LYS G 227 -33.32 -7.92 -45.38
CA LYS G 227 -34.11 -6.71 -45.23
C LYS G 227 -35.01 -6.73 -44.01
N SER G 228 -34.95 -7.77 -43.18
CA SER G 228 -35.68 -7.82 -41.93
C SER G 228 -34.77 -7.31 -40.81
N LYS G 229 -35.28 -7.30 -39.58
CA LYS G 229 -34.50 -6.84 -38.45
C LYS G 229 -33.56 -7.94 -38.02
N SER G 230 -32.26 -7.70 -38.13
CA SER G 230 -31.24 -8.67 -37.76
C SER G 230 -30.20 -7.98 -36.90
N VAL G 231 -29.81 -8.62 -35.81
CA VAL G 231 -28.81 -8.05 -34.93
C VAL G 231 -27.42 -8.36 -35.50
N GLU G 232 -26.56 -7.34 -35.51
CA GLU G 232 -25.17 -7.51 -35.91
C GLU G 232 -24.39 -7.82 -34.64
N LEU G 233 -24.23 -9.10 -34.34
CA LEU G 233 -23.42 -9.52 -33.21
C LEU G 233 -21.96 -9.24 -33.54
N GLU G 234 -21.40 -8.19 -32.94
CA GLU G 234 -20.05 -7.78 -33.29
C GLU G 234 -19.02 -8.78 -32.76
N ASP G 235 -19.29 -9.35 -31.60
CA ASP G 235 -18.51 -10.49 -31.13
C ASP G 235 -19.40 -11.39 -30.30
N VAL G 236 -19.12 -12.68 -30.36
CA VAL G 236 -19.81 -13.70 -29.60
C VAL G 236 -18.77 -14.54 -28.89
N LYS G 237 -18.93 -14.70 -27.58
CA LYS G 237 -18.10 -15.62 -26.80
C LYS G 237 -18.98 -16.76 -26.28
N PHE G 238 -18.98 -17.88 -26.99
CA PHE G 238 -19.71 -19.06 -26.58
C PHE G 238 -19.04 -19.75 -25.41
N HIS G 239 -19.72 -20.76 -24.89
CA HIS G 239 -19.19 -21.60 -23.83
C HIS G 239 -18.17 -22.59 -24.43
N GLN G 240 -17.66 -23.48 -23.58
CA GLN G 240 -16.84 -24.59 -24.05
C GLN G 240 -17.63 -25.53 -24.95
N CYS G 241 -18.92 -25.72 -24.65
CA CYS G 241 -19.68 -26.82 -25.24
C CYS G 241 -19.99 -26.59 -26.71
N VAL G 242 -19.97 -25.34 -27.16
CA VAL G 242 -20.41 -25.03 -28.52
C VAL G 242 -19.32 -25.44 -29.50
N ARG G 243 -19.70 -26.12 -30.57
CA ARG G 243 -18.76 -26.52 -31.61
C ARG G 243 -18.33 -25.28 -32.38
N LEU G 244 -17.13 -24.81 -32.10
CA LEU G 244 -16.70 -23.51 -32.60
C LEU G 244 -16.25 -23.55 -34.05
N SER G 245 -15.76 -24.69 -34.53
CA SER G 245 -15.41 -24.80 -35.94
C SER G 245 -16.66 -24.76 -36.81
N ARG G 246 -17.72 -25.43 -36.38
CA ARG G 246 -18.99 -25.35 -37.10
C ARG G 246 -19.59 -23.96 -37.00
N PHE G 247 -19.35 -23.23 -35.91
CA PHE G 247 -19.82 -21.85 -35.86
C PHE G 247 -19.01 -20.95 -36.77
N GLU G 248 -17.71 -21.20 -36.91
CA GLU G 248 -16.93 -20.39 -37.82
C GLU G 248 -17.26 -20.71 -39.27
N ASN G 249 -17.74 -21.93 -39.53
CA ASN G 249 -18.15 -22.29 -40.89
C ASN G 249 -19.38 -21.51 -41.33
N ASP G 250 -20.52 -21.74 -40.67
CA ASP G 250 -21.79 -21.21 -41.18
C ASP G 250 -22.66 -20.65 -40.07
N ARG G 251 -22.02 -20.11 -39.03
CA ARG G 251 -22.67 -19.36 -37.93
C ARG G 251 -23.71 -20.21 -37.19
N THR G 252 -23.43 -21.50 -37.04
CA THR G 252 -24.38 -22.46 -36.48
C THR G 252 -23.99 -22.78 -35.05
N ILE G 253 -24.97 -22.75 -34.15
CA ILE G 253 -24.75 -22.91 -32.72
C ILE G 253 -25.18 -24.32 -32.35
N SER G 254 -24.24 -25.26 -32.34
CA SER G 254 -24.53 -26.65 -32.05
C SER G 254 -23.71 -27.11 -30.85
N PHE G 255 -24.36 -27.69 -29.86
CA PHE G 255 -23.67 -28.04 -28.62
C PHE G 255 -24.39 -29.15 -27.88
N ILE G 256 -23.70 -29.74 -26.92
CA ILE G 256 -24.31 -30.61 -25.93
C ILE G 256 -24.30 -29.87 -24.59
N PRO G 257 -25.44 -29.57 -24.00
CA PRO G 257 -25.48 -28.68 -22.85
C PRO G 257 -25.05 -29.40 -21.59
N PRO G 258 -24.56 -28.66 -20.59
CA PRO G 258 -24.33 -29.25 -19.27
C PRO G 258 -25.61 -29.48 -18.50
N ASP G 259 -25.48 -29.90 -17.25
CA ASP G 259 -26.63 -30.19 -16.40
C ASP G 259 -26.74 -29.12 -15.33
N GLY G 260 -27.61 -28.15 -15.55
CA GLY G 260 -27.81 -27.06 -14.61
C GLY G 260 -27.62 -25.74 -15.28
N GLU G 261 -27.52 -24.69 -14.46
CA GLU G 261 -27.38 -23.33 -14.94
C GLU G 261 -25.98 -23.11 -15.49
N PHE G 262 -25.90 -22.41 -16.62
CA PHE G 262 -24.62 -22.01 -17.19
C PHE G 262 -24.87 -20.81 -18.08
N GLU G 263 -23.78 -20.17 -18.51
CA GLU G 263 -23.84 -19.06 -19.46
C GLU G 263 -23.39 -19.60 -20.81
N LEU G 264 -24.32 -19.69 -21.75
CA LEU G 264 -24.00 -20.26 -23.06
C LEU G 264 -23.13 -19.32 -23.88
N MET G 265 -23.67 -18.16 -24.24
CA MET G 265 -22.95 -17.20 -25.06
C MET G 265 -23.06 -15.81 -24.46
N SER G 266 -22.09 -14.96 -24.80
CA SER G 266 -22.01 -13.59 -24.31
C SER G 266 -21.77 -12.68 -25.50
N TYR G 267 -22.85 -12.24 -26.13
CA TYR G 267 -22.71 -11.38 -27.29
C TYR G 267 -22.49 -9.93 -26.86
N ARG G 268 -21.97 -9.14 -27.80
CA ARG G 268 -21.55 -7.79 -27.49
C ARG G 268 -21.63 -6.99 -28.78
N LEU G 269 -22.51 -6.00 -28.82
CA LEU G 269 -22.62 -5.15 -29.99
C LEU G 269 -22.80 -3.70 -29.57
N ASN G 270 -22.65 -2.81 -30.53
CA ASN G 270 -22.79 -1.38 -30.32
C ASN G 270 -24.26 -0.97 -30.46
N THR G 271 -24.52 0.30 -30.17
CA THR G 271 -25.90 0.79 -30.17
C THR G 271 -25.94 2.21 -30.69
N HIS G 272 -26.56 2.41 -31.85
CA HIS G 272 -26.84 3.74 -32.37
C HIS G 272 -28.26 4.19 -32.04
N VAL G 273 -28.92 3.50 -31.12
CA VAL G 273 -30.23 3.87 -30.65
C VAL G 273 -30.02 4.77 -29.44
N LYS G 274 -31.05 5.57 -29.11
CA LYS G 274 -31.01 6.45 -27.95
C LYS G 274 -30.91 5.63 -26.66
N PRO G 275 -30.36 6.23 -25.60
CA PRO G 275 -30.36 5.56 -24.29
C PRO G 275 -31.77 5.34 -23.78
N LEU G 276 -31.93 4.27 -22.99
CA LEU G 276 -33.26 3.90 -22.53
C LEU G 276 -33.77 4.89 -21.49
N ILE G 277 -33.11 4.98 -20.35
CA ILE G 277 -33.43 5.97 -19.32
C ILE G 277 -32.40 7.08 -19.40
N TRP G 278 -32.88 8.30 -19.61
CA TRP G 278 -32.03 9.48 -19.71
C TRP G 278 -32.15 10.26 -18.41
N ILE G 279 -31.05 10.80 -17.93
CA ILE G 279 -31.03 11.53 -16.67
C ILE G 279 -30.58 12.96 -16.98
N GLU G 280 -31.55 13.86 -17.13
CA GLU G 280 -31.24 15.27 -17.34
C GLU G 280 -31.17 15.91 -15.95
N SER G 281 -29.96 16.13 -15.47
CA SER G 281 -29.72 16.63 -14.12
C SER G 281 -29.06 17.99 -14.15
N VAL G 282 -29.47 18.88 -13.25
CA VAL G 282 -28.79 20.15 -13.03
C VAL G 282 -28.49 20.28 -11.55
N ILE G 283 -27.39 20.96 -11.25
CA ILE G 283 -26.90 21.10 -9.88
C ILE G 283 -26.66 22.57 -9.60
N GLU G 284 -27.42 23.14 -8.67
CA GLU G 284 -27.15 24.51 -8.20
C GLU G 284 -26.34 24.49 -6.92
N LYS G 285 -25.10 24.05 -7.00
CA LYS G 285 -24.22 23.98 -5.84
C LYS G 285 -23.70 25.37 -5.52
N HIS G 286 -24.42 26.08 -4.65
CA HIS G 286 -23.88 27.31 -4.09
C HIS G 286 -22.83 26.95 -3.05
N SER G 287 -21.75 27.72 -3.02
CA SER G 287 -20.69 27.45 -2.05
C SER G 287 -21.15 27.79 -0.65
N HIS G 288 -20.78 26.92 0.29
CA HIS G 288 -20.96 27.06 1.75
C HIS G 288 -22.41 27.09 2.21
N SER G 289 -23.38 26.99 1.31
CA SER G 289 -24.77 27.26 1.68
C SER G 289 -25.65 26.02 1.56
N ARG G 290 -25.73 25.42 0.39
CA ARG G 290 -26.76 24.44 0.07
C ARG G 290 -26.45 23.88 -1.31
N ILE G 291 -27.36 23.04 -1.80
CA ILE G 291 -27.25 22.45 -3.12
C ILE G 291 -28.64 22.00 -3.56
N GLU G 292 -28.98 22.25 -4.82
CA GLU G 292 -30.27 21.87 -5.36
C GLU G 292 -30.07 20.89 -6.51
N TYR G 293 -30.95 19.89 -6.58
CA TYR G 293 -30.91 18.84 -7.61
C TYR G 293 -32.24 18.81 -8.34
N MET G 294 -32.41 19.67 -9.34
CA MET G 294 -33.63 19.64 -10.15
C MET G 294 -33.49 18.63 -11.28
N VAL G 295 -33.46 17.36 -10.88
CA VAL G 295 -33.17 16.26 -11.79
C VAL G 295 -34.48 15.72 -12.35
N LYS G 296 -34.46 15.30 -13.61
CA LYS G 296 -35.58 14.60 -14.21
C LYS G 296 -35.08 13.35 -14.93
N ALA G 297 -35.98 12.41 -15.12
CA ALA G 297 -35.67 11.12 -15.74
C ALA G 297 -36.77 10.77 -16.73
N LYS G 298 -36.50 10.97 -18.00
CA LYS G 298 -37.42 10.61 -19.06
C LYS G 298 -37.03 9.26 -19.64
N SER G 299 -38.01 8.52 -20.15
CA SER G 299 -37.78 7.19 -20.72
C SER G 299 -37.93 7.26 -22.23
N GLN G 300 -36.83 7.04 -22.94
CA GLN G 300 -36.85 7.21 -24.39
C GLN G 300 -37.41 6.01 -25.13
N PHE G 301 -37.75 4.92 -24.45
CA PHE G 301 -38.17 3.71 -25.14
C PHE G 301 -39.69 3.71 -25.33
N LYS G 302 -40.25 2.57 -25.73
CA LYS G 302 -41.64 2.48 -26.13
C LYS G 302 -42.58 2.62 -24.94
N ARG G 303 -43.83 2.98 -25.26
CA ARG G 303 -44.84 3.22 -24.24
C ARG G 303 -45.30 1.95 -23.52
N ARG G 304 -45.19 0.79 -24.16
CA ARG G 304 -45.76 -0.44 -23.62
C ARG G 304 -44.97 -0.99 -22.44
N SER G 305 -43.64 -0.95 -22.49
CA SER G 305 -42.80 -1.67 -21.56
C SER G 305 -42.78 -0.99 -20.20
N THR G 306 -42.39 -1.75 -19.19
CA THR G 306 -42.52 -1.33 -17.80
C THR G 306 -41.22 -1.63 -17.07
N ALA G 307 -40.43 -0.59 -16.83
CA ALA G 307 -39.14 -0.74 -16.14
C ALA G 307 -39.39 -0.99 -14.67
N ASN G 308 -39.17 -2.23 -14.23
CA ASN G 308 -39.36 -2.55 -12.82
C ASN G 308 -38.21 -2.01 -11.99
N ASN G 309 -38.51 -1.68 -10.73
CA ASN G 309 -37.65 -1.36 -9.59
C ASN G 309 -36.34 -0.64 -9.90
N VAL G 310 -36.42 0.45 -10.66
CA VAL G 310 -35.19 1.15 -11.02
C VAL G 310 -34.67 1.92 -9.82
N GLU G 311 -33.37 2.17 -9.81
CA GLU G 311 -32.73 2.89 -8.70
C GLU G 311 -31.74 3.88 -9.31
N ILE G 312 -32.19 5.12 -9.47
CA ILE G 312 -31.35 6.14 -10.07
C ILE G 312 -30.46 6.76 -9.00
N HIS G 313 -29.22 6.32 -8.93
CA HIS G 313 -28.28 6.89 -7.97
C HIS G 313 -27.79 8.23 -8.48
N ILE G 314 -27.71 9.22 -7.58
CA ILE G 314 -27.13 10.51 -7.89
C ILE G 314 -26.16 10.84 -6.78
N PRO G 315 -24.87 11.07 -7.08
CA PRO G 315 -23.87 11.32 -6.03
C PRO G 315 -24.02 12.72 -5.45
N VAL G 316 -24.00 12.80 -4.13
CA VAL G 316 -24.14 14.05 -3.39
C VAL G 316 -22.78 14.37 -2.80
N PRO G 317 -22.54 15.56 -2.25
CA PRO G 317 -21.26 15.79 -1.56
C PRO G 317 -21.15 14.97 -0.28
N ASN G 318 -19.92 14.92 0.23
CA ASN G 318 -19.58 14.00 1.31
C ASN G 318 -20.22 14.42 2.62
N ASP G 319 -20.35 15.71 2.86
CA ASP G 319 -20.78 16.23 4.15
C ASP G 319 -22.12 16.96 4.08
N ALA G 320 -23.07 16.44 3.33
CA ALA G 320 -24.36 17.11 3.23
C ALA G 320 -25.17 16.90 4.50
N ASP G 321 -26.20 17.73 4.67
CA ASP G 321 -26.97 17.73 5.91
C ASP G 321 -28.35 18.32 5.68
N SER G 322 -29.31 17.85 6.49
CA SER G 322 -30.73 18.21 6.49
C SER G 322 -31.35 18.07 5.11
N PRO G 323 -31.62 16.85 4.65
CA PRO G 323 -32.15 16.68 3.30
C PRO G 323 -33.63 17.07 3.21
N LYS G 324 -34.00 17.52 2.02
CA LYS G 324 -35.39 17.74 1.66
C LYS G 324 -35.60 17.19 0.25
N PHE G 325 -36.68 16.45 0.06
CA PHE G 325 -36.90 15.73 -1.20
C PHE G 325 -38.30 16.00 -1.71
N LYS G 326 -38.42 16.93 -2.64
CA LYS G 326 -39.69 17.21 -3.31
C LYS G 326 -39.72 16.41 -4.60
N THR G 327 -40.46 15.31 -4.61
CA THR G 327 -40.50 14.38 -5.71
C THR G 327 -41.83 14.48 -6.43
N THR G 328 -42.04 13.64 -7.44
CA THR G 328 -43.37 13.37 -7.97
C THR G 328 -43.76 11.91 -7.78
N VAL G 329 -42.99 10.99 -8.34
CA VAL G 329 -43.29 9.56 -8.32
C VAL G 329 -42.05 8.83 -7.81
N GLY G 330 -42.24 7.93 -6.86
CA GLY G 330 -41.13 7.14 -6.39
C GLY G 330 -40.49 7.84 -5.21
N SER G 331 -40.19 7.07 -4.17
CA SER G 331 -39.67 7.62 -2.94
C SER G 331 -38.18 7.91 -3.06
N VAL G 332 -37.66 8.67 -2.09
CA VAL G 332 -36.24 8.92 -1.97
C VAL G 332 -35.80 8.44 -0.60
N LYS G 333 -34.82 7.55 -0.58
CA LYS G 333 -34.03 7.33 0.60
C LYS G 333 -32.66 7.95 0.37
N TRP G 334 -32.01 8.34 1.45
CA TRP G 334 -30.71 9.00 1.37
C TRP G 334 -29.69 8.12 2.06
N VAL G 335 -28.76 7.59 1.28
CA VAL G 335 -27.77 6.63 1.75
C VAL G 335 -26.45 7.39 1.93
N PRO G 336 -26.04 7.70 3.16
CA PRO G 336 -24.79 8.44 3.34
C PRO G 336 -23.57 7.55 3.39
N GLU G 337 -23.75 6.24 3.41
CA GLU G 337 -22.63 5.31 3.26
C GLU G 337 -21.98 5.49 1.91
N ASN G 338 -22.73 5.32 0.83
CA ASN G 338 -22.20 5.54 -0.49
C ASN G 338 -22.10 7.02 -0.84
N SER G 339 -22.67 7.90 -0.01
CA SER G 339 -22.77 9.34 -0.22
C SER G 339 -23.45 9.65 -1.55
N GLU G 340 -24.69 9.21 -1.63
CA GLU G 340 -25.53 9.40 -2.82
C GLU G 340 -26.98 9.20 -2.44
N ILE G 341 -27.87 9.79 -3.23
CA ILE G 341 -29.31 9.59 -3.05
C ILE G 341 -29.74 8.46 -3.96
N VAL G 342 -30.70 7.67 -3.51
CA VAL G 342 -31.19 6.52 -4.26
C VAL G 342 -32.65 6.83 -4.57
N TRP G 343 -32.90 7.38 -5.75
CA TRP G 343 -34.25 7.76 -6.13
C TRP G 343 -34.96 6.54 -6.68
N SER G 344 -35.49 5.71 -5.78
CA SER G 344 -36.06 4.42 -6.14
C SER G 344 -37.47 4.58 -6.69
N VAL G 345 -37.66 4.21 -7.94
CA VAL G 345 -38.98 4.16 -8.56
C VAL G 345 -39.40 2.70 -8.61
N LYS G 346 -40.60 2.41 -8.10
CA LYS G 346 -41.04 1.03 -8.04
C LYS G 346 -41.40 0.51 -9.42
N SER G 347 -42.13 1.30 -10.20
CA SER G 347 -42.54 0.94 -11.55
C SER G 347 -42.44 2.19 -12.42
N PHE G 348 -41.68 2.10 -13.51
CA PHE G 348 -41.32 3.26 -14.31
C PHE G 348 -41.77 2.97 -15.74
N PRO G 349 -42.99 3.37 -16.10
CA PRO G 349 -43.50 3.07 -17.44
C PRO G 349 -42.78 3.87 -18.51
N GLY G 350 -42.85 3.36 -19.74
CA GLY G 350 -42.13 3.97 -20.84
C GLY G 350 -42.86 5.18 -21.39
N GLY G 351 -42.10 6.19 -21.83
CA GLY G 351 -42.65 7.41 -22.36
C GLY G 351 -42.92 8.48 -21.34
N LYS G 352 -42.90 8.14 -20.05
CA LYS G 352 -43.16 9.10 -19.00
C LYS G 352 -41.94 9.98 -18.79
N GLU G 353 -42.08 10.96 -17.89
CA GLU G 353 -40.99 11.88 -17.58
C GLU G 353 -41.22 12.38 -16.16
N TYR G 354 -40.44 11.87 -15.22
CA TYR G 354 -40.67 12.15 -13.81
C TYR G 354 -39.63 13.13 -13.31
N LEU G 355 -40.07 14.13 -12.56
CA LEU G 355 -39.21 15.18 -12.04
C LEU G 355 -39.00 14.95 -10.54
N MET G 356 -37.79 15.23 -10.07
CA MET G 356 -37.48 15.10 -8.66
C MET G 356 -36.56 16.22 -8.23
N ARG G 357 -36.81 16.79 -7.05
CA ARG G 357 -36.00 17.89 -6.53
C ARG G 357 -35.45 17.49 -5.17
N ALA G 358 -34.13 17.31 -5.09
CA ALA G 358 -33.47 17.14 -3.81
C ALA G 358 -32.82 18.45 -3.38
N HIS G 359 -32.74 18.65 -2.07
CA HIS G 359 -32.21 19.90 -1.53
C HIS G 359 -31.54 19.62 -0.20
N PHE G 360 -30.22 19.70 -0.17
CA PHE G 360 -29.44 19.55 1.05
C PHE G 360 -29.00 20.91 1.57
N GLY G 361 -28.22 20.86 2.65
CA GLY G 361 -27.37 21.96 3.03
C GLY G 361 -25.93 21.64 2.68
N LEU G 362 -25.02 22.42 3.25
CA LEU G 362 -23.59 22.19 3.12
C LEU G 362 -22.94 22.96 4.25
N PRO G 363 -21.87 22.45 4.87
CA PRO G 363 -21.29 23.13 6.03
C PRO G 363 -20.63 24.43 5.65
N SER G 364 -20.75 25.43 6.53
CA SER G 364 -20.27 26.76 6.22
C SER G 364 -18.75 26.82 6.29
N VAL G 365 -18.15 26.06 7.17
CA VAL G 365 -16.71 25.87 7.15
C VAL G 365 -16.35 24.94 5.99
N GLU G 366 -15.36 25.33 5.20
CA GLU G 366 -15.07 24.61 3.97
C GLU G 366 -14.32 23.32 4.26
N ALA G 367 -14.27 22.45 3.26
CA ALA G 367 -13.66 21.14 3.42
C ALA G 367 -12.13 21.27 3.42
N GLU G 368 -11.48 20.17 3.78
CA GLU G 368 -10.02 20.10 3.81
C GLU G 368 -9.43 19.50 2.55
N ASP G 369 -10.08 18.49 1.97
CA ASP G 369 -9.59 17.82 0.79
C ASP G 369 -10.66 17.85 -0.30
N LYS G 370 -10.31 17.31 -1.47
CA LYS G 370 -11.23 17.31 -2.59
C LYS G 370 -12.28 16.23 -2.42
N GLU G 371 -13.20 16.16 -3.38
CA GLU G 371 -14.39 15.34 -3.24
C GLU G 371 -14.53 14.27 -4.31
N GLY G 372 -14.24 14.56 -5.56
CA GLY G 372 -14.45 13.61 -6.64
C GLY G 372 -15.89 13.56 -7.09
N LYS G 373 -16.07 13.24 -8.38
CA LYS G 373 -17.38 13.31 -9.01
C LYS G 373 -17.74 11.97 -9.63
N PRO G 374 -18.37 11.08 -8.87
CA PRO G 374 -18.85 9.83 -9.45
C PRO G 374 -20.03 10.07 -10.35
N PRO G 375 -20.33 9.15 -11.26
CA PRO G 375 -21.44 9.36 -12.20
C PRO G 375 -22.80 8.96 -11.65
N ILE G 376 -23.83 9.57 -12.22
CA ILE G 376 -25.19 9.07 -12.05
C ILE G 376 -25.29 7.70 -12.70
N SER G 377 -25.68 6.69 -11.92
CA SER G 377 -25.67 5.32 -12.41
C SER G 377 -26.97 4.63 -11.97
N VAL G 378 -27.83 4.32 -12.93
CA VAL G 378 -29.13 3.75 -12.61
C VAL G 378 -28.98 2.23 -12.48
N LYS G 379 -29.99 1.57 -11.92
CA LYS G 379 -30.01 0.12 -11.75
C LYS G 379 -31.30 -0.46 -12.29
N PHE G 380 -31.63 -0.13 -13.53
CA PHE G 380 -32.96 -0.43 -14.05
C PHE G 380 -33.08 -1.91 -14.43
N GLU G 381 -34.31 -2.30 -14.75
CA GLU G 381 -34.62 -3.68 -15.15
C GLU G 381 -35.93 -3.62 -15.94
N ILE G 382 -35.89 -4.09 -17.18
CA ILE G 382 -37.06 -4.04 -18.06
C ILE G 382 -37.35 -5.46 -18.53
N PRO G 383 -38.47 -6.07 -18.15
CA PRO G 383 -38.78 -7.41 -18.63
C PRO G 383 -39.44 -7.38 -20.00
N TYR G 384 -39.37 -8.54 -20.66
CA TYR G 384 -40.07 -8.83 -21.92
C TYR G 384 -39.63 -7.88 -23.05
N PHE G 385 -38.38 -7.44 -23.01
CA PHE G 385 -37.93 -6.39 -23.92
C PHE G 385 -36.43 -6.57 -24.17
N THR G 386 -36.04 -6.51 -25.44
CA THR G 386 -34.63 -6.53 -25.82
C THR G 386 -34.29 -5.24 -26.55
N THR G 387 -33.24 -4.56 -26.08
CA THR G 387 -32.81 -3.36 -26.77
C THR G 387 -32.07 -3.72 -28.06
N SER G 388 -31.35 -4.84 -28.05
CA SER G 388 -30.60 -5.27 -29.22
C SER G 388 -31.50 -5.76 -30.34
N GLY G 389 -32.70 -6.23 -30.00
CA GLY G 389 -33.59 -6.80 -30.99
C GLY G 389 -33.25 -8.21 -31.39
N ILE G 390 -32.49 -8.93 -30.57
CA ILE G 390 -32.18 -10.32 -30.88
C ILE G 390 -33.41 -11.17 -30.62
N GLN G 391 -33.69 -12.08 -31.55
CA GLN G 391 -34.85 -12.96 -31.48
C GLN G 391 -34.38 -14.37 -31.72
N VAL G 392 -34.48 -15.23 -30.71
CA VAL G 392 -34.22 -16.64 -30.92
C VAL G 392 -35.34 -17.23 -31.77
N ARG G 393 -34.96 -17.95 -32.81
CA ARG G 393 -35.92 -18.46 -33.77
C ARG G 393 -36.36 -19.88 -33.48
N TYR G 394 -35.46 -20.75 -33.08
CA TYR G 394 -35.79 -22.16 -32.88
C TYR G 394 -34.76 -22.75 -31.93
N LEU G 395 -35.05 -23.98 -31.50
CA LEU G 395 -34.11 -24.75 -30.68
C LEU G 395 -34.43 -26.23 -30.95
N LYS G 396 -33.68 -26.82 -31.89
CA LYS G 396 -33.95 -28.18 -32.30
C LYS G 396 -33.28 -29.14 -31.32
N ILE G 397 -34.07 -29.71 -30.42
CA ILE G 397 -33.63 -30.81 -29.58
C ILE G 397 -33.38 -32.02 -30.48
N ILE G 398 -32.15 -32.53 -30.45
CA ILE G 398 -31.81 -33.73 -31.19
C ILE G 398 -31.37 -34.78 -30.19
N GLU G 399 -32.15 -35.85 -30.08
CA GLU G 399 -31.85 -36.95 -29.18
C GLU G 399 -32.01 -38.26 -29.90
N LYS G 400 -31.11 -39.21 -29.61
CA LYS G 400 -31.20 -40.55 -30.19
C LYS G 400 -32.46 -41.28 -29.71
N SER G 401 -32.88 -41.02 -28.47
CA SER G 401 -34.07 -41.66 -27.94
C SER G 401 -35.33 -41.14 -28.63
N GLY G 402 -35.48 -39.82 -28.68
CA GLY G 402 -36.61 -39.23 -29.38
C GLY G 402 -37.75 -38.84 -28.46
N TYR G 403 -37.84 -37.55 -28.15
CA TYR G 403 -38.94 -37.03 -27.34
C TYR G 403 -39.15 -35.56 -27.69
N GLN G 404 -40.22 -35.00 -27.13
CA GLN G 404 -40.54 -33.59 -27.30
C GLN G 404 -40.23 -32.89 -25.98
N ALA G 405 -39.28 -31.98 -26.00
CA ALA G 405 -39.01 -31.11 -24.87
C ALA G 405 -39.75 -29.79 -25.04
N LEU G 406 -39.77 -29.01 -23.97
CA LEU G 406 -40.46 -27.71 -23.96
C LEU G 406 -39.43 -26.62 -23.77
N PRO G 407 -38.97 -25.99 -24.84
CA PRO G 407 -38.01 -24.89 -24.69
C PRO G 407 -38.70 -23.59 -24.35
N TRP G 408 -38.27 -23.01 -23.22
CA TRP G 408 -38.86 -21.79 -22.72
C TRP G 408 -37.80 -20.70 -22.73
N VAL G 409 -38.24 -19.47 -23.01
CA VAL G 409 -37.33 -18.33 -23.06
C VAL G 409 -38.01 -17.19 -22.33
N ARG G 410 -37.20 -16.26 -21.82
CA ARG G 410 -37.72 -14.97 -21.40
C ARG G 410 -36.65 -13.92 -21.64
N TYR G 411 -37.09 -12.70 -21.93
CA TYR G 411 -36.20 -11.63 -22.32
C TYR G 411 -36.17 -10.59 -21.21
N ILE G 412 -34.98 -10.29 -20.71
CA ILE G 412 -34.81 -9.29 -19.67
C ILE G 412 -33.77 -8.29 -20.14
N THR G 413 -34.06 -7.00 -19.99
CA THR G 413 -33.07 -5.97 -20.22
C THR G 413 -32.63 -5.40 -18.88
N GLN G 414 -31.33 -5.49 -18.62
CA GLN G 414 -30.75 -4.92 -17.41
C GLN G 414 -29.76 -3.83 -17.75
N ASN G 415 -29.04 -3.35 -16.75
CA ASN G 415 -27.91 -2.47 -16.98
C ASN G 415 -26.60 -3.24 -16.82
N GLY G 416 -25.55 -2.67 -17.38
CA GLY G 416 -24.21 -3.09 -17.03
C GLY G 416 -23.61 -2.00 -16.18
N ASP G 417 -22.82 -1.13 -16.79
CA ASP G 417 -22.35 0.10 -16.16
C ASP G 417 -23.06 1.25 -16.86
N TYR G 418 -24.29 1.51 -16.45
CA TYR G 418 -25.14 2.50 -17.10
C TYR G 418 -24.88 3.85 -16.42
N GLN G 419 -23.71 4.40 -16.68
CA GLN G 419 -23.28 5.60 -15.99
C GLN G 419 -23.55 6.83 -16.84
N LEU G 420 -23.89 7.92 -16.15
CA LEU G 420 -24.01 9.23 -16.77
C LEU G 420 -23.19 10.19 -15.93
N ARG G 421 -22.17 10.79 -16.52
CA ARG G 421 -21.27 11.67 -15.78
C ARG G 421 -21.98 12.96 -15.39
N THR G 422 -21.45 13.59 -14.35
CA THR G 422 -21.97 14.86 -13.86
C THR G 422 -21.05 15.99 -14.28
N GLN G 423 -21.37 17.20 -13.84
CA GLN G 423 -20.57 18.39 -14.16
C GLN G 423 -19.24 18.38 -13.42
N MET H 1 10.15 19.41 26.63
CA MET H 1 8.88 19.80 26.05
C MET H 1 8.36 18.68 25.15
N ILE H 2 7.37 17.95 25.65
CA ILE H 2 6.79 16.83 24.91
C ILE H 2 6.02 17.37 23.71
N HIS H 3 6.44 16.97 22.51
CA HIS H 3 5.80 17.47 21.30
C HIS H 3 4.44 16.82 21.06
N PHE H 4 4.35 15.50 21.21
CA PHE H 4 3.08 14.82 21.05
C PHE H 4 3.11 13.48 21.78
N ILE H 5 1.92 12.92 21.99
CA ILE H 5 1.75 11.65 22.66
C ILE H 5 0.77 10.81 21.85
N LEU H 6 1.18 9.59 21.50
CA LEU H 6 0.36 8.67 20.72
C LEU H 6 0.10 7.43 21.56
N LEU H 7 -1.15 6.98 21.58
CA LEU H 7 -1.49 5.68 22.17
C LEU H 7 -2.03 4.80 21.08
N PHE H 8 -1.21 3.89 20.57
CA PHE H 8 -1.62 2.97 19.53
C PHE H 8 -1.55 1.54 20.05
N SER H 9 -2.41 0.69 19.51
CA SER H 9 -2.47 -0.70 19.95
C SER H 9 -1.43 -1.52 19.20
N ARG H 10 -1.50 -2.84 19.35
CA ARG H 10 -0.55 -3.71 18.65
C ARG H 10 -0.88 -3.83 17.17
N GLN H 11 -2.17 -3.77 16.83
CA GLN H 11 -2.60 -3.95 15.44
C GLN H 11 -2.28 -2.76 14.55
N GLY H 12 -1.98 -1.60 15.12
CA GLY H 12 -1.77 -0.39 14.36
C GLY H 12 -2.89 0.62 14.49
N LYS H 13 -4.00 0.24 15.12
CA LYS H 13 -5.08 1.17 15.38
C LYS H 13 -4.64 2.24 16.37
N LEU H 14 -5.17 3.45 16.18
CA LEU H 14 -4.81 4.58 17.02
C LEU H 14 -5.89 4.79 18.06
N ARG H 15 -5.53 4.71 19.34
CA ARG H 15 -6.49 4.80 20.42
C ARG H 15 -6.57 6.16 21.07
N LEU H 16 -5.57 7.02 20.84
CA LEU H 16 -5.50 8.36 21.39
C LEU H 16 -4.39 9.11 20.66
N GLN H 17 -4.56 10.42 20.54
CA GLN H 17 -3.49 11.27 20.01
C GLN H 17 -3.66 12.66 20.58
N LYS H 18 -2.54 13.36 20.79
CA LYS H 18 -2.56 14.68 21.41
C LYS H 18 -1.32 15.43 20.93
N TRP H 19 -1.54 16.47 20.15
CA TRP H 19 -0.47 17.20 19.49
C TRP H 19 -0.27 18.54 20.19
N TYR H 20 0.92 18.75 20.75
CA TYR H 20 1.27 20.02 21.35
C TYR H 20 2.01 20.92 20.36
N ILE H 21 2.14 20.48 19.11
CA ILE H 21 2.70 21.29 18.04
C ILE H 21 1.71 21.30 16.87
N THR H 22 1.50 22.48 16.31
CA THR H 22 0.41 22.72 15.37
C THR H 22 0.93 22.54 13.95
N LEU H 23 0.91 21.31 13.48
CA LEU H 23 1.17 20.94 12.10
C LEU H 23 -0.09 20.34 11.49
N PRO H 24 -0.36 20.56 10.20
CA PRO H 24 -1.71 20.31 9.67
C PRO H 24 -2.06 18.82 9.57
N ASP H 25 -3.30 18.58 9.17
CA ASP H 25 -3.95 17.28 9.27
C ASP H 25 -3.30 16.20 8.42
N LYS H 26 -2.93 16.50 7.17
CA LYS H 26 -2.31 15.48 6.33
C LYS H 26 -0.91 15.14 6.81
N GLU H 27 -0.21 16.12 7.38
CA GLU H 27 1.06 15.84 8.03
C GLU H 27 0.88 14.98 9.27
N ARG H 28 -0.25 15.12 9.97
CA ARG H 28 -0.50 14.26 11.12
C ARG H 28 -0.71 12.82 10.70
N LYS H 29 -1.47 12.60 9.62
CA LYS H 29 -1.71 11.25 9.14
C LYS H 29 -0.47 10.65 8.49
N LYS H 30 0.47 11.49 8.04
CA LYS H 30 1.75 10.96 7.60
C LYS H 30 2.63 10.57 8.78
N ILE H 31 2.80 11.47 9.76
CA ILE H 31 3.68 11.23 10.90
C ILE H 31 3.20 10.07 11.73
N THR H 32 1.88 9.97 11.92
CA THR H 32 1.30 8.88 12.70
C THR H 32 1.51 7.53 12.04
N ARG H 33 1.28 7.45 10.73
CA ARG H 33 1.45 6.18 10.02
C ARG H 33 2.92 5.78 9.98
N GLU H 34 3.82 6.75 9.80
CA GLU H 34 5.25 6.42 9.81
C GLU H 34 5.74 5.95 11.18
N ILE H 35 5.27 6.57 12.26
CA ILE H 35 5.75 6.18 13.58
C ILE H 35 5.15 4.85 14.01
N VAL H 36 3.88 4.60 13.67
CA VAL H 36 3.28 3.28 13.93
C VAL H 36 3.97 2.20 13.11
N GLN H 37 4.36 2.51 11.88
CA GLN H 37 5.08 1.53 11.06
C GLN H 37 6.49 1.29 11.59
N ILE H 38 7.12 2.30 12.19
CA ILE H 38 8.44 2.10 12.79
C ILE H 38 8.35 1.22 14.02
N ILE H 39 7.47 1.59 14.97
CA ILE H 39 7.55 0.99 16.31
C ILE H 39 7.04 -0.44 16.31
N LEU H 40 5.98 -0.73 15.54
CA LEU H 40 5.49 -2.10 15.45
C LEU H 40 6.45 -3.04 14.75
N SER H 41 7.36 -2.54 13.92
CA SER H 41 8.39 -3.34 13.27
C SER H 41 9.71 -3.25 14.01
N ARG H 42 9.67 -3.10 15.34
CA ARG H 42 10.86 -2.91 16.14
C ARG H 42 10.85 -3.90 17.29
N GLY H 43 12.02 -4.49 17.57
CA GLY H 43 12.12 -5.58 18.52
C GLY H 43 11.91 -5.16 19.96
N HIS H 44 11.95 -6.16 20.84
CA HIS H 44 11.58 -5.98 22.23
C HIS H 44 12.71 -5.43 23.09
N ARG H 45 13.96 -5.51 22.65
CA ARG H 45 15.10 -5.02 23.41
C ARG H 45 15.84 -3.96 22.62
N THR H 46 15.10 -3.03 22.02
CA THR H 46 15.66 -2.02 21.15
C THR H 46 15.78 -0.67 21.84
N SER H 47 16.08 -0.69 23.14
CA SER H 47 16.52 0.44 23.95
C SER H 47 15.48 1.54 24.16
N SER H 48 14.26 1.40 23.63
CA SER H 48 13.11 2.25 23.95
C SER H 48 13.32 3.74 23.63
N PHE H 49 14.24 4.05 22.71
CA PHE H 49 14.44 5.42 22.25
C PHE H 49 14.73 5.36 20.75
N VAL H 50 14.10 6.24 19.99
CA VAL H 50 14.27 6.28 18.54
C VAL H 50 14.60 7.71 18.14
N ASP H 51 15.76 7.91 17.51
CA ASP H 51 16.15 9.23 17.01
C ASP H 51 15.42 9.49 15.70
N TRP H 52 14.24 10.09 15.80
CA TRP H 52 13.40 10.34 14.63
C TRP H 52 13.25 11.84 14.42
N LYS H 53 13.98 12.37 13.43
CA LYS H 53 13.83 13.70 12.86
C LYS H 53 14.01 14.79 13.93
N GLU H 54 15.22 14.75 14.51
CA GLU H 54 15.65 15.60 15.63
C GLU H 54 14.71 15.53 16.83
N LEU H 55 14.09 14.38 17.07
CA LEU H 55 13.20 14.19 18.21
C LEU H 55 13.51 12.82 18.80
N LYS H 56 14.06 12.78 20.01
CA LYS H 56 14.31 11.51 20.65
C LYS H 56 12.98 10.90 21.09
N LEU H 57 12.42 10.08 20.22
CA LEU H 57 11.10 9.51 20.44
C LEU H 57 11.17 8.44 21.52
N VAL H 58 10.35 8.58 22.55
CA VAL H 58 10.35 7.69 23.69
C VAL H 58 9.09 6.85 23.67
N TYR H 59 9.24 5.53 23.70
CA TYR H 59 8.07 4.67 23.75
C TYR H 59 8.28 3.63 24.83
N LYS H 60 7.17 3.08 25.33
CA LYS H 60 7.21 2.11 26.41
C LYS H 60 5.94 1.27 26.32
N ARG H 61 6.09 0.01 25.96
CA ARG H 61 4.95 -0.90 25.86
C ARG H 61 4.55 -1.40 27.25
N TYR H 62 3.25 -1.41 27.50
CA TYR H 62 2.70 -1.95 28.75
C TYR H 62 1.76 -3.12 28.55
N ALA H 63 1.08 -3.18 27.42
CA ALA H 63 0.15 -4.25 27.11
C ALA H 63 0.13 -4.36 25.59
N SER H 64 -0.97 -4.83 25.03
CA SER H 64 -1.25 -4.58 23.61
C SER H 64 -1.22 -3.08 23.31
N LEU H 65 -1.62 -2.24 24.27
CA LEU H 65 -1.43 -0.81 24.18
C LEU H 65 0.05 -0.44 24.19
N TYR H 66 0.44 0.45 23.28
CA TYR H 66 1.74 1.09 23.35
C TYR H 66 1.60 2.50 23.89
N PHE H 67 2.72 3.18 23.98
CA PHE H 67 2.75 4.61 24.28
C PHE H 67 3.81 5.24 23.40
N CYS H 68 3.83 6.57 23.38
CA CYS H 68 4.81 7.31 22.60
C CYS H 68 4.88 8.71 23.13
N CYS H 69 6.06 9.30 23.04
CA CYS H 69 6.24 10.71 23.32
C CYS H 69 7.23 11.26 22.31
N ALA H 70 7.59 12.52 22.48
CA ALA H 70 8.58 13.16 21.61
C ALA H 70 9.19 14.31 22.40
N ILE H 71 10.36 14.08 22.94
CA ILE H 71 11.05 15.11 23.72
C ILE H 71 11.89 15.94 22.77
N GLU H 72 12.10 17.20 23.13
CA GLU H 72 13.12 18.01 22.49
C GLU H 72 14.50 17.44 22.82
N ASN H 73 15.40 17.47 21.85
CA ASN H 73 16.71 16.84 22.01
C ASN H 73 17.71 17.72 22.76
N GLN H 74 17.30 18.22 23.93
CA GLN H 74 18.20 18.83 24.89
C GLN H 74 17.80 18.50 26.31
N ASP H 75 16.79 17.66 26.52
CA ASP H 75 16.15 17.46 27.80
C ASP H 75 16.40 16.04 28.32
N ASN H 76 15.84 15.74 29.48
CA ASN H 76 15.95 14.42 30.08
C ASN H 76 15.13 13.40 29.28
N GLU H 77 15.54 12.15 29.35
CA GLU H 77 14.98 11.09 28.52
C GLU H 77 14.28 10.01 29.31
N LEU H 78 14.87 9.54 30.41
CA LEU H 78 14.28 8.48 31.21
C LEU H 78 13.08 8.99 32.00
N LEU H 79 13.11 10.27 32.38
CA LEU H 79 11.97 10.89 33.03
C LEU H 79 10.75 10.94 32.11
N THR H 80 10.95 10.95 30.79
CA THR H 80 9.82 10.86 29.88
C THR H 80 9.14 9.50 30.01
N LEU H 81 9.93 8.44 30.15
CA LEU H 81 9.35 7.12 30.42
C LEU H 81 8.70 7.08 31.79
N GLU H 82 9.23 7.84 32.76
CA GLU H 82 8.58 7.93 34.06
C GLU H 82 7.26 8.69 33.98
N ILE H 83 7.18 9.71 33.10
CA ILE H 83 5.94 10.42 32.82
C ILE H 83 4.90 9.46 32.25
N VAL H 84 5.35 8.60 31.33
CA VAL H 84 4.46 7.57 30.75
C VAL H 84 3.96 6.62 31.84
N HIS H 85 4.85 6.20 32.75
CA HIS H 85 4.43 5.31 33.83
C HIS H 85 3.47 6.00 34.79
N ARG H 86 3.72 7.28 35.11
CA ARG H 86 2.81 8.04 35.94
C ARG H 86 1.44 8.19 35.29
N TYR H 87 1.42 8.37 33.97
CA TYR H 87 0.16 8.46 33.25
C TYR H 87 -0.60 7.14 33.29
N VAL H 88 0.11 6.02 33.20
CA VAL H 88 -0.53 4.71 33.34
C VAL H 88 -1.10 4.54 34.74
N GLU H 89 -0.37 4.99 35.77
CA GLU H 89 -0.88 4.88 37.13
C GLU H 89 -2.08 5.79 37.38
N LEU H 90 -2.11 6.95 36.72
CA LEU H 90 -3.27 7.83 36.86
C LEU H 90 -4.50 7.22 36.18
N LEU H 91 -4.31 6.65 34.98
CA LEU H 91 -5.37 5.91 34.32
C LEU H 91 -5.85 4.73 35.15
N ASP H 92 -4.95 4.08 35.87
CA ASP H 92 -5.35 2.96 36.73
C ASP H 92 -6.12 3.43 37.94
N LYS H 93 -5.68 4.51 38.59
CA LYS H 93 -6.33 4.94 39.81
C LYS H 93 -7.67 5.60 39.54
N TYR H 94 -7.85 6.25 38.39
CA TYR H 94 -9.16 6.80 38.08
C TYR H 94 -10.14 5.70 37.67
N PHE H 95 -9.73 4.81 36.77
CA PHE H 95 -10.64 3.76 36.31
C PHE H 95 -10.79 2.66 37.35
N GLY H 96 -9.69 2.09 37.80
CA GLY H 96 -9.76 0.96 38.71
C GLY H 96 -9.64 -0.34 37.94
N ASN H 97 -8.49 -0.99 38.06
CA ASN H 97 -8.09 -2.17 37.28
C ASN H 97 -8.25 -1.88 35.78
N VAL H 98 -7.39 -0.95 35.34
CA VAL H 98 -7.48 -0.38 34.00
C VAL H 98 -7.27 -1.45 32.94
N CYS H 99 -8.04 -1.35 31.86
CA CYS H 99 -8.00 -2.33 30.79
C CYS H 99 -7.74 -1.65 29.46
N GLU H 100 -7.56 -2.43 28.40
CA GLU H 100 -7.54 -1.86 27.06
C GLU H 100 -8.91 -1.31 26.69
N LEU H 101 -9.97 -2.03 27.07
CA LEU H 101 -11.33 -1.59 26.74
C LEU H 101 -11.73 -0.38 27.56
N ASP H 102 -11.10 -0.18 28.71
CA ASP H 102 -11.36 1.02 29.50
C ASP H 102 -10.79 2.28 28.85
N ILE H 103 -9.80 2.15 27.98
CA ILE H 103 -9.30 3.30 27.24
C ILE H 103 -10.01 3.44 25.89
N ILE H 104 -10.42 2.33 25.28
CA ILE H 104 -11.12 2.39 24.00
C ILE H 104 -12.50 3.01 24.17
N PHE H 105 -13.26 2.53 25.15
CA PHE H 105 -14.59 3.07 25.40
C PHE H 105 -14.56 4.47 26.00
N ASN H 106 -13.71 4.69 26.99
CA ASN H 106 -13.73 5.92 27.77
C ASN H 106 -12.59 6.85 27.41
N PHE H 107 -12.30 6.99 26.10
CA PHE H 107 -11.14 7.76 25.66
C PHE H 107 -11.28 9.24 26.00
N GLU H 108 -12.52 9.74 26.06
CA GLU H 108 -12.74 11.14 26.43
C GLU H 108 -12.29 11.41 27.85
N LYS H 109 -12.42 10.43 28.74
CA LYS H 109 -11.90 10.59 30.09
C LYS H 109 -10.40 10.38 30.14
N ALA H 110 -9.85 9.62 29.20
CA ALA H 110 -8.40 9.51 29.10
C ALA H 110 -7.78 10.84 28.70
N TYR H 111 -8.45 11.57 27.80
CA TYR H 111 -8.03 12.94 27.51
C TYR H 111 -8.14 13.85 28.73
N PHE H 112 -9.13 13.62 29.59
CA PHE H 112 -9.32 14.50 30.73
C PHE H 112 -8.26 14.23 31.78
N ILE H 113 -7.87 12.97 31.94
CA ILE H 113 -6.74 12.63 32.82
C ILE H 113 -5.45 13.23 32.27
N LEU H 114 -5.26 13.14 30.96
CA LEU H 114 -4.07 13.70 30.33
C LEU H 114 -4.00 15.21 30.47
N ASP H 115 -5.13 15.88 30.34
CA ASP H 115 -5.18 17.34 30.49
C ASP H 115 -5.29 17.79 31.93
N GLU H 116 -5.51 16.88 32.86
CA GLU H 116 -5.25 17.16 34.27
C GLU H 116 -3.85 16.74 34.67
N PHE H 117 -3.07 16.19 33.74
CA PHE H 117 -1.69 15.84 34.04
C PHE H 117 -0.68 16.56 33.15
N ILE H 118 -0.90 16.61 31.84
CA ILE H 118 0.03 17.29 30.93
C ILE H 118 -0.74 18.35 30.17
N ILE H 119 -0.33 19.61 30.33
CA ILE H 119 -0.83 20.70 29.49
C ILE H 119 0.37 21.48 28.98
N GLY H 120 0.30 21.89 27.71
CA GLY H 120 1.37 22.67 27.12
C GLY H 120 2.64 21.92 26.84
N GLY H 121 2.67 20.60 27.05
CA GLY H 121 3.86 19.82 26.84
C GLY H 121 4.49 19.32 28.12
N GLU H 122 4.47 20.13 29.17
CA GLU H 122 5.15 19.81 30.41
C GLU H 122 4.18 19.23 31.44
N ILE H 123 4.74 18.85 32.59
CA ILE H 123 3.97 18.27 33.67
C ILE H 123 3.42 19.39 34.55
N GLN H 124 2.13 19.37 34.83
CA GLN H 124 1.58 20.38 35.73
C GLN H 124 1.38 19.88 37.15
N GLU H 125 1.21 18.58 37.37
CA GLU H 125 0.99 18.07 38.72
C GLU H 125 1.94 16.90 38.98
N THR H 126 2.97 17.16 39.78
CA THR H 126 3.96 16.15 40.11
C THR H 126 3.42 15.07 41.04
N SER H 127 2.42 15.39 41.86
CA SER H 127 1.83 14.38 42.72
C SER H 127 0.92 13.46 41.91
N LYS H 128 0.62 12.30 42.47
CA LYS H 128 -0.33 11.38 41.88
C LYS H 128 -1.61 11.26 42.67
N LYS H 129 -1.75 12.00 43.77
CA LYS H 129 -2.99 12.05 44.53
C LYS H 129 -3.77 13.32 44.26
N ILE H 130 -3.06 14.43 44.02
CA ILE H 130 -3.71 15.71 43.78
C ILE H 130 -4.35 15.74 42.41
N ALA H 131 -3.76 15.07 41.41
CA ALA H 131 -4.33 15.06 40.06
C ALA H 131 -5.61 14.22 40.01
N VAL H 132 -5.60 13.04 40.64
CA VAL H 132 -6.81 12.24 40.66
C VAL H 132 -7.86 12.89 41.57
N LYS H 133 -7.43 13.59 42.62
CA LYS H 133 -8.38 14.34 43.45
C LYS H 133 -9.01 15.48 42.66
N ALA H 134 -8.23 16.13 41.80
CA ALA H 134 -8.74 17.22 40.99
C ALA H 134 -9.72 16.70 39.94
N ILE H 135 -9.43 15.55 39.32
CA ILE H 135 -10.36 15.08 38.31
C ILE H 135 -11.61 14.46 38.97
N GLU H 136 -11.49 13.90 40.16
CA GLU H 136 -12.68 13.44 40.88
C GLU H 136 -13.51 14.59 41.40
N ASP H 137 -12.90 15.73 41.73
CA ASP H 137 -13.67 16.91 42.06
C ASP H 137 -14.32 17.54 40.84
N SER H 138 -13.65 17.51 39.69
CA SER H 138 -14.24 18.07 38.49
C SER H 138 -15.36 17.20 37.94
N ASP H 139 -15.30 15.89 38.15
CA ASP H 139 -16.44 15.02 37.84
C ASP H 139 -17.50 15.09 38.93
N MET H 140 -17.10 15.40 40.17
CA MET H 140 -18.05 15.64 41.25
C MET H 140 -18.90 16.87 41.00
N LEU H 141 -18.42 17.81 40.19
CA LEU H 141 -19.25 18.93 39.79
C LEU H 141 -20.24 18.51 38.71
N GLN H 142 -19.95 17.41 38.00
CA GLN H 142 -20.60 16.91 36.77
C GLN H 142 -21.14 17.99 35.82
PG GTP I . 12.19 -57.12 0.99
O1G GTP I . 11.00 -56.83 0.11
O2G GTP I . 13.45 -56.53 0.42
O3G GTP I . 11.94 -56.59 2.38
O3B GTP I . 12.39 -58.71 1.08
PB GTP I . 11.08 -59.61 1.24
O1B GTP I . 9.97 -58.85 1.92
O2B GTP I . 11.43 -60.87 1.97
O3A GTP I . 10.68 -59.94 -0.29
PA GTP I . 9.75 -61.22 -0.58
O1A GTP I . 8.96 -61.56 0.65
O2A GTP I . 8.84 -60.97 -1.76
O5' GTP I . 10.74 -62.43 -0.96
C5' GTP I . 12.12 -62.20 -1.10
C4' GTP I . 12.65 -62.96 -2.32
O4' GTP I . 13.13 -64.20 -1.88
C3' GTP I . 11.55 -63.24 -3.33
O3' GTP I . 11.61 -62.31 -4.38
C2' GTP I . 11.89 -64.63 -3.85
O2' GTP I . 12.55 -64.54 -5.08
C1' GTP I . 12.81 -65.23 -2.81
N9 GTP I . 12.08 -66.28 -2.07
C8 GTP I . 11.26 -66.09 -1.00
N7 GTP I . 10.79 -67.29 -0.60
C5 GTP I . 11.30 -68.25 -1.42
C6 GTP I . 11.13 -69.62 -1.46
O6 GTP I . 10.41 -70.20 -0.64
N1 GTP I . 11.79 -70.35 -2.43
C2 GTP I . 12.60 -69.72 -3.34
N2 GTP I . 13.23 -70.43 -4.28
N3 GTP I . 12.76 -68.35 -3.29
C4 GTP I . 12.11 -67.62 -2.35
MG MG J . 9.22 -57.14 0.76
PG GTP K . -16.97 45.23 19.27
O1G GTP K . -18.10 45.25 18.28
O2G GTP K . -17.12 44.07 20.22
O3G GTP K . -15.65 45.14 18.53
O3B GTP K . -16.97 46.58 20.11
PB GTP K . -18.31 46.94 20.91
O1B GTP K . -19.25 45.76 20.93
O2B GTP K . -18.94 48.14 20.25
O3A GTP K . -17.83 47.26 22.40
PA GTP K . -18.79 48.10 23.39
O1A GTP K . -20.14 47.46 23.40
O2A GTP K . -18.19 48.13 24.78
O5' GTP K . -18.91 49.58 22.77
C5' GTP K . -17.78 50.38 22.53
C4' GTP K . -17.93 51.69 23.30
O4' GTP K . -19.04 52.40 22.81
C3' GTP K . -18.19 51.45 24.78
O3' GTP K . -17.02 51.69 25.52
C2' GTP K . -19.27 52.45 25.16
O2' GTP K . -18.75 53.42 26.03
C1' GTP K . -19.69 53.09 23.86
N9 GTP K . -21.15 52.99 23.70
C8 GTP K . -21.88 51.84 23.59
N7 GTP K . -23.19 52.18 23.45
C5 GTP K . -23.29 53.53 23.46
C6 GTP K . -24.36 54.40 23.36
O6 GTP K . -25.51 53.97 23.22
N1 GTP K . -24.15 55.76 23.40
C2 GTP K . -22.88 56.25 23.56
N2 GTP K . -22.67 57.56 23.60
N3 GTP K . -21.81 55.38 23.66
C4 GTP K . -22.01 54.05 23.62
MG MG L . -18.29 43.95 21.74
#